data_2Q5X
# 
_entry.id   2Q5X 
# 
_audit_conform.dict_name       mmcif_pdbx.dic 
_audit_conform.dict_version    5.387 
_audit_conform.dict_location   http://mmcif.pdb.org/dictionaries/ascii/mmcif_pdbx.dic 
# 
loop_
_database_2.database_id 
_database_2.database_code 
_database_2.pdbx_database_accession 
_database_2.pdbx_DOI 
PDB   2Q5X         pdb_00002q5x 10.2210/pdb2q5x/pdb 
RCSB  RCSB043189   ?            ?                   
WWPDB D_1000043189 ?            ?                   
# 
loop_
_pdbx_audit_revision_history.ordinal 
_pdbx_audit_revision_history.data_content_type 
_pdbx_audit_revision_history.major_revision 
_pdbx_audit_revision_history.minor_revision 
_pdbx_audit_revision_history.revision_date 
1 'Structure model' 1 0 2008-10-14 
2 'Structure model' 1 1 2011-07-13 
3 'Structure model' 1 2 2017-10-18 
4 'Structure model' 1 3 2021-10-20 
5 'Structure model' 1 4 2024-02-21 
# 
_pdbx_audit_revision_details.ordinal             1 
_pdbx_audit_revision_details.revision_ordinal    1 
_pdbx_audit_revision_details.data_content_type   'Structure model' 
_pdbx_audit_revision_details.provider            repository 
_pdbx_audit_revision_details.type                'Initial release' 
_pdbx_audit_revision_details.description         ? 
_pdbx_audit_revision_details.details             ? 
# 
loop_
_pdbx_audit_revision_group.ordinal 
_pdbx_audit_revision_group.revision_ordinal 
_pdbx_audit_revision_group.data_content_type 
_pdbx_audit_revision_group.group 
1 2 'Structure model' 'Version format compliance' 
2 3 'Structure model' Advisory                    
3 3 'Structure model' 'Refinement description'    
4 4 'Structure model' Advisory                    
5 4 'Structure model' 'Database references'       
6 5 'Structure model' 'Data collection'           
# 
loop_
_pdbx_audit_revision_category.ordinal 
_pdbx_audit_revision_category.revision_ordinal 
_pdbx_audit_revision_category.data_content_type 
_pdbx_audit_revision_category.category 
1 3 'Structure model' pdbx_unobs_or_zero_occ_atoms 
2 3 'Structure model' software                     
3 4 'Structure model' database_2                   
4 4 'Structure model' pdbx_unobs_or_zero_occ_atoms 
5 4 'Structure model' struct_ref_seq_dif           
6 5 'Structure model' chem_comp_atom               
7 5 'Structure model' chem_comp_bond               
# 
loop_
_pdbx_audit_revision_item.ordinal 
_pdbx_audit_revision_item.revision_ordinal 
_pdbx_audit_revision_item.data_content_type 
_pdbx_audit_revision_item.item 
1 4 'Structure model' '_database_2.pdbx_DOI'                
2 4 'Structure model' '_database_2.pdbx_database_accession' 
3 4 'Structure model' '_struct_ref_seq_dif.details'         
# 
_pdbx_database_status.entry_id                        2Q5X 
_pdbx_database_status.deposit_site                    RCSB 
_pdbx_database_status.process_site                    RCSB 
_pdbx_database_status.recvd_initial_deposition_date   2007-06-03 
_pdbx_database_status.status_code                     REL 
_pdbx_database_status.status_code_sf                  REL 
_pdbx_database_status.status_code_mr                  ? 
_pdbx_database_status.SG_entry                        ? 
_pdbx_database_status.pdb_format_compatible           Y 
_pdbx_database_status.status_code_cs                  ? 
_pdbx_database_status.methods_development_category    ? 
_pdbx_database_status.status_code_nmr_data            ? 
# 
loop_
_audit_author.name 
_audit_author.pdbx_ordinal 
'Sun, Y.'   1 
'Guo, H.C.' 2 
# 
_citation.id                        primary 
_citation.title                     'Structural constraints on autoprocessing of the human nucleoporin Nup98.' 
_citation.journal_abbrev            'Protein Sci.' 
_citation.journal_volume            17 
_citation.page_first                494 
_citation.page_last                 505 
_citation.year                      2008 
_citation.journal_id_ASTM           PRCIEI 
_citation.country                   US 
_citation.journal_id_ISSN           0961-8368 
_citation.journal_id_CSD            0795 
_citation.book_publisher            ? 
_citation.pdbx_database_id_PubMed   18287282 
_citation.pdbx_database_id_DOI      10.1110/ps.073311808 
# 
loop_
_citation_author.citation_id 
_citation_author.name 
_citation_author.ordinal 
_citation_author.identifier_ORCID 
primary 'Sun, Y.'   1 ? 
primary 'Guo, H.C.' 2 ? 
# 
loop_
_entity.id 
_entity.type 
_entity.src_method 
_entity.pdbx_description 
_entity.formula_weight 
_entity.pdbx_number_of_molecules 
_entity.pdbx_ec 
_entity.pdbx_mutation 
_entity.pdbx_fragment 
_entity.details 
1 polymer man 'Nuclear pore complex protein Nup98' 17543.842 1  ? S881A 'C-terminal domain, residues 733-887' ? 
2 water   nat water                                18.015    97 ? ?     ?                                     ? 
# 
_entity_name_com.entity_id   1 
_entity_name_com.name        'Nucleoporin Nup98, 98 kDa nucleoporin' 
# 
_entity_poly.entity_id                      1 
_entity_poly.type                           'polypeptide(L)' 
_entity_poly.nstd_linkage                   no 
_entity_poly.nstd_monomer                   no 
_entity_poly.pdbx_seq_one_letter_code       
;GIILTKVGYYTIPSMDDLAKITNEKGECIVSDFTIGRKGYGSIYFEGDVNLTNLNLDDIVHIRRKEVVVYLDDNQKPPVG
EGLNRKAEVTLDGVWPTDKTSRCLIKSPDRLADINYEGRLEAVSRKQGAQFKEYRPETGSWVFKVSHFAKYGLQD
;
_entity_poly.pdbx_seq_one_letter_code_can   
;GIILTKVGYYTIPSMDDLAKITNEKGECIVSDFTIGRKGYGSIYFEGDVNLTNLNLDDIVHIRRKEVVVYLDDNQKPPVG
EGLNRKAEVTLDGVWPTDKTSRCLIKSPDRLADINYEGRLEAVSRKQGAQFKEYRPETGSWVFKVSHFAKYGLQD
;
_entity_poly.pdbx_strand_id                 A 
_entity_poly.pdbx_target_identifier         ? 
# 
_pdbx_entity_nonpoly.entity_id   2 
_pdbx_entity_nonpoly.name        water 
_pdbx_entity_nonpoly.comp_id     HOH 
# 
loop_
_entity_poly_seq.entity_id 
_entity_poly_seq.num 
_entity_poly_seq.mon_id 
_entity_poly_seq.hetero 
1 1   GLY n 
1 2   ILE n 
1 3   ILE n 
1 4   LEU n 
1 5   THR n 
1 6   LYS n 
1 7   VAL n 
1 8   GLY n 
1 9   TYR n 
1 10  TYR n 
1 11  THR n 
1 12  ILE n 
1 13  PRO n 
1 14  SER n 
1 15  MET n 
1 16  ASP n 
1 17  ASP n 
1 18  LEU n 
1 19  ALA n 
1 20  LYS n 
1 21  ILE n 
1 22  THR n 
1 23  ASN n 
1 24  GLU n 
1 25  LYS n 
1 26  GLY n 
1 27  GLU n 
1 28  CYS n 
1 29  ILE n 
1 30  VAL n 
1 31  SER n 
1 32  ASP n 
1 33  PHE n 
1 34  THR n 
1 35  ILE n 
1 36  GLY n 
1 37  ARG n 
1 38  LYS n 
1 39  GLY n 
1 40  TYR n 
1 41  GLY n 
1 42  SER n 
1 43  ILE n 
1 44  TYR n 
1 45  PHE n 
1 46  GLU n 
1 47  GLY n 
1 48  ASP n 
1 49  VAL n 
1 50  ASN n 
1 51  LEU n 
1 52  THR n 
1 53  ASN n 
1 54  LEU n 
1 55  ASN n 
1 56  LEU n 
1 57  ASP n 
1 58  ASP n 
1 59  ILE n 
1 60  VAL n 
1 61  HIS n 
1 62  ILE n 
1 63  ARG n 
1 64  ARG n 
1 65  LYS n 
1 66  GLU n 
1 67  VAL n 
1 68  VAL n 
1 69  VAL n 
1 70  TYR n 
1 71  LEU n 
1 72  ASP n 
1 73  ASP n 
1 74  ASN n 
1 75  GLN n 
1 76  LYS n 
1 77  PRO n 
1 78  PRO n 
1 79  VAL n 
1 80  GLY n 
1 81  GLU n 
1 82  GLY n 
1 83  LEU n 
1 84  ASN n 
1 85  ARG n 
1 86  LYS n 
1 87  ALA n 
1 88  GLU n 
1 89  VAL n 
1 90  THR n 
1 91  LEU n 
1 92  ASP n 
1 93  GLY n 
1 94  VAL n 
1 95  TRP n 
1 96  PRO n 
1 97  THR n 
1 98  ASP n 
1 99  LYS n 
1 100 THR n 
1 101 SER n 
1 102 ARG n 
1 103 CYS n 
1 104 LEU n 
1 105 ILE n 
1 106 LYS n 
1 107 SER n 
1 108 PRO n 
1 109 ASP n 
1 110 ARG n 
1 111 LEU n 
1 112 ALA n 
1 113 ASP n 
1 114 ILE n 
1 115 ASN n 
1 116 TYR n 
1 117 GLU n 
1 118 GLY n 
1 119 ARG n 
1 120 LEU n 
1 121 GLU n 
1 122 ALA n 
1 123 VAL n 
1 124 SER n 
1 125 ARG n 
1 126 LYS n 
1 127 GLN n 
1 128 GLY n 
1 129 ALA n 
1 130 GLN n 
1 131 PHE n 
1 132 LYS n 
1 133 GLU n 
1 134 TYR n 
1 135 ARG n 
1 136 PRO n 
1 137 GLU n 
1 138 THR n 
1 139 GLY n 
1 140 SER n 
1 141 TRP n 
1 142 VAL n 
1 143 PHE n 
1 144 LYS n 
1 145 VAL n 
1 146 SER n 
1 147 HIS n 
1 148 PHE n 
1 149 ALA n 
1 150 LYS n 
1 151 TYR n 
1 152 GLY n 
1 153 LEU n 
1 154 GLN n 
1 155 ASP n 
# 
_entity_src_gen.entity_id                          1 
_entity_src_gen.pdbx_src_id                        1 
_entity_src_gen.pdbx_alt_source_flag               sample 
_entity_src_gen.pdbx_seq_type                      ? 
_entity_src_gen.pdbx_beg_seq_num                   ? 
_entity_src_gen.pdbx_end_seq_num                   ? 
_entity_src_gen.gene_src_common_name               human 
_entity_src_gen.gene_src_genus                     ? 
_entity_src_gen.pdbx_gene_src_gene                 NUP98 
_entity_src_gen.gene_src_species                   ? 
_entity_src_gen.gene_src_strain                    ? 
_entity_src_gen.gene_src_tissue                    ? 
_entity_src_gen.gene_src_tissue_fraction           ? 
_entity_src_gen.gene_src_details                   'Truncated 716-870, mutation S864A' 
_entity_src_gen.pdbx_gene_src_fragment             ? 
_entity_src_gen.pdbx_gene_src_scientific_name      'Homo sapiens' 
_entity_src_gen.pdbx_gene_src_ncbi_taxonomy_id     ? 
_entity_src_gen.pdbx_gene_src_variant              ? 
_entity_src_gen.pdbx_gene_src_cell_line            ? 
_entity_src_gen.pdbx_gene_src_atcc                 ? 
_entity_src_gen.pdbx_gene_src_organ                ? 
_entity_src_gen.pdbx_gene_src_organelle            ? 
_entity_src_gen.pdbx_gene_src_cell                 ? 
_entity_src_gen.pdbx_gene_src_cellular_location    ? 
_entity_src_gen.host_org_common_name               ? 
_entity_src_gen.pdbx_host_org_scientific_name      'Escherichia coli' 
_entity_src_gen.pdbx_host_org_ncbi_taxonomy_id     ? 
_entity_src_gen.host_org_genus                     ? 
_entity_src_gen.pdbx_host_org_gene                 ? 
_entity_src_gen.pdbx_host_org_organ                ? 
_entity_src_gen.host_org_species                   ? 
_entity_src_gen.pdbx_host_org_tissue               ? 
_entity_src_gen.pdbx_host_org_tissue_fraction      ? 
_entity_src_gen.pdbx_host_org_strain               'BL21(DE3)' 
_entity_src_gen.pdbx_host_org_variant              ? 
_entity_src_gen.pdbx_host_org_cell_line            ? 
_entity_src_gen.pdbx_host_org_atcc                 ? 
_entity_src_gen.pdbx_host_org_culture_collection   ? 
_entity_src_gen.pdbx_host_org_cell                 ? 
_entity_src_gen.pdbx_host_org_organelle            ? 
_entity_src_gen.pdbx_host_org_cellular_location    ? 
_entity_src_gen.pdbx_host_org_vector_type          plasmid 
_entity_src_gen.pdbx_host_org_vector               ? 
_entity_src_gen.host_org_details                   ? 
_entity_src_gen.expression_system_id               ? 
_entity_src_gen.plasmid_name                       pET-21a 
_entity_src_gen.plasmid_details                    ? 
_entity_src_gen.pdbx_description                   ? 
# 
loop_
_chem_comp.id 
_chem_comp.type 
_chem_comp.mon_nstd_flag 
_chem_comp.name 
_chem_comp.pdbx_synonyms 
_chem_comp.formula 
_chem_comp.formula_weight 
ALA 'L-peptide linking' y ALANINE         ? 'C3 H7 N O2'     89.093  
ARG 'L-peptide linking' y ARGININE        ? 'C6 H15 N4 O2 1' 175.209 
ASN 'L-peptide linking' y ASPARAGINE      ? 'C4 H8 N2 O3'    132.118 
ASP 'L-peptide linking' y 'ASPARTIC ACID' ? 'C4 H7 N O4'     133.103 
CYS 'L-peptide linking' y CYSTEINE        ? 'C3 H7 N O2 S'   121.158 
GLN 'L-peptide linking' y GLUTAMINE       ? 'C5 H10 N2 O3'   146.144 
GLU 'L-peptide linking' y 'GLUTAMIC ACID' ? 'C5 H9 N O4'     147.129 
GLY 'peptide linking'   y GLYCINE         ? 'C2 H5 N O2'     75.067  
HIS 'L-peptide linking' y HISTIDINE       ? 'C6 H10 N3 O2 1' 156.162 
HOH non-polymer         . WATER           ? 'H2 O'           18.015  
ILE 'L-peptide linking' y ISOLEUCINE      ? 'C6 H13 N O2'    131.173 
LEU 'L-peptide linking' y LEUCINE         ? 'C6 H13 N O2'    131.173 
LYS 'L-peptide linking' y LYSINE          ? 'C6 H15 N2 O2 1' 147.195 
MET 'L-peptide linking' y METHIONINE      ? 'C5 H11 N O2 S'  149.211 
PHE 'L-peptide linking' y PHENYLALANINE   ? 'C9 H11 N O2'    165.189 
PRO 'L-peptide linking' y PROLINE         ? 'C5 H9 N O2'     115.130 
SER 'L-peptide linking' y SERINE          ? 'C3 H7 N O3'     105.093 
THR 'L-peptide linking' y THREONINE       ? 'C4 H9 N O3'     119.119 
TRP 'L-peptide linking' y TRYPTOPHAN      ? 'C11 H12 N2 O2'  204.225 
TYR 'L-peptide linking' y TYROSINE        ? 'C9 H11 N O3'    181.189 
VAL 'L-peptide linking' y VALINE          ? 'C5 H11 N O2'    117.146 
# 
loop_
_pdbx_poly_seq_scheme.asym_id 
_pdbx_poly_seq_scheme.entity_id 
_pdbx_poly_seq_scheme.seq_id 
_pdbx_poly_seq_scheme.mon_id 
_pdbx_poly_seq_scheme.ndb_seq_num 
_pdbx_poly_seq_scheme.pdb_seq_num 
_pdbx_poly_seq_scheme.auth_seq_num 
_pdbx_poly_seq_scheme.pdb_mon_id 
_pdbx_poly_seq_scheme.auth_mon_id 
_pdbx_poly_seq_scheme.pdb_strand_id 
_pdbx_poly_seq_scheme.pdb_ins_code 
_pdbx_poly_seq_scheme.hetero 
A 1 1   GLY 1   716 716 GLY GLY A . n 
A 1 2   ILE 2   717 717 ILE ILE A . n 
A 1 3   ILE 3   718 718 ILE ILE A . n 
A 1 4   LEU 4   719 719 LEU LEU A . n 
A 1 5   THR 5   720 720 THR THR A . n 
A 1 6   LYS 6   721 721 LYS LYS A . n 
A 1 7   VAL 7   722 722 VAL VAL A . n 
A 1 8   GLY 8   723 723 GLY GLY A . n 
A 1 9   TYR 9   724 724 TYR TYR A . n 
A 1 10  TYR 10  725 725 TYR TYR A . n 
A 1 11  THR 11  726 726 THR THR A . n 
A 1 12  ILE 12  727 727 ILE ILE A . n 
A 1 13  PRO 13  728 728 PRO PRO A . n 
A 1 14  SER 14  729 729 SER SER A . n 
A 1 15  MET 15  730 730 MET MET A . n 
A 1 16  ASP 16  731 731 ASP ASP A . n 
A 1 17  ASP 17  732 732 ASP ASP A . n 
A 1 18  LEU 18  733 733 LEU LEU A . n 
A 1 19  ALA 19  734 734 ALA ALA A . n 
A 1 20  LYS 20  735 735 LYS LYS A . n 
A 1 21  ILE 21  736 736 ILE ILE A . n 
A 1 22  THR 22  737 737 THR THR A . n 
A 1 23  ASN 23  738 738 ASN ASN A . n 
A 1 24  GLU 24  739 739 GLU GLU A . n 
A 1 25  LYS 25  740 740 LYS LYS A . n 
A 1 26  GLY 26  741 741 GLY GLY A . n 
A 1 27  GLU 27  742 742 GLU GLU A . n 
A 1 28  CYS 28  743 743 CYS CYS A . n 
A 1 29  ILE 29  744 744 ILE ILE A . n 
A 1 30  VAL 30  745 745 VAL VAL A . n 
A 1 31  SER 31  746 746 SER SER A . n 
A 1 32  ASP 32  747 747 ASP ASP A . n 
A 1 33  PHE 33  748 748 PHE PHE A . n 
A 1 34  THR 34  749 749 THR THR A . n 
A 1 35  ILE 35  750 750 ILE ILE A . n 
A 1 36  GLY 36  751 751 GLY GLY A . n 
A 1 37  ARG 37  752 752 ARG ARG A . n 
A 1 38  LYS 38  753 753 LYS LYS A . n 
A 1 39  GLY 39  754 754 GLY GLY A . n 
A 1 40  TYR 40  755 755 TYR TYR A . n 
A 1 41  GLY 41  756 756 GLY GLY A . n 
A 1 42  SER 42  757 757 SER SER A . n 
A 1 43  ILE 43  758 758 ILE ILE A . n 
A 1 44  TYR 44  759 759 TYR TYR A . n 
A 1 45  PHE 45  760 760 PHE PHE A . n 
A 1 46  GLU 46  761 761 GLU GLU A . n 
A 1 47  GLY 47  762 762 GLY GLY A . n 
A 1 48  ASP 48  763 763 ASP ASP A . n 
A 1 49  VAL 49  764 764 VAL VAL A . n 
A 1 50  ASN 50  765 765 ASN ASN A . n 
A 1 51  LEU 51  766 766 LEU LEU A . n 
A 1 52  THR 52  767 767 THR THR A . n 
A 1 53  ASN 53  768 768 ASN ASN A . n 
A 1 54  LEU 54  769 769 LEU LEU A . n 
A 1 55  ASN 55  770 770 ASN ASN A . n 
A 1 56  LEU 56  771 771 LEU LEU A . n 
A 1 57  ASP 57  772 772 ASP ASP A . n 
A 1 58  ASP 58  773 773 ASP ASP A . n 
A 1 59  ILE 59  774 774 ILE ILE A . n 
A 1 60  VAL 60  775 775 VAL VAL A . n 
A 1 61  HIS 61  776 776 HIS HIS A . n 
A 1 62  ILE 62  777 777 ILE ILE A . n 
A 1 63  ARG 63  778 778 ARG ARG A . n 
A 1 64  ARG 64  779 779 ARG ARG A . n 
A 1 65  LYS 65  780 780 LYS LYS A . n 
A 1 66  GLU 66  781 781 GLU GLU A . n 
A 1 67  VAL 67  782 782 VAL VAL A . n 
A 1 68  VAL 68  783 783 VAL VAL A . n 
A 1 69  VAL 69  784 784 VAL VAL A . n 
A 1 70  TYR 70  785 785 TYR TYR A . n 
A 1 71  LEU 71  786 786 LEU LEU A . n 
A 1 72  ASP 72  787 ?   ?   ?   A . n 
A 1 73  ASP 73  788 ?   ?   ?   A . n 
A 1 74  ASN 74  789 ?   ?   ?   A . n 
A 1 75  GLN 75  790 ?   ?   ?   A . n 
A 1 76  LYS 76  791 791 LYS LYS A . n 
A 1 77  PRO 77  792 792 PRO PRO A . n 
A 1 78  PRO 78  793 793 PRO PRO A . n 
A 1 79  VAL 79  794 794 VAL VAL A . n 
A 1 80  GLY 80  795 795 GLY GLY A . n 
A 1 81  GLU 81  796 796 GLU GLU A . n 
A 1 82  GLY 82  797 797 GLY GLY A . n 
A 1 83  LEU 83  798 798 LEU LEU A . n 
A 1 84  ASN 84  799 799 ASN ASN A . n 
A 1 85  ARG 85  800 800 ARG ARG A . n 
A 1 86  LYS 86  801 801 LYS LYS A . n 
A 1 87  ALA 87  802 802 ALA ALA A . n 
A 1 88  GLU 88  803 803 GLU GLU A . n 
A 1 89  VAL 89  804 804 VAL VAL A . n 
A 1 90  THR 90  805 805 THR THR A . n 
A 1 91  LEU 91  806 806 LEU LEU A . n 
A 1 92  ASP 92  807 807 ASP ASP A . n 
A 1 93  GLY 93  808 808 GLY GLY A . n 
A 1 94  VAL 94  809 809 VAL VAL A . n 
A 1 95  TRP 95  810 810 TRP TRP A . n 
A 1 96  PRO 96  811 811 PRO PRO A . n 
A 1 97  THR 97  812 812 THR THR A . n 
A 1 98  ASP 98  813 813 ASP ASP A . n 
A 1 99  LYS 99  814 814 LYS LYS A . n 
A 1 100 THR 100 815 815 THR THR A . n 
A 1 101 SER 101 816 816 SER SER A . n 
A 1 102 ARG 102 817 817 ARG ARG A . n 
A 1 103 CYS 103 818 818 CYS CYS A . n 
A 1 104 LEU 104 819 819 LEU LEU A . n 
A 1 105 ILE 105 820 820 ILE ILE A . n 
A 1 106 LYS 106 821 821 LYS LYS A . n 
A 1 107 SER 107 822 822 SER SER A . n 
A 1 108 PRO 108 823 823 PRO PRO A . n 
A 1 109 ASP 109 824 824 ASP ASP A . n 
A 1 110 ARG 110 825 825 ARG ARG A . n 
A 1 111 LEU 111 826 826 LEU LEU A . n 
A 1 112 ALA 112 827 827 ALA ALA A . n 
A 1 113 ASP 113 828 828 ASP ASP A . n 
A 1 114 ILE 114 829 829 ILE ILE A . n 
A 1 115 ASN 115 830 830 ASN ASN A . n 
A 1 116 TYR 116 831 831 TYR TYR A . n 
A 1 117 GLU 117 832 832 GLU GLU A . n 
A 1 118 GLY 118 833 833 GLY GLY A . n 
A 1 119 ARG 119 834 834 ARG ARG A . n 
A 1 120 LEU 120 835 835 LEU LEU A . n 
A 1 121 GLU 121 836 836 GLU GLU A . n 
A 1 122 ALA 122 837 837 ALA ALA A . n 
A 1 123 VAL 123 838 838 VAL VAL A . n 
A 1 124 SER 124 839 839 SER SER A . n 
A 1 125 ARG 125 840 840 ARG ARG A . n 
A 1 126 LYS 126 841 841 LYS LYS A . n 
A 1 127 GLN 127 842 842 GLN GLN A . n 
A 1 128 GLY 128 843 843 GLY GLY A . n 
A 1 129 ALA 129 844 844 ALA ALA A . n 
A 1 130 GLN 130 845 845 GLN GLN A . n 
A 1 131 PHE 131 846 846 PHE PHE A . n 
A 1 132 LYS 132 847 847 LYS LYS A . n 
A 1 133 GLU 133 848 848 GLU GLU A . n 
A 1 134 TYR 134 849 849 TYR TYR A . n 
A 1 135 ARG 135 850 850 ARG ARG A . n 
A 1 136 PRO 136 851 851 PRO PRO A . n 
A 1 137 GLU 137 852 852 GLU GLU A . n 
A 1 138 THR 138 853 853 THR THR A . n 
A 1 139 GLY 139 854 854 GLY GLY A . n 
A 1 140 SER 140 855 855 SER SER A . n 
A 1 141 TRP 141 856 856 TRP TRP A . n 
A 1 142 VAL 142 857 857 VAL VAL A . n 
A 1 143 PHE 143 858 858 PHE PHE A . n 
A 1 144 LYS 144 859 859 LYS LYS A . n 
A 1 145 VAL 145 860 860 VAL VAL A . n 
A 1 146 SER 146 861 861 SER SER A . n 
A 1 147 HIS 147 862 862 HIS HIS A . n 
A 1 148 PHE 148 863 863 PHE PHE A . n 
A 1 149 ALA 149 864 864 ALA ALA A . n 
A 1 150 LYS 150 865 865 LYS LYS A . n 
A 1 151 TYR 151 866 866 TYR TYR A . n 
A 1 152 GLY 152 867 867 GLY GLY A . n 
A 1 153 LEU 153 868 868 LEU LEU A . n 
A 1 154 GLN 154 869 869 GLN GLN A . n 
A 1 155 ASP 155 870 870 ASP ASP A . n 
# 
loop_
_pdbx_nonpoly_scheme.asym_id 
_pdbx_nonpoly_scheme.entity_id 
_pdbx_nonpoly_scheme.mon_id 
_pdbx_nonpoly_scheme.ndb_seq_num 
_pdbx_nonpoly_scheme.pdb_seq_num 
_pdbx_nonpoly_scheme.auth_seq_num 
_pdbx_nonpoly_scheme.pdb_mon_id 
_pdbx_nonpoly_scheme.auth_mon_id 
_pdbx_nonpoly_scheme.pdb_strand_id 
_pdbx_nonpoly_scheme.pdb_ins_code 
B 2 HOH 1  1  1  HOH WAT A . 
B 2 HOH 2  2  2  HOH WAT A . 
B 2 HOH 3  3  3  HOH WAT A . 
B 2 HOH 4  4  4  HOH WAT A . 
B 2 HOH 5  5  5  HOH WAT A . 
B 2 HOH 6  6  6  HOH WAT A . 
B 2 HOH 7  7  7  HOH WAT A . 
B 2 HOH 8  8  8  HOH WAT A . 
B 2 HOH 9  9  9  HOH WAT A . 
B 2 HOH 10 10 10 HOH WAT A . 
B 2 HOH 11 11 11 HOH WAT A . 
B 2 HOH 12 12 12 HOH WAT A . 
B 2 HOH 13 13 13 HOH WAT A . 
B 2 HOH 14 14 14 HOH WAT A . 
B 2 HOH 15 15 15 HOH WAT A . 
B 2 HOH 16 16 16 HOH WAT A . 
B 2 HOH 17 17 17 HOH WAT A . 
B 2 HOH 18 18 18 HOH WAT A . 
B 2 HOH 19 19 19 HOH WAT A . 
B 2 HOH 20 20 20 HOH WAT A . 
B 2 HOH 21 21 21 HOH WAT A . 
B 2 HOH 22 22 22 HOH WAT A . 
B 2 HOH 23 23 23 HOH WAT A . 
B 2 HOH 24 24 24 HOH WAT A . 
B 2 HOH 25 25 25 HOH WAT A . 
B 2 HOH 26 26 26 HOH WAT A . 
B 2 HOH 27 27 27 HOH WAT A . 
B 2 HOH 28 28 28 HOH WAT A . 
B 2 HOH 29 29 29 HOH WAT A . 
B 2 HOH 30 30 30 HOH WAT A . 
B 2 HOH 31 31 31 HOH WAT A . 
B 2 HOH 32 32 32 HOH WAT A . 
B 2 HOH 33 33 33 HOH WAT A . 
B 2 HOH 34 34 34 HOH WAT A . 
B 2 HOH 35 35 35 HOH WAT A . 
B 2 HOH 36 36 36 HOH WAT A . 
B 2 HOH 37 37 37 HOH WAT A . 
B 2 HOH 38 38 38 HOH WAT A . 
B 2 HOH 39 39 39 HOH WAT A . 
B 2 HOH 40 40 40 HOH WAT A . 
B 2 HOH 41 41 41 HOH WAT A . 
B 2 HOH 42 42 42 HOH WAT A . 
B 2 HOH 43 43 43 HOH WAT A . 
B 2 HOH 44 44 44 HOH WAT A . 
B 2 HOH 45 45 45 HOH WAT A . 
B 2 HOH 46 46 46 HOH WAT A . 
B 2 HOH 47 47 47 HOH WAT A . 
B 2 HOH 48 48 48 HOH WAT A . 
B 2 HOH 49 49 49 HOH WAT A . 
B 2 HOH 50 50 50 HOH WAT A . 
B 2 HOH 51 51 51 HOH WAT A . 
B 2 HOH 52 52 52 HOH WAT A . 
B 2 HOH 53 53 53 HOH WAT A . 
B 2 HOH 54 54 54 HOH WAT A . 
B 2 HOH 55 55 55 HOH WAT A . 
B 2 HOH 56 56 56 HOH WAT A . 
B 2 HOH 57 57 57 HOH WAT A . 
B 2 HOH 58 58 58 HOH WAT A . 
B 2 HOH 59 59 59 HOH WAT A . 
B 2 HOH 60 60 60 HOH WAT A . 
B 2 HOH 61 61 61 HOH WAT A . 
B 2 HOH 62 62 62 HOH WAT A . 
B 2 HOH 63 63 63 HOH WAT A . 
B 2 HOH 64 64 64 HOH WAT A . 
B 2 HOH 65 65 65 HOH WAT A . 
B 2 HOH 66 66 66 HOH WAT A . 
B 2 HOH 67 67 67 HOH WAT A . 
B 2 HOH 68 68 68 HOH WAT A . 
B 2 HOH 69 69 69 HOH WAT A . 
B 2 HOH 70 70 70 HOH WAT A . 
B 2 HOH 71 71 71 HOH WAT A . 
B 2 HOH 72 72 72 HOH WAT A . 
B 2 HOH 73 73 73 HOH WAT A . 
B 2 HOH 74 74 74 HOH WAT A . 
B 2 HOH 75 75 75 HOH WAT A . 
B 2 HOH 76 76 76 HOH WAT A . 
B 2 HOH 77 77 77 HOH WAT A . 
B 2 HOH 78 78 78 HOH WAT A . 
B 2 HOH 79 79 79 HOH WAT A . 
B 2 HOH 80 80 80 HOH WAT A . 
B 2 HOH 81 81 81 HOH WAT A . 
B 2 HOH 82 82 82 HOH WAT A . 
B 2 HOH 83 83 83 HOH WAT A . 
B 2 HOH 84 84 84 HOH WAT A . 
B 2 HOH 85 85 85 HOH WAT A . 
B 2 HOH 86 86 86 HOH WAT A . 
B 2 HOH 87 87 87 HOH WAT A . 
B 2 HOH 88 88 88 HOH WAT A . 
B 2 HOH 89 89 89 HOH WAT A . 
B 2 HOH 90 90 90 HOH WAT A . 
B 2 HOH 91 91 91 HOH WAT A . 
B 2 HOH 92 92 92 HOH WAT A . 
B 2 HOH 93 93 93 HOH WAT A . 
B 2 HOH 94 94 94 HOH WAT A . 
B 2 HOH 95 95 95 HOH WAT A . 
B 2 HOH 96 96 96 HOH WAT A . 
B 2 HOH 97 97 97 HOH WAT A . 
# 
loop_
_pdbx_unobs_or_zero_occ_atoms.id 
_pdbx_unobs_or_zero_occ_atoms.PDB_model_num 
_pdbx_unobs_or_zero_occ_atoms.polymer_flag 
_pdbx_unobs_or_zero_occ_atoms.occupancy_flag 
_pdbx_unobs_or_zero_occ_atoms.auth_asym_id 
_pdbx_unobs_or_zero_occ_atoms.auth_comp_id 
_pdbx_unobs_or_zero_occ_atoms.auth_seq_id 
_pdbx_unobs_or_zero_occ_atoms.PDB_ins_code 
_pdbx_unobs_or_zero_occ_atoms.auth_atom_id 
_pdbx_unobs_or_zero_occ_atoms.label_alt_id 
_pdbx_unobs_or_zero_occ_atoms.label_asym_id 
_pdbx_unobs_or_zero_occ_atoms.label_comp_id 
_pdbx_unobs_or_zero_occ_atoms.label_seq_id 
_pdbx_unobs_or_zero_occ_atoms.label_atom_id 
1  1 Y 0 A GLU 796 ? CG  ? A GLU 81  CG  
2  1 Y 0 A GLU 796 ? CD  ? A GLU 81  CD  
3  1 Y 0 A GLU 796 ? OE1 ? A GLU 81  OE1 
4  1 Y 0 A GLU 796 ? OE2 ? A GLU 81  OE2 
5  1 Y 0 A LYS 814 ? CG  ? A LYS 99  CG  
6  1 Y 0 A LYS 814 ? CD  ? A LYS 99  CD  
7  1 Y 0 A LYS 814 ? CE  ? A LYS 99  CE  
8  1 Y 0 A LYS 814 ? NZ  ? A LYS 99  NZ  
9  1 Y 0 A GLN 869 ? CG  ? A GLN 154 CG  
10 1 Y 0 A GLN 869 ? CD  ? A GLN 154 CD  
11 1 Y 0 A GLN 869 ? OE1 ? A GLN 154 OE1 
12 1 Y 0 A GLN 869 ? NE2 ? A GLN 154 NE2 
# 
loop_
_software.name 
_software.version 
_software.date 
_software.type 
_software.contact_author 
_software.contact_author_email 
_software.classification 
_software.location 
_software.language 
_software.citation_id 
_software.pdbx_ordinal 
DENZO       .     ?                package 'Zbyszek Otwinowski' zbyszek@mix.swmed.edu    'data reduction'  
http://www.lnls.br/infra/linhasluz/denzo-hkl.htm ?          ? 1 
SCALEPACK   .     ?                package 'Zbyszek Otwinowski' zbyszek@mix.swmed.edu    'data scaling'    
http://www.lnls.br/infra/linhasluz/denzo-hkl.htm ?          ? 2 
DM          4.2   ?                program 'K. Cowtan'          ccp4@dl.ac.uk            phasing           
http://www.ccp4.ac.uk/main.html                  Fortran_77 ? 3 
CNS         .     ?                package 'Axel T. Brunger'    axel.brunger@yale.edu    refinement        
http://cns.csb.yale.edu/v1.1/                    Fortran_77 ? 4 
PDB_EXTRACT 2.000 'April. 3, 2006' package PDB                  sw-help@rcsb.rutgers.edu 'data extraction' 
http://pdb.rutgers.edu/software/                 C++        ? 5 
CBASS       .     ?                ?       ?                    ?                        'data collection' ? ?          ? 6 
SOLVE       .     ?                ?       ?                    ?                        phasing           ? ?          ? 7 
# 
_cell.length_a           69.674 
_cell.length_b           69.674 
_cell.length_c           90.964 
_cell.angle_alpha        90.000 
_cell.angle_beta         90.000 
_cell.angle_gamma        90.000 
_cell.entry_id           2Q5X 
_cell.pdbx_unique_axis   ? 
_cell.Z_PDB              8 
_cell.length_a_esd       ? 
_cell.length_b_esd       ? 
_cell.length_c_esd       ? 
_cell.angle_alpha_esd    ? 
_cell.angle_beta_esd     ? 
_cell.angle_gamma_esd    ? 
# 
_symmetry.space_group_name_H-M             'P 41 21 2' 
_symmetry.entry_id                         2Q5X 
_symmetry.Int_Tables_number                92 
_symmetry.pdbx_full_space_group_name_H-M   ? 
_symmetry.cell_setting                     ? 
_symmetry.space_group_name_Hall            ? 
# 
_exptl.crystals_number   1 
_exptl.entry_id          2Q5X 
_exptl.method            'X-RAY DIFFRACTION' 
# 
_exptl_crystal.id                    1 
_exptl_crystal.density_meas          ? 
_exptl_crystal.density_Matthews      3.15 
_exptl_crystal.density_percent_sol   60.89 
_exptl_crystal.description           ? 
_exptl_crystal.F_000                 ? 
_exptl_crystal.preparation           ? 
# 
_exptl_crystal_grow.crystal_id      1 
_exptl_crystal_grow.method          'VAPOR DIFFUSION, HANGING DROP' 
_exptl_crystal_grow.pH              4.6 
_exptl_crystal_grow.temp            296 
_exptl_crystal_grow.pdbx_details    '4.5M sodium formate, pH 4.6, vapor diffusion, hanging drop, temperature 296K' 
_exptl_crystal_grow.temp_details    ? 
_exptl_crystal_grow.pdbx_pH_range   . 
# 
loop_
_diffrn.id 
_diffrn.ambient_temp 
_diffrn.ambient_temp_details 
_diffrn.crystal_id 
1 100 ? 1 
2 100 ? 1 
3 ?   ? 1 
# 
loop_
_diffrn_detector.diffrn_id 
_diffrn_detector.detector 
_diffrn_detector.type 
_diffrn_detector.pdbx_collection_date 
_diffrn_detector.details 
1 CCD 'ADSC QUANTUM 210' 2003-10-19 ? 
2 CCD 'ADSC QUANTUM 210' ?          ? 
# 
loop_
_diffrn_radiation.diffrn_id 
_diffrn_radiation.pdbx_diffrn_protocol 
_diffrn_radiation.monochromator 
_diffrn_radiation.wavelength_id 
_diffrn_radiation.pdbx_monochromatic_or_laue_m_l 
_diffrn_radiation.pdbx_scattering_type 
1 'SINGLE WAVELENGTH' ? 1 ? x-ray 
2 MAD                 ? 1 ? x-ray 
# 
loop_
_diffrn_radiation_wavelength.id 
_diffrn_radiation_wavelength.wavelength 
_diffrn_radiation_wavelength.wt 
1 1.10005 1.0 
2 0.94789 1.0 
3 0.9778  1.0 
4 0.97814 1.0 
# 
loop_
_diffrn_source.diffrn_id 
_diffrn_source.source 
_diffrn_source.type 
_diffrn_source.pdbx_wavelength_list 
_diffrn_source.pdbx_wavelength 
_diffrn_source.pdbx_synchrotron_site 
_diffrn_source.pdbx_synchrotron_beamline 
1 SYNCHROTRON 'NSLS BEAMLINE X12C' 1.10005                    ? NSLS X12C 
2 SYNCHROTRON 'NSLS BEAMLINE X12C' '0.94789, 0.9778, 0.97814' ? NSLS X12C 
# 
_reflns.entry_id                     2Q5X 
_reflns.d_resolution_high            1.900 
_reflns.d_resolution_low             100.000 
_reflns.number_obs                   18307 
_reflns.pdbx_Rmerge_I_obs            0.053 
_reflns.pdbx_netI_over_sigmaI        11.100 
_reflns.pdbx_chi_squared             0.963 
_reflns.pdbx_redundancy              3.000 
_reflns.percent_possible_obs         99.100 
_reflns.observed_criterion_sigma_F   ? 
_reflns.observed_criterion_sigma_I   ? 
_reflns.number_all                   ? 
_reflns.pdbx_Rsym_value              ? 
_reflns.B_iso_Wilson_estimate        ? 
_reflns.R_free_details               ? 
_reflns.limit_h_max                  ? 
_reflns.limit_h_min                  ? 
_reflns.limit_k_max                  ? 
_reflns.limit_k_min                  ? 
_reflns.limit_l_max                  ? 
_reflns.limit_l_min                  ? 
_reflns.observed_criterion_F_max     ? 
_reflns.observed_criterion_F_min     ? 
_reflns.pdbx_scaling_rejects         ? 
_reflns.pdbx_diffrn_id               1,2 
_reflns.pdbx_ordinal                 1 
# 
loop_
_reflns_shell.d_res_high 
_reflns_shell.d_res_low 
_reflns_shell.number_measured_obs 
_reflns_shell.number_measured_all 
_reflns_shell.number_unique_obs 
_reflns_shell.Rmerge_I_obs 
_reflns_shell.meanI_over_sigI_obs 
_reflns_shell.pdbx_Rsym_value 
_reflns_shell.pdbx_chi_squared 
_reflns_shell.pdbx_redundancy 
_reflns_shell.percent_possible_obs 
_reflns_shell.number_unique_all 
_reflns_shell.percent_possible_all 
_reflns_shell.pdbx_diffrn_id 
_reflns_shell.pdbx_ordinal 
1.90 1.97   ? ? ? 0.285 ? ? 1.080 3.00 ? 1788 99.90 ? 1  
1.97 2.05   ? ? ? 0.195 ? ? 1.032 3.00 ? 1811 99.80 ? 2  
2.05 2.14   ? ? ? 0.150 ? ? 0.995 3.00 ? 1798 99.80 ? 3  
2.14 2.25   ? ? ? 0.120 ? ? 0.976 3.00 ? 1822 99.70 ? 4  
2.25 2.39   ? ? ? 0.096 ? ? 1.017 3.00 ? 1801 99.60 ? 5  
2.39 2.58   ? ? ? 0.086 ? ? 0.967 3.00 ? 1823 99.80 ? 6  
2.58 2.84   ? ? ? 0.068 ? ? 0.996 3.00 ? 1821 99.40 ? 7  
2.84 3.25   ? ? ? 0.044 ? ? 0.887 3.00 ? 1847 99.60 ? 8  
3.25 4.09   ? ? ? 0.029 ? ? 0.798 2.90 ? 1887 99.50 ? 9  
4.09 100.00 ? ? ? 0.028 ? ? 0.879 2.80 ? 1909 94.60 ? 10 
# 
_refine.entry_id                                 2Q5X 
_refine.ls_d_res_high                            1.900 
_refine.ls_d_res_low                             6.000 
_refine.pdbx_ls_sigma_F                          0.00 
_refine.ls_percent_reflns_obs                    99.600 
_refine.ls_number_reflns_obs                     17523 
_refine.ls_R_factor_R_work                       0.206 
_refine.ls_R_factor_R_free                       0.229 
_refine.ls_percent_reflns_R_free                 9.800 
_refine.ls_number_reflns_R_free                  1728 
_refine.B_iso_mean                               23.573 
_refine.solvent_model_param_bsol                 90.021 
_refine.aniso_B[1][1]                            -2.334 
_refine.aniso_B[2][2]                            -2.334 
_refine.aniso_B[3][3]                            4.668 
_refine.aniso_B[1][2]                            0.000 
_refine.aniso_B[1][3]                            0.000 
_refine.aniso_B[2][3]                            0.000 
_refine.pdbx_method_to_determine_struct          MAD 
_refine.overall_FOM_work_R_set                   0.858 
_refine.ls_R_factor_all                          ? 
_refine.ls_R_factor_obs                          ? 
_refine.ls_number_reflns_all                     ? 
_refine.pdbx_ls_sigma_I                          ? 
_refine.ls_redundancy_reflns_obs                 ? 
_refine.pdbx_data_cutoff_high_absF               ? 
_refine.pdbx_data_cutoff_low_absF                ? 
_refine.ls_number_parameters                     ? 
_refine.ls_number_restraints                     ? 
_refine.ls_R_factor_R_free_error                 ? 
_refine.ls_R_factor_R_free_error_details         ? 
_refine.pdbx_starting_model                      ? 
_refine.pdbx_isotropic_thermal_model             ? 
_refine.pdbx_ls_cross_valid_method               ? 
_refine.pdbx_R_Free_selection_details            ? 
_refine.pdbx_stereochem_target_val_spec_case     ? 
_refine.pdbx_stereochemistry_target_values       ? 
_refine.solvent_model_details                    ? 
_refine.solvent_model_param_ksol                 ? 
_refine.occupancy_max                            ? 
_refine.occupancy_min                            ? 
_refine.overall_SU_B                             ? 
_refine.overall_SU_ML                            ? 
_refine.pdbx_overall_ESU_R                       ? 
_refine.pdbx_overall_ESU_R_Free                  ? 
_refine.pdbx_data_cutoff_high_rms_absF           ? 
_refine.details                                  ? 
_refine.B_iso_min                                ? 
_refine.B_iso_max                                ? 
_refine.correlation_coeff_Fo_to_Fc               ? 
_refine.correlation_coeff_Fo_to_Fc_free          ? 
_refine.pdbx_solvent_vdw_probe_radii             ? 
_refine.pdbx_solvent_ion_probe_radii             ? 
_refine.pdbx_solvent_shrinkage_radii             ? 
_refine.overall_SU_R_Cruickshank_DPI             ? 
_refine.overall_SU_R_free                        ? 
_refine.ls_wR_factor_R_free                      ? 
_refine.ls_wR_factor_R_work                      ? 
_refine.overall_FOM_free_R_set                   ? 
_refine.pdbx_refine_id                           'X-RAY DIFFRACTION' 
_refine.pdbx_diffrn_id                           1 
_refine.pdbx_TLS_residual_ADP_flag               ? 
_refine.pdbx_overall_phase_error                 ? 
_refine.pdbx_overall_SU_R_free_Cruickshank_DPI   ? 
_refine.pdbx_overall_SU_R_Blow_DPI               ? 
_refine.pdbx_overall_SU_R_free_Blow_DPI          ? 
# 
_refine_hist.pdbx_refine_id                   'X-RAY DIFFRACTION' 
_refine_hist.cycle_id                         LAST 
_refine_hist.pdbx_number_atoms_protein        1203 
_refine_hist.pdbx_number_atoms_nucleic_acid   0 
_refine_hist.pdbx_number_atoms_ligand         0 
_refine_hist.number_atoms_solvent             97 
_refine_hist.number_atoms_total               1300 
_refine_hist.d_res_high                       1.900 
_refine_hist.d_res_low                        6.000 
# 
loop_
_refine_ls_restr.type 
_refine_ls_restr.number 
_refine_ls_restr.dev_ideal 
_refine_ls_restr.dev_ideal_target 
_refine_ls_restr.weight 
_refine_ls_restr.pdbx_refine_id 
_refine_ls_restr.pdbx_restraint_function 
c_bond_d  ? 0.005 ? ? 'X-RAY DIFFRACTION' ? 
c_angle_d ? 1.208 ? ? 'X-RAY DIFFRACTION' ? 
# 
loop_
_refine_ls_shell.d_res_high 
_refine_ls_shell.d_res_low 
_refine_ls_shell.pdbx_total_number_of_bins_used 
_refine_ls_shell.percent_reflns_obs 
_refine_ls_shell.number_reflns_R_work 
_refine_ls_shell.R_factor_all 
_refine_ls_shell.R_factor_R_work 
_refine_ls_shell.R_factor_R_free 
_refine_ls_shell.percent_reflns_R_free 
_refine_ls_shell.number_reflns_R_free 
_refine_ls_shell.R_factor_R_free_error 
_refine_ls_shell.number_reflns_all 
_refine_ls_shell.number_reflns_obs 
_refine_ls_shell.redundancy_reflns_obs 
_refine_ls_shell.pdbx_refine_id 
1.900 1.920 34 . 459 . 0.266 0.367 . 48 . . 507 . 'X-RAY DIFFRACTION' 
1.920 1.940 34 . 469 . 0.245 0.222 . 46 . . 515 . 'X-RAY DIFFRACTION' 
1.940 1.960 34 . 433 . 0.225 0.270 . 54 . . 487 . 'X-RAY DIFFRACTION' 
1.960 1.980 34 . 469 . 0.214 0.217 . 47 . . 516 . 'X-RAY DIFFRACTION' 
1.980 2.000 34 . 454 . 0.206 0.248 . 52 . . 506 . 'X-RAY DIFFRACTION' 
2.000 2.020 34 . 450 . 0.208 0.226 . 53 . . 503 . 'X-RAY DIFFRACTION' 
2.020 2.050 34 . 468 . 0.201 0.227 . 53 . . 521 . 'X-RAY DIFFRACTION' 
2.050 2.070 34 . 457 . 0.222 0.293 . 47 . . 504 . 'X-RAY DIFFRACTION' 
2.070 2.100 34 . 464 . 0.211 0.232 . 44 . . 508 . 'X-RAY DIFFRACTION' 
2.100 2.120 34 . 457 . 0.193 0.203 . 55 . . 512 . 'X-RAY DIFFRACTION' 
2.120 2.150 34 . 442 . 0.194 0.208 . 60 . . 502 . 'X-RAY DIFFRACTION' 
2.150 2.180 34 . 464 . 0.207 0.246 . 45 . . 509 . 'X-RAY DIFFRACTION' 
2.180 2.220 34 . 462 . 0.194 0.248 . 50 . . 512 . 'X-RAY DIFFRACTION' 
2.220 2.250 34 . 472 . 0.199 0.229 . 49 . . 521 . 'X-RAY DIFFRACTION' 
2.250 2.290 34 . 457 . 0.206 0.219 . 51 . . 508 . 'X-RAY DIFFRACTION' 
2.290 2.330 34 . 457 . 0.197 0.254 . 53 . . 510 . 'X-RAY DIFFRACTION' 
2.330 2.370 34 . 441 . 0.211 0.240 . 60 . . 501 . 'X-RAY DIFFRACTION' 
2.370 2.410 34 . 453 . 0.201 0.195 . 58 . . 511 . 'X-RAY DIFFRACTION' 
2.410 2.460 34 . 464 . 0.233 0.339 . 52 . . 516 . 'X-RAY DIFFRACTION' 
2.460 2.520 34 . 466 . 0.250 0.281 . 50 . . 516 . 'X-RAY DIFFRACTION' 
2.520 2.570 34 . 478 . 0.218 0.267 . 45 . . 523 . 'X-RAY DIFFRACTION' 
2.570 2.640 34 . 456 . 0.225 0.249 . 49 . . 505 . 'X-RAY DIFFRACTION' 
2.640 2.710 34 . 464 . 0.227 0.232 . 54 . . 518 . 'X-RAY DIFFRACTION' 
2.710 2.790 34 . 473 . 0.237 0.269 . 54 . . 527 . 'X-RAY DIFFRACTION' 
2.790 2.880 34 . 445 . 0.239 0.274 . 60 . . 505 . 'X-RAY DIFFRACTION' 
2.880 2.980 34 . 474 . 0.231 0.270 . 49 . . 523 . 'X-RAY DIFFRACTION' 
2.980 3.100 34 . 476 . 0.226 0.219 . 44 . . 520 . 'X-RAY DIFFRACTION' 
3.100 3.230 34 . 472 . 0.201 0.228 . 43 . . 515 . 'X-RAY DIFFRACTION' 
3.230 3.400 34 . 483 . 0.227 0.237 . 53 . . 536 . 'X-RAY DIFFRACTION' 
3.400 3.610 34 . 474 . 0.183 0.208 . 51 . . 525 . 'X-RAY DIFFRACTION' 
3.610 3.880 34 . 467 . 0.186 0.205 . 60 . . 527 . 'X-RAY DIFFRACTION' 
3.880 4.260 34 . 488 . 0.184 0.183 . 49 . . 537 . 'X-RAY DIFFRACTION' 
4.260 4.850 34 . 487 . 0.165 0.194 . 49 . . 536 . 'X-RAY DIFFRACTION' 
4.850 6.000 34 . 500 . 0.190 0.168 . 41 . . 541 . 'X-RAY DIFFRACTION' 
# 
loop_
_pdbx_xplor_file.serial_no 
_pdbx_xplor_file.param_file 
_pdbx_xplor_file.topol_file 
_pdbx_xplor_file.pdbx_refine_id 
1 CNS_TOPPAR:protein_rep.param ? 'X-RAY DIFFRACTION' 
2 CNS_TOPPAR:water_rep.param   ? 'X-RAY DIFFRACTION' 
3 cis_peptide.param            ? 'X-RAY DIFFRACTION' 
# 
_struct.entry_id                  2Q5X 
_struct.title                     'Crystal Structure of the C-terminal domain of hNup98' 
_struct.pdbx_model_details        ? 
_struct.pdbx_CASP_flag            ? 
_struct.pdbx_model_type_details   ? 
# 
_struct_keywords.entry_id        2Q5X 
_struct_keywords.text            'Nup98, nucleoporin, autoproteolysis, precursor, PROTEIN TRANSPORT' 
_struct_keywords.pdbx_keywords   'PROTEIN TRANSPORT' 
# 
loop_
_struct_asym.id 
_struct_asym.pdbx_blank_PDB_chainid_flag 
_struct_asym.pdbx_modified 
_struct_asym.entity_id 
_struct_asym.details 
A N N 1 ? 
B N N 2 ? 
# 
_struct_ref.id                         1 
_struct_ref.db_name                    UNP 
_struct_ref.db_code                    NUP98_HUMAN 
_struct_ref.pdbx_db_accession          P52948 
_struct_ref.entity_id                  1 
_struct_ref.pdbx_seq_one_letter_code   
;GIILTKVGYYTIPSMDDLAKITNEKGECIVSDFTIGRKGYGSIYFEGDVNLTNLNLDDIVHIRRKEVVVYLDDNQKPPVG
EGLNRKAEVTLDGVWPTDKTSRCLIKSPDRLADINYEGRLEAVSRKQGAQFKEYRPETGSWVFKVSHFSKYGLQD
;
_struct_ref.pdbx_align_begin           733 
_struct_ref.pdbx_db_isoform            ? 
# 
_struct_ref_seq.align_id                      1 
_struct_ref_seq.ref_id                        1 
_struct_ref_seq.pdbx_PDB_id_code              2Q5X 
_struct_ref_seq.pdbx_strand_id                A 
_struct_ref_seq.seq_align_beg                 1 
_struct_ref_seq.pdbx_seq_align_beg_ins_code   ? 
_struct_ref_seq.seq_align_end                 155 
_struct_ref_seq.pdbx_seq_align_end_ins_code   ? 
_struct_ref_seq.pdbx_db_accession             P52948 
_struct_ref_seq.db_align_beg                  733 
_struct_ref_seq.pdbx_db_align_beg_ins_code    ? 
_struct_ref_seq.db_align_end                  887 
_struct_ref_seq.pdbx_db_align_end_ins_code    ? 
_struct_ref_seq.pdbx_auth_seq_align_beg       716 
_struct_ref_seq.pdbx_auth_seq_align_end       870 
# 
_struct_ref_seq_dif.align_id                     1 
_struct_ref_seq_dif.pdbx_pdb_id_code             2Q5X 
_struct_ref_seq_dif.mon_id                       ALA 
_struct_ref_seq_dif.pdbx_pdb_strand_id           A 
_struct_ref_seq_dif.seq_num                      149 
_struct_ref_seq_dif.pdbx_pdb_ins_code            ? 
_struct_ref_seq_dif.pdbx_seq_db_name             UNP 
_struct_ref_seq_dif.pdbx_seq_db_accession_code   P52948 
_struct_ref_seq_dif.db_mon_id                    SER 
_struct_ref_seq_dif.pdbx_seq_db_seq_num          881 
_struct_ref_seq_dif.details                      'engineered mutation' 
_struct_ref_seq_dif.pdbx_auth_seq_num            864 
_struct_ref_seq_dif.pdbx_ordinal                 1 
# 
_pdbx_struct_assembly.id                   1 
_pdbx_struct_assembly.details              author_defined_assembly 
_pdbx_struct_assembly.method_details       ? 
_pdbx_struct_assembly.oligomeric_details   monomeric 
_pdbx_struct_assembly.oligomeric_count     1 
# 
_pdbx_struct_assembly_gen.assembly_id       1 
_pdbx_struct_assembly_gen.oper_expression   1 
_pdbx_struct_assembly_gen.asym_id_list      A,B 
# 
_pdbx_struct_oper_list.id                   1 
_pdbx_struct_oper_list.type                 'identity operation' 
_pdbx_struct_oper_list.name                 1_555 
_pdbx_struct_oper_list.symmetry_operation   x,y,z 
_pdbx_struct_oper_list.matrix[1][1]         1.0000000000 
_pdbx_struct_oper_list.matrix[1][2]         0.0000000000 
_pdbx_struct_oper_list.matrix[1][3]         0.0000000000 
_pdbx_struct_oper_list.vector[1]            0.0000000000 
_pdbx_struct_oper_list.matrix[2][1]         0.0000000000 
_pdbx_struct_oper_list.matrix[2][2]         1.0000000000 
_pdbx_struct_oper_list.matrix[2][3]         0.0000000000 
_pdbx_struct_oper_list.vector[2]            0.0000000000 
_pdbx_struct_oper_list.matrix[3][1]         0.0000000000 
_pdbx_struct_oper_list.matrix[3][2]         0.0000000000 
_pdbx_struct_oper_list.matrix[3][3]         1.0000000000 
_pdbx_struct_oper_list.vector[3]            0.0000000000 
# 
loop_
_struct_conf.conf_type_id 
_struct_conf.id 
_struct_conf.pdbx_PDB_helix_id 
_struct_conf.beg_label_comp_id 
_struct_conf.beg_label_asym_id 
_struct_conf.beg_label_seq_id 
_struct_conf.pdbx_beg_PDB_ins_code 
_struct_conf.end_label_comp_id 
_struct_conf.end_label_asym_id 
_struct_conf.end_label_seq_id 
_struct_conf.pdbx_end_PDB_ins_code 
_struct_conf.beg_auth_comp_id 
_struct_conf.beg_auth_asym_id 
_struct_conf.beg_auth_seq_id 
_struct_conf.end_auth_comp_id 
_struct_conf.end_auth_asym_id 
_struct_conf.end_auth_seq_id 
_struct_conf.pdbx_PDB_helix_class 
_struct_conf.details 
_struct_conf.pdbx_PDB_helix_length 
HELX_P HELX_P1 1 SER A 14  ? THR A 22  ? SER A 729 THR A 737 1 ? 9  
HELX_P HELX_P2 2 ASN A 55  ? ILE A 59  ? ASN A 770 ILE A 774 1 ? 5  
HELX_P HELX_P3 3 SER A 107 ? ILE A 114 ? SER A 822 ILE A 829 1 ? 8  
HELX_P HELX_P4 4 ASN A 115 ? GLN A 127 ? ASN A 830 GLN A 842 1 ? 13 
# 
_struct_conf_type.id          HELX_P 
_struct_conf_type.criteria    ? 
_struct_conf_type.reference   ? 
# 
loop_
_struct_mon_prot_cis.pdbx_id 
_struct_mon_prot_cis.label_comp_id 
_struct_mon_prot_cis.label_seq_id 
_struct_mon_prot_cis.label_asym_id 
_struct_mon_prot_cis.label_alt_id 
_struct_mon_prot_cis.pdbx_PDB_ins_code 
_struct_mon_prot_cis.auth_comp_id 
_struct_mon_prot_cis.auth_seq_id 
_struct_mon_prot_cis.auth_asym_id 
_struct_mon_prot_cis.pdbx_label_comp_id_2 
_struct_mon_prot_cis.pdbx_label_seq_id_2 
_struct_mon_prot_cis.pdbx_label_asym_id_2 
_struct_mon_prot_cis.pdbx_PDB_ins_code_2 
_struct_mon_prot_cis.pdbx_auth_comp_id_2 
_struct_mon_prot_cis.pdbx_auth_seq_id_2 
_struct_mon_prot_cis.pdbx_auth_asym_id_2 
_struct_mon_prot_cis.pdbx_PDB_model_num 
_struct_mon_prot_cis.pdbx_omega_angle 
1 ILE 12  A . ? ILE 727 A PRO 13  A ? PRO 728 A 1 -0.71 
2 PHE 148 A . ? PHE 863 A ALA 149 A ? ALA 864 A 1 -0.91 
# 
loop_
_struct_sheet.id 
_struct_sheet.type 
_struct_sheet.number_strands 
_struct_sheet.details 
A ? 6 ? 
B ? 3 ? 
# 
loop_
_struct_sheet_order.sheet_id 
_struct_sheet_order.range_id_1 
_struct_sheet_order.range_id_2 
_struct_sheet_order.offset 
_struct_sheet_order.sense 
A 1 2 ? anti-parallel 
A 2 3 ? anti-parallel 
A 3 4 ? anti-parallel 
A 4 5 ? anti-parallel 
A 5 6 ? anti-parallel 
B 1 2 ? anti-parallel 
B 2 3 ? anti-parallel 
# 
loop_
_struct_sheet_range.sheet_id 
_struct_sheet_range.id 
_struct_sheet_range.beg_label_comp_id 
_struct_sheet_range.beg_label_asym_id 
_struct_sheet_range.beg_label_seq_id 
_struct_sheet_range.pdbx_beg_PDB_ins_code 
_struct_sheet_range.end_label_comp_id 
_struct_sheet_range.end_label_asym_id 
_struct_sheet_range.end_label_seq_id 
_struct_sheet_range.pdbx_end_PDB_ins_code 
_struct_sheet_range.beg_auth_comp_id 
_struct_sheet_range.beg_auth_asym_id 
_struct_sheet_range.beg_auth_seq_id 
_struct_sheet_range.end_auth_comp_id 
_struct_sheet_range.end_auth_asym_id 
_struct_sheet_range.end_auth_seq_id 
A 1 TYR A 9   ? ILE A 12  ? TYR A 724 ILE A 727 
A 2 ILE A 29  ? ARG A 37  ? ILE A 744 ARG A 752 
A 3 GLY A 41  ? ASN A 50  ? GLY A 756 ASN A 765 
A 4 ALA A 87  ? LEU A 91  ? ALA A 802 LEU A 806 
A 5 SER A 140 ? VAL A 145 ? SER A 855 VAL A 860 
A 6 GLN A 130 ? ARG A 135 ? GLN A 845 ARG A 850 
B 1 VAL A 60  ? ARG A 63  ? VAL A 775 ARG A 778 
B 2 GLU A 66  ? VAL A 69  ? GLU A 781 VAL A 784 
B 3 TYR A 151 ? GLY A 152 ? TYR A 866 GLY A 867 
# 
loop_
_pdbx_struct_sheet_hbond.sheet_id 
_pdbx_struct_sheet_hbond.range_id_1 
_pdbx_struct_sheet_hbond.range_id_2 
_pdbx_struct_sheet_hbond.range_1_label_atom_id 
_pdbx_struct_sheet_hbond.range_1_label_comp_id 
_pdbx_struct_sheet_hbond.range_1_label_asym_id 
_pdbx_struct_sheet_hbond.range_1_label_seq_id 
_pdbx_struct_sheet_hbond.range_1_PDB_ins_code 
_pdbx_struct_sheet_hbond.range_1_auth_atom_id 
_pdbx_struct_sheet_hbond.range_1_auth_comp_id 
_pdbx_struct_sheet_hbond.range_1_auth_asym_id 
_pdbx_struct_sheet_hbond.range_1_auth_seq_id 
_pdbx_struct_sheet_hbond.range_2_label_atom_id 
_pdbx_struct_sheet_hbond.range_2_label_comp_id 
_pdbx_struct_sheet_hbond.range_2_label_asym_id 
_pdbx_struct_sheet_hbond.range_2_label_seq_id 
_pdbx_struct_sheet_hbond.range_2_PDB_ins_code 
_pdbx_struct_sheet_hbond.range_2_auth_atom_id 
_pdbx_struct_sheet_hbond.range_2_auth_comp_id 
_pdbx_struct_sheet_hbond.range_2_auth_asym_id 
_pdbx_struct_sheet_hbond.range_2_auth_seq_id 
A 1 2 N TYR A 10  ? N TYR A 725 O GLY A 36  ? O GLY A 751 
A 2 3 N PHE A 33  ? N PHE A 748 O PHE A 45  ? O PHE A 760 
A 3 4 N SER A 42  ? N SER A 757 O THR A 90  ? O THR A 805 
A 4 5 N ALA A 87  ? N ALA A 802 O VAL A 145 ? O VAL A 860 
A 5 6 O LYS A 144 ? O LYS A 859 N GLN A 130 ? N GLN A 845 
B 1 2 N HIS A 61  ? N HIS A 776 O VAL A 68  ? O VAL A 783 
B 2 3 N VAL A 67  ? N VAL A 782 O TYR A 151 ? O TYR A 866 
# 
loop_
_pdbx_validate_torsion.id 
_pdbx_validate_torsion.PDB_model_num 
_pdbx_validate_torsion.auth_comp_id 
_pdbx_validate_torsion.auth_asym_id 
_pdbx_validate_torsion.auth_seq_id 
_pdbx_validate_torsion.PDB_ins_code 
_pdbx_validate_torsion.label_alt_id 
_pdbx_validate_torsion.phi 
_pdbx_validate_torsion.psi 
1 1 ASP A 747 ? ? 78.82 124.51 
2 1 ASN A 768 ? ? 59.67 17.14  
3 1 TYR A 785 ? ? 78.91 99.06  
4 1 ALA A 864 ? ? 72.54 131.04 
# 
loop_
_diffrn_reflns.diffrn_id 
_diffrn_reflns.pdbx_d_res_high 
_diffrn_reflns.pdbx_d_res_low 
_diffrn_reflns.pdbx_number_obs 
_diffrn_reflns.pdbx_Rmerge_I_obs 
_diffrn_reflns.pdbx_Rsym_value 
_diffrn_reflns.pdbx_chi_squared 
_diffrn_reflns.av_sigmaI_over_netI 
_diffrn_reflns.pdbx_redundancy 
_diffrn_reflns.pdbx_percent_possible_obs 
_diffrn_reflns.number 
_diffrn_reflns.pdbx_observed_criterion 
_diffrn_reflns.limit_h_max 
_diffrn_reflns.limit_h_min 
_diffrn_reflns.limit_k_max 
_diffrn_reflns.limit_k_min 
_diffrn_reflns.limit_l_max 
_diffrn_reflns.limit_l_min 
1 2.400 100.000 9542 0.066 ? 0.94 12.50 3.00 98.90 77719 ? ? ? ? ? ? ? 
2 2.400 100.000 9439 0.076 ? 1.01 11.40 3.00 97.90 73767 ? ? ? ? ? ? ? 
3 2.400 100.000 9481 0.071 ? 0.94 11.50 3.00 98.20 75576 ? ? ? ? ? ? ? 
# 
loop_
_pdbx_diffrn_reflns_shell.diffrn_id 
_pdbx_diffrn_reflns_shell.d_res_high 
_pdbx_diffrn_reflns_shell.d_res_low 
_pdbx_diffrn_reflns_shell.number_obs 
_pdbx_diffrn_reflns_shell.rejects 
_pdbx_diffrn_reflns_shell.Rmerge_I_obs 
_pdbx_diffrn_reflns_shell.Rsym_value 
_pdbx_diffrn_reflns_shell.chi_squared 
_pdbx_diffrn_reflns_shell.redundancy 
_pdbx_diffrn_reflns_shell.percent_possible_obs 
1 5.17 100.00 ? ? 0.035 ? 0.926 2.80 99.50  
1 4.10 5.17   ? ? 0.034 ? 0.834 2.90 100.00 
1 3.59 4.10   ? ? 0.045 ? 0.916 3.00 100.00 
1 3.26 3.59   ? ? 0.059 ? 0.928 3.00 100.00 
1 3.02 3.26   ? ? 0.094 ? 0.968 3.00 100.00 
1 2.85 3.02   ? ? 0.138 ? 0.979 3.00 100.00 
1 2.70 2.85   ? ? 0.187 ? 1.031 3.00 99.90  
1 2.59 2.70   ? ? 0.218 ? 0.959 3.00 99.80  
1 2.49 2.59   ? ? 0.256 ? 0.953 3.00 98.90  
1 2.40 2.49   ? ? 0.241 ? 0.988 3.00 90.90  
2 5.17 100.00 ? ? 0.040 ? 1.029 2.80 99.40  
2 4.10 5.17   ? ? 0.040 ? 0.960 2.90 100.00 
2 3.59 4.10   ? ? 0.052 ? 1.012 3.00 100.00 
2 3.26 3.59   ? ? 0.072 ? 1.010 3.00 100.00 
2 3.02 3.26   ? ? 0.113 ? 1.002 3.00 100.00 
2 2.85 3.02   ? ? 0.170 ? 1.018 3.00 100.00 
2 2.70 2.85   ? ? 0.224 ? 1.045 3.00 99.80  
2 2.59 2.70   ? ? 0.246 ? 1.023 3.00 98.50  
2 2.49 2.59   ? ? 0.279 ? 0.982 3.00 95.50  
2 2.40 2.49   ? ? 0.262 ? 1.071 3.00 84.80  
3 5.17 100.00 ? ? 0.036 ? 0.876 2.80 99.40  
3 4.10 5.17   ? ? 0.037 ? 0.836 2.90 100.00 
3 3.59 4.10   ? ? 0.047 ? 0.883 3.00 99.90  
3 3.26 3.59   ? ? 0.067 ? 0.922 3.00 100.00 
3 3.02 3.26   ? ? 0.107 ? 0.970 3.00 100.00 
3 2.85 3.02   ? ? 0.158 ? 0.967 3.00 100.00 
3 2.70 2.85   ? ? 0.218 ? 1.054 3.00 99.90  
3 2.59 2.70   ? ? 0.236 ? 0.957 3.00 99.40  
3 2.49 2.59   ? ? 0.272 ? 0.962 3.00 96.40  
3 2.40 2.49   ? ? 0.264 ? 0.974 3.00 86.10  
# 
_pdbx_phasing_dm.entry_id   2Q5X 
_pdbx_phasing_dm.method     'Solvent flattening  and Histogram matching' 
_pdbx_phasing_dm.reflns     6467 
# 
loop_
_pdbx_phasing_dm_shell.d_res_high 
_pdbx_phasing_dm_shell.d_res_low 
_pdbx_phasing_dm_shell.delta_phi_final 
_pdbx_phasing_dm_shell.delta_phi_initial 
_pdbx_phasing_dm_shell.fom_acentric 
_pdbx_phasing_dm_shell.fom_centric 
_pdbx_phasing_dm_shell.fom 
_pdbx_phasing_dm_shell.reflns_acentric 
_pdbx_phasing_dm_shell.reflns_centric 
_pdbx_phasing_dm_shell.reflns 
6.530 100.000 57.500 ? ? ? 0.755 ? ? 505 
5.140 6.530   45.300 ? ? ? 0.866 ? ? 506 
4.470 5.140   51.500 ? ? ? 0.877 ? ? 503 
4.050 4.470   48.600 ? ? ? 0.847 ? ? 504 
3.740 4.050   53.500 ? ? ? 0.745 ? ? 503 
3.510 3.740   66.200 ? ? ? 0.706 ? ? 505 
3.330 3.510   66.300 ? ? ? 0.716 ? ? 504 
3.180 3.330   70.300 ? ? ? 0.735 ? ? 503 
3.050 3.180   73.000 ? ? ? 0.705 ? ? 504 
2.940 3.050   76.300 ? ? ? 0.621 ? ? 512 
2.850 2.940   76.000 ? ? ? 0.541 ? ? 506 
2.700 2.850   83.000 ? ? ? 0.576 ? ? 912 
# 
loop_
_pdbx_unobs_or_zero_occ_residues.id 
_pdbx_unobs_or_zero_occ_residues.PDB_model_num 
_pdbx_unobs_or_zero_occ_residues.polymer_flag 
_pdbx_unobs_or_zero_occ_residues.occupancy_flag 
_pdbx_unobs_or_zero_occ_residues.auth_asym_id 
_pdbx_unobs_or_zero_occ_residues.auth_comp_id 
_pdbx_unobs_or_zero_occ_residues.auth_seq_id 
_pdbx_unobs_or_zero_occ_residues.PDB_ins_code 
_pdbx_unobs_or_zero_occ_residues.label_asym_id 
_pdbx_unobs_or_zero_occ_residues.label_comp_id 
_pdbx_unobs_or_zero_occ_residues.label_seq_id 
1 1 Y 1 A ASP 787 ? A ASP 72 
2 1 Y 1 A ASP 788 ? A ASP 73 
3 1 Y 1 A ASN 789 ? A ASN 74 
4 1 Y 1 A GLN 790 ? A GLN 75 
# 
loop_
_chem_comp_atom.comp_id 
_chem_comp_atom.atom_id 
_chem_comp_atom.type_symbol 
_chem_comp_atom.pdbx_aromatic_flag 
_chem_comp_atom.pdbx_stereo_config 
_chem_comp_atom.pdbx_ordinal 
ALA N    N N N 1   
ALA CA   C N S 2   
ALA C    C N N 3   
ALA O    O N N 4   
ALA CB   C N N 5   
ALA OXT  O N N 6   
ALA H    H N N 7   
ALA H2   H N N 8   
ALA HA   H N N 9   
ALA HB1  H N N 10  
ALA HB2  H N N 11  
ALA HB3  H N N 12  
ALA HXT  H N N 13  
ARG N    N N N 14  
ARG CA   C N S 15  
ARG C    C N N 16  
ARG O    O N N 17  
ARG CB   C N N 18  
ARG CG   C N N 19  
ARG CD   C N N 20  
ARG NE   N N N 21  
ARG CZ   C N N 22  
ARG NH1  N N N 23  
ARG NH2  N N N 24  
ARG OXT  O N N 25  
ARG H    H N N 26  
ARG H2   H N N 27  
ARG HA   H N N 28  
ARG HB2  H N N 29  
ARG HB3  H N N 30  
ARG HG2  H N N 31  
ARG HG3  H N N 32  
ARG HD2  H N N 33  
ARG HD3  H N N 34  
ARG HE   H N N 35  
ARG HH11 H N N 36  
ARG HH12 H N N 37  
ARG HH21 H N N 38  
ARG HH22 H N N 39  
ARG HXT  H N N 40  
ASN N    N N N 41  
ASN CA   C N S 42  
ASN C    C N N 43  
ASN O    O N N 44  
ASN CB   C N N 45  
ASN CG   C N N 46  
ASN OD1  O N N 47  
ASN ND2  N N N 48  
ASN OXT  O N N 49  
ASN H    H N N 50  
ASN H2   H N N 51  
ASN HA   H N N 52  
ASN HB2  H N N 53  
ASN HB3  H N N 54  
ASN HD21 H N N 55  
ASN HD22 H N N 56  
ASN HXT  H N N 57  
ASP N    N N N 58  
ASP CA   C N S 59  
ASP C    C N N 60  
ASP O    O N N 61  
ASP CB   C N N 62  
ASP CG   C N N 63  
ASP OD1  O N N 64  
ASP OD2  O N N 65  
ASP OXT  O N N 66  
ASP H    H N N 67  
ASP H2   H N N 68  
ASP HA   H N N 69  
ASP HB2  H N N 70  
ASP HB3  H N N 71  
ASP HD2  H N N 72  
ASP HXT  H N N 73  
CYS N    N N N 74  
CYS CA   C N R 75  
CYS C    C N N 76  
CYS O    O N N 77  
CYS CB   C N N 78  
CYS SG   S N N 79  
CYS OXT  O N N 80  
CYS H    H N N 81  
CYS H2   H N N 82  
CYS HA   H N N 83  
CYS HB2  H N N 84  
CYS HB3  H N N 85  
CYS HG   H N N 86  
CYS HXT  H N N 87  
GLN N    N N N 88  
GLN CA   C N S 89  
GLN C    C N N 90  
GLN O    O N N 91  
GLN CB   C N N 92  
GLN CG   C N N 93  
GLN CD   C N N 94  
GLN OE1  O N N 95  
GLN NE2  N N N 96  
GLN OXT  O N N 97  
GLN H    H N N 98  
GLN H2   H N N 99  
GLN HA   H N N 100 
GLN HB2  H N N 101 
GLN HB3  H N N 102 
GLN HG2  H N N 103 
GLN HG3  H N N 104 
GLN HE21 H N N 105 
GLN HE22 H N N 106 
GLN HXT  H N N 107 
GLU N    N N N 108 
GLU CA   C N S 109 
GLU C    C N N 110 
GLU O    O N N 111 
GLU CB   C N N 112 
GLU CG   C N N 113 
GLU CD   C N N 114 
GLU OE1  O N N 115 
GLU OE2  O N N 116 
GLU OXT  O N N 117 
GLU H    H N N 118 
GLU H2   H N N 119 
GLU HA   H N N 120 
GLU HB2  H N N 121 
GLU HB3  H N N 122 
GLU HG2  H N N 123 
GLU HG3  H N N 124 
GLU HE2  H N N 125 
GLU HXT  H N N 126 
GLY N    N N N 127 
GLY CA   C N N 128 
GLY C    C N N 129 
GLY O    O N N 130 
GLY OXT  O N N 131 
GLY H    H N N 132 
GLY H2   H N N 133 
GLY HA2  H N N 134 
GLY HA3  H N N 135 
GLY HXT  H N N 136 
HIS N    N N N 137 
HIS CA   C N S 138 
HIS C    C N N 139 
HIS O    O N N 140 
HIS CB   C N N 141 
HIS CG   C Y N 142 
HIS ND1  N Y N 143 
HIS CD2  C Y N 144 
HIS CE1  C Y N 145 
HIS NE2  N Y N 146 
HIS OXT  O N N 147 
HIS H    H N N 148 
HIS H2   H N N 149 
HIS HA   H N N 150 
HIS HB2  H N N 151 
HIS HB3  H N N 152 
HIS HD1  H N N 153 
HIS HD2  H N N 154 
HIS HE1  H N N 155 
HIS HE2  H N N 156 
HIS HXT  H N N 157 
HOH O    O N N 158 
HOH H1   H N N 159 
HOH H2   H N N 160 
ILE N    N N N 161 
ILE CA   C N S 162 
ILE C    C N N 163 
ILE O    O N N 164 
ILE CB   C N S 165 
ILE CG1  C N N 166 
ILE CG2  C N N 167 
ILE CD1  C N N 168 
ILE OXT  O N N 169 
ILE H    H N N 170 
ILE H2   H N N 171 
ILE HA   H N N 172 
ILE HB   H N N 173 
ILE HG12 H N N 174 
ILE HG13 H N N 175 
ILE HG21 H N N 176 
ILE HG22 H N N 177 
ILE HG23 H N N 178 
ILE HD11 H N N 179 
ILE HD12 H N N 180 
ILE HD13 H N N 181 
ILE HXT  H N N 182 
LEU N    N N N 183 
LEU CA   C N S 184 
LEU C    C N N 185 
LEU O    O N N 186 
LEU CB   C N N 187 
LEU CG   C N N 188 
LEU CD1  C N N 189 
LEU CD2  C N N 190 
LEU OXT  O N N 191 
LEU H    H N N 192 
LEU H2   H N N 193 
LEU HA   H N N 194 
LEU HB2  H N N 195 
LEU HB3  H N N 196 
LEU HG   H N N 197 
LEU HD11 H N N 198 
LEU HD12 H N N 199 
LEU HD13 H N N 200 
LEU HD21 H N N 201 
LEU HD22 H N N 202 
LEU HD23 H N N 203 
LEU HXT  H N N 204 
LYS N    N N N 205 
LYS CA   C N S 206 
LYS C    C N N 207 
LYS O    O N N 208 
LYS CB   C N N 209 
LYS CG   C N N 210 
LYS CD   C N N 211 
LYS CE   C N N 212 
LYS NZ   N N N 213 
LYS OXT  O N N 214 
LYS H    H N N 215 
LYS H2   H N N 216 
LYS HA   H N N 217 
LYS HB2  H N N 218 
LYS HB3  H N N 219 
LYS HG2  H N N 220 
LYS HG3  H N N 221 
LYS HD2  H N N 222 
LYS HD3  H N N 223 
LYS HE2  H N N 224 
LYS HE3  H N N 225 
LYS HZ1  H N N 226 
LYS HZ2  H N N 227 
LYS HZ3  H N N 228 
LYS HXT  H N N 229 
MET N    N N N 230 
MET CA   C N S 231 
MET C    C N N 232 
MET O    O N N 233 
MET CB   C N N 234 
MET CG   C N N 235 
MET SD   S N N 236 
MET CE   C N N 237 
MET OXT  O N N 238 
MET H    H N N 239 
MET H2   H N N 240 
MET HA   H N N 241 
MET HB2  H N N 242 
MET HB3  H N N 243 
MET HG2  H N N 244 
MET HG3  H N N 245 
MET HE1  H N N 246 
MET HE2  H N N 247 
MET HE3  H N N 248 
MET HXT  H N N 249 
PHE N    N N N 250 
PHE CA   C N S 251 
PHE C    C N N 252 
PHE O    O N N 253 
PHE CB   C N N 254 
PHE CG   C Y N 255 
PHE CD1  C Y N 256 
PHE CD2  C Y N 257 
PHE CE1  C Y N 258 
PHE CE2  C Y N 259 
PHE CZ   C Y N 260 
PHE OXT  O N N 261 
PHE H    H N N 262 
PHE H2   H N N 263 
PHE HA   H N N 264 
PHE HB2  H N N 265 
PHE HB3  H N N 266 
PHE HD1  H N N 267 
PHE HD2  H N N 268 
PHE HE1  H N N 269 
PHE HE2  H N N 270 
PHE HZ   H N N 271 
PHE HXT  H N N 272 
PRO N    N N N 273 
PRO CA   C N S 274 
PRO C    C N N 275 
PRO O    O N N 276 
PRO CB   C N N 277 
PRO CG   C N N 278 
PRO CD   C N N 279 
PRO OXT  O N N 280 
PRO H    H N N 281 
PRO HA   H N N 282 
PRO HB2  H N N 283 
PRO HB3  H N N 284 
PRO HG2  H N N 285 
PRO HG3  H N N 286 
PRO HD2  H N N 287 
PRO HD3  H N N 288 
PRO HXT  H N N 289 
SER N    N N N 290 
SER CA   C N S 291 
SER C    C N N 292 
SER O    O N N 293 
SER CB   C N N 294 
SER OG   O N N 295 
SER OXT  O N N 296 
SER H    H N N 297 
SER H2   H N N 298 
SER HA   H N N 299 
SER HB2  H N N 300 
SER HB3  H N N 301 
SER HG   H N N 302 
SER HXT  H N N 303 
THR N    N N N 304 
THR CA   C N S 305 
THR C    C N N 306 
THR O    O N N 307 
THR CB   C N R 308 
THR OG1  O N N 309 
THR CG2  C N N 310 
THR OXT  O N N 311 
THR H    H N N 312 
THR H2   H N N 313 
THR HA   H N N 314 
THR HB   H N N 315 
THR HG1  H N N 316 
THR HG21 H N N 317 
THR HG22 H N N 318 
THR HG23 H N N 319 
THR HXT  H N N 320 
TRP N    N N N 321 
TRP CA   C N S 322 
TRP C    C N N 323 
TRP O    O N N 324 
TRP CB   C N N 325 
TRP CG   C Y N 326 
TRP CD1  C Y N 327 
TRP CD2  C Y N 328 
TRP NE1  N Y N 329 
TRP CE2  C Y N 330 
TRP CE3  C Y N 331 
TRP CZ2  C Y N 332 
TRP CZ3  C Y N 333 
TRP CH2  C Y N 334 
TRP OXT  O N N 335 
TRP H    H N N 336 
TRP H2   H N N 337 
TRP HA   H N N 338 
TRP HB2  H N N 339 
TRP HB3  H N N 340 
TRP HD1  H N N 341 
TRP HE1  H N N 342 
TRP HE3  H N N 343 
TRP HZ2  H N N 344 
TRP HZ3  H N N 345 
TRP HH2  H N N 346 
TRP HXT  H N N 347 
TYR N    N N N 348 
TYR CA   C N S 349 
TYR C    C N N 350 
TYR O    O N N 351 
TYR CB   C N N 352 
TYR CG   C Y N 353 
TYR CD1  C Y N 354 
TYR CD2  C Y N 355 
TYR CE1  C Y N 356 
TYR CE2  C Y N 357 
TYR CZ   C Y N 358 
TYR OH   O N N 359 
TYR OXT  O N N 360 
TYR H    H N N 361 
TYR H2   H N N 362 
TYR HA   H N N 363 
TYR HB2  H N N 364 
TYR HB3  H N N 365 
TYR HD1  H N N 366 
TYR HD2  H N N 367 
TYR HE1  H N N 368 
TYR HE2  H N N 369 
TYR HH   H N N 370 
TYR HXT  H N N 371 
VAL N    N N N 372 
VAL CA   C N S 373 
VAL C    C N N 374 
VAL O    O N N 375 
VAL CB   C N N 376 
VAL CG1  C N N 377 
VAL CG2  C N N 378 
VAL OXT  O N N 379 
VAL H    H N N 380 
VAL H2   H N N 381 
VAL HA   H N N 382 
VAL HB   H N N 383 
VAL HG11 H N N 384 
VAL HG12 H N N 385 
VAL HG13 H N N 386 
VAL HG21 H N N 387 
VAL HG22 H N N 388 
VAL HG23 H N N 389 
VAL HXT  H N N 390 
# 
loop_
_chem_comp_bond.comp_id 
_chem_comp_bond.atom_id_1 
_chem_comp_bond.atom_id_2 
_chem_comp_bond.value_order 
_chem_comp_bond.pdbx_aromatic_flag 
_chem_comp_bond.pdbx_stereo_config 
_chem_comp_bond.pdbx_ordinal 
ALA N   CA   sing N N 1   
ALA N   H    sing N N 2   
ALA N   H2   sing N N 3   
ALA CA  C    sing N N 4   
ALA CA  CB   sing N N 5   
ALA CA  HA   sing N N 6   
ALA C   O    doub N N 7   
ALA C   OXT  sing N N 8   
ALA CB  HB1  sing N N 9   
ALA CB  HB2  sing N N 10  
ALA CB  HB3  sing N N 11  
ALA OXT HXT  sing N N 12  
ARG N   CA   sing N N 13  
ARG N   H    sing N N 14  
ARG N   H2   sing N N 15  
ARG CA  C    sing N N 16  
ARG CA  CB   sing N N 17  
ARG CA  HA   sing N N 18  
ARG C   O    doub N N 19  
ARG C   OXT  sing N N 20  
ARG CB  CG   sing N N 21  
ARG CB  HB2  sing N N 22  
ARG CB  HB3  sing N N 23  
ARG CG  CD   sing N N 24  
ARG CG  HG2  sing N N 25  
ARG CG  HG3  sing N N 26  
ARG CD  NE   sing N N 27  
ARG CD  HD2  sing N N 28  
ARG CD  HD3  sing N N 29  
ARG NE  CZ   sing N N 30  
ARG NE  HE   sing N N 31  
ARG CZ  NH1  sing N N 32  
ARG CZ  NH2  doub N N 33  
ARG NH1 HH11 sing N N 34  
ARG NH1 HH12 sing N N 35  
ARG NH2 HH21 sing N N 36  
ARG NH2 HH22 sing N N 37  
ARG OXT HXT  sing N N 38  
ASN N   CA   sing N N 39  
ASN N   H    sing N N 40  
ASN N   H2   sing N N 41  
ASN CA  C    sing N N 42  
ASN CA  CB   sing N N 43  
ASN CA  HA   sing N N 44  
ASN C   O    doub N N 45  
ASN C   OXT  sing N N 46  
ASN CB  CG   sing N N 47  
ASN CB  HB2  sing N N 48  
ASN CB  HB3  sing N N 49  
ASN CG  OD1  doub N N 50  
ASN CG  ND2  sing N N 51  
ASN ND2 HD21 sing N N 52  
ASN ND2 HD22 sing N N 53  
ASN OXT HXT  sing N N 54  
ASP N   CA   sing N N 55  
ASP N   H    sing N N 56  
ASP N   H2   sing N N 57  
ASP CA  C    sing N N 58  
ASP CA  CB   sing N N 59  
ASP CA  HA   sing N N 60  
ASP C   O    doub N N 61  
ASP C   OXT  sing N N 62  
ASP CB  CG   sing N N 63  
ASP CB  HB2  sing N N 64  
ASP CB  HB3  sing N N 65  
ASP CG  OD1  doub N N 66  
ASP CG  OD2  sing N N 67  
ASP OD2 HD2  sing N N 68  
ASP OXT HXT  sing N N 69  
CYS N   CA   sing N N 70  
CYS N   H    sing N N 71  
CYS N   H2   sing N N 72  
CYS CA  C    sing N N 73  
CYS CA  CB   sing N N 74  
CYS CA  HA   sing N N 75  
CYS C   O    doub N N 76  
CYS C   OXT  sing N N 77  
CYS CB  SG   sing N N 78  
CYS CB  HB2  sing N N 79  
CYS CB  HB3  sing N N 80  
CYS SG  HG   sing N N 81  
CYS OXT HXT  sing N N 82  
GLN N   CA   sing N N 83  
GLN N   H    sing N N 84  
GLN N   H2   sing N N 85  
GLN CA  C    sing N N 86  
GLN CA  CB   sing N N 87  
GLN CA  HA   sing N N 88  
GLN C   O    doub N N 89  
GLN C   OXT  sing N N 90  
GLN CB  CG   sing N N 91  
GLN CB  HB2  sing N N 92  
GLN CB  HB3  sing N N 93  
GLN CG  CD   sing N N 94  
GLN CG  HG2  sing N N 95  
GLN CG  HG3  sing N N 96  
GLN CD  OE1  doub N N 97  
GLN CD  NE2  sing N N 98  
GLN NE2 HE21 sing N N 99  
GLN NE2 HE22 sing N N 100 
GLN OXT HXT  sing N N 101 
GLU N   CA   sing N N 102 
GLU N   H    sing N N 103 
GLU N   H2   sing N N 104 
GLU CA  C    sing N N 105 
GLU CA  CB   sing N N 106 
GLU CA  HA   sing N N 107 
GLU C   O    doub N N 108 
GLU C   OXT  sing N N 109 
GLU CB  CG   sing N N 110 
GLU CB  HB2  sing N N 111 
GLU CB  HB3  sing N N 112 
GLU CG  CD   sing N N 113 
GLU CG  HG2  sing N N 114 
GLU CG  HG3  sing N N 115 
GLU CD  OE1  doub N N 116 
GLU CD  OE2  sing N N 117 
GLU OE2 HE2  sing N N 118 
GLU OXT HXT  sing N N 119 
GLY N   CA   sing N N 120 
GLY N   H    sing N N 121 
GLY N   H2   sing N N 122 
GLY CA  C    sing N N 123 
GLY CA  HA2  sing N N 124 
GLY CA  HA3  sing N N 125 
GLY C   O    doub N N 126 
GLY C   OXT  sing N N 127 
GLY OXT HXT  sing N N 128 
HIS N   CA   sing N N 129 
HIS N   H    sing N N 130 
HIS N   H2   sing N N 131 
HIS CA  C    sing N N 132 
HIS CA  CB   sing N N 133 
HIS CA  HA   sing N N 134 
HIS C   O    doub N N 135 
HIS C   OXT  sing N N 136 
HIS CB  CG   sing N N 137 
HIS CB  HB2  sing N N 138 
HIS CB  HB3  sing N N 139 
HIS CG  ND1  sing Y N 140 
HIS CG  CD2  doub Y N 141 
HIS ND1 CE1  doub Y N 142 
HIS ND1 HD1  sing N N 143 
HIS CD2 NE2  sing Y N 144 
HIS CD2 HD2  sing N N 145 
HIS CE1 NE2  sing Y N 146 
HIS CE1 HE1  sing N N 147 
HIS NE2 HE2  sing N N 148 
HIS OXT HXT  sing N N 149 
HOH O   H1   sing N N 150 
HOH O   H2   sing N N 151 
ILE N   CA   sing N N 152 
ILE N   H    sing N N 153 
ILE N   H2   sing N N 154 
ILE CA  C    sing N N 155 
ILE CA  CB   sing N N 156 
ILE CA  HA   sing N N 157 
ILE C   O    doub N N 158 
ILE C   OXT  sing N N 159 
ILE CB  CG1  sing N N 160 
ILE CB  CG2  sing N N 161 
ILE CB  HB   sing N N 162 
ILE CG1 CD1  sing N N 163 
ILE CG1 HG12 sing N N 164 
ILE CG1 HG13 sing N N 165 
ILE CG2 HG21 sing N N 166 
ILE CG2 HG22 sing N N 167 
ILE CG2 HG23 sing N N 168 
ILE CD1 HD11 sing N N 169 
ILE CD1 HD12 sing N N 170 
ILE CD1 HD13 sing N N 171 
ILE OXT HXT  sing N N 172 
LEU N   CA   sing N N 173 
LEU N   H    sing N N 174 
LEU N   H2   sing N N 175 
LEU CA  C    sing N N 176 
LEU CA  CB   sing N N 177 
LEU CA  HA   sing N N 178 
LEU C   O    doub N N 179 
LEU C   OXT  sing N N 180 
LEU CB  CG   sing N N 181 
LEU CB  HB2  sing N N 182 
LEU CB  HB3  sing N N 183 
LEU CG  CD1  sing N N 184 
LEU CG  CD2  sing N N 185 
LEU CG  HG   sing N N 186 
LEU CD1 HD11 sing N N 187 
LEU CD1 HD12 sing N N 188 
LEU CD1 HD13 sing N N 189 
LEU CD2 HD21 sing N N 190 
LEU CD2 HD22 sing N N 191 
LEU CD2 HD23 sing N N 192 
LEU OXT HXT  sing N N 193 
LYS N   CA   sing N N 194 
LYS N   H    sing N N 195 
LYS N   H2   sing N N 196 
LYS CA  C    sing N N 197 
LYS CA  CB   sing N N 198 
LYS CA  HA   sing N N 199 
LYS C   O    doub N N 200 
LYS C   OXT  sing N N 201 
LYS CB  CG   sing N N 202 
LYS CB  HB2  sing N N 203 
LYS CB  HB3  sing N N 204 
LYS CG  CD   sing N N 205 
LYS CG  HG2  sing N N 206 
LYS CG  HG3  sing N N 207 
LYS CD  CE   sing N N 208 
LYS CD  HD2  sing N N 209 
LYS CD  HD3  sing N N 210 
LYS CE  NZ   sing N N 211 
LYS CE  HE2  sing N N 212 
LYS CE  HE3  sing N N 213 
LYS NZ  HZ1  sing N N 214 
LYS NZ  HZ2  sing N N 215 
LYS NZ  HZ3  sing N N 216 
LYS OXT HXT  sing N N 217 
MET N   CA   sing N N 218 
MET N   H    sing N N 219 
MET N   H2   sing N N 220 
MET CA  C    sing N N 221 
MET CA  CB   sing N N 222 
MET CA  HA   sing N N 223 
MET C   O    doub N N 224 
MET C   OXT  sing N N 225 
MET CB  CG   sing N N 226 
MET CB  HB2  sing N N 227 
MET CB  HB3  sing N N 228 
MET CG  SD   sing N N 229 
MET CG  HG2  sing N N 230 
MET CG  HG3  sing N N 231 
MET SD  CE   sing N N 232 
MET CE  HE1  sing N N 233 
MET CE  HE2  sing N N 234 
MET CE  HE3  sing N N 235 
MET OXT HXT  sing N N 236 
PHE N   CA   sing N N 237 
PHE N   H    sing N N 238 
PHE N   H2   sing N N 239 
PHE CA  C    sing N N 240 
PHE CA  CB   sing N N 241 
PHE CA  HA   sing N N 242 
PHE C   O    doub N N 243 
PHE C   OXT  sing N N 244 
PHE CB  CG   sing N N 245 
PHE CB  HB2  sing N N 246 
PHE CB  HB3  sing N N 247 
PHE CG  CD1  doub Y N 248 
PHE CG  CD2  sing Y N 249 
PHE CD1 CE1  sing Y N 250 
PHE CD1 HD1  sing N N 251 
PHE CD2 CE2  doub Y N 252 
PHE CD2 HD2  sing N N 253 
PHE CE1 CZ   doub Y N 254 
PHE CE1 HE1  sing N N 255 
PHE CE2 CZ   sing Y N 256 
PHE CE2 HE2  sing N N 257 
PHE CZ  HZ   sing N N 258 
PHE OXT HXT  sing N N 259 
PRO N   CA   sing N N 260 
PRO N   CD   sing N N 261 
PRO N   H    sing N N 262 
PRO CA  C    sing N N 263 
PRO CA  CB   sing N N 264 
PRO CA  HA   sing N N 265 
PRO C   O    doub N N 266 
PRO C   OXT  sing N N 267 
PRO CB  CG   sing N N 268 
PRO CB  HB2  sing N N 269 
PRO CB  HB3  sing N N 270 
PRO CG  CD   sing N N 271 
PRO CG  HG2  sing N N 272 
PRO CG  HG3  sing N N 273 
PRO CD  HD2  sing N N 274 
PRO CD  HD3  sing N N 275 
PRO OXT HXT  sing N N 276 
SER N   CA   sing N N 277 
SER N   H    sing N N 278 
SER N   H2   sing N N 279 
SER CA  C    sing N N 280 
SER CA  CB   sing N N 281 
SER CA  HA   sing N N 282 
SER C   O    doub N N 283 
SER C   OXT  sing N N 284 
SER CB  OG   sing N N 285 
SER CB  HB2  sing N N 286 
SER CB  HB3  sing N N 287 
SER OG  HG   sing N N 288 
SER OXT HXT  sing N N 289 
THR N   CA   sing N N 290 
THR N   H    sing N N 291 
THR N   H2   sing N N 292 
THR CA  C    sing N N 293 
THR CA  CB   sing N N 294 
THR CA  HA   sing N N 295 
THR C   O    doub N N 296 
THR C   OXT  sing N N 297 
THR CB  OG1  sing N N 298 
THR CB  CG2  sing N N 299 
THR CB  HB   sing N N 300 
THR OG1 HG1  sing N N 301 
THR CG2 HG21 sing N N 302 
THR CG2 HG22 sing N N 303 
THR CG2 HG23 sing N N 304 
THR OXT HXT  sing N N 305 
TRP N   CA   sing N N 306 
TRP N   H    sing N N 307 
TRP N   H2   sing N N 308 
TRP CA  C    sing N N 309 
TRP CA  CB   sing N N 310 
TRP CA  HA   sing N N 311 
TRP C   O    doub N N 312 
TRP C   OXT  sing N N 313 
TRP CB  CG   sing N N 314 
TRP CB  HB2  sing N N 315 
TRP CB  HB3  sing N N 316 
TRP CG  CD1  doub Y N 317 
TRP CG  CD2  sing Y N 318 
TRP CD1 NE1  sing Y N 319 
TRP CD1 HD1  sing N N 320 
TRP CD2 CE2  doub Y N 321 
TRP CD2 CE3  sing Y N 322 
TRP NE1 CE2  sing Y N 323 
TRP NE1 HE1  sing N N 324 
TRP CE2 CZ2  sing Y N 325 
TRP CE3 CZ3  doub Y N 326 
TRP CE3 HE3  sing N N 327 
TRP CZ2 CH2  doub Y N 328 
TRP CZ2 HZ2  sing N N 329 
TRP CZ3 CH2  sing Y N 330 
TRP CZ3 HZ3  sing N N 331 
TRP CH2 HH2  sing N N 332 
TRP OXT HXT  sing N N 333 
TYR N   CA   sing N N 334 
TYR N   H    sing N N 335 
TYR N   H2   sing N N 336 
TYR CA  C    sing N N 337 
TYR CA  CB   sing N N 338 
TYR CA  HA   sing N N 339 
TYR C   O    doub N N 340 
TYR C   OXT  sing N N 341 
TYR CB  CG   sing N N 342 
TYR CB  HB2  sing N N 343 
TYR CB  HB3  sing N N 344 
TYR CG  CD1  doub Y N 345 
TYR CG  CD2  sing Y N 346 
TYR CD1 CE1  sing Y N 347 
TYR CD1 HD1  sing N N 348 
TYR CD2 CE2  doub Y N 349 
TYR CD2 HD2  sing N N 350 
TYR CE1 CZ   doub Y N 351 
TYR CE1 HE1  sing N N 352 
TYR CE2 CZ   sing Y N 353 
TYR CE2 HE2  sing N N 354 
TYR CZ  OH   sing N N 355 
TYR OH  HH   sing N N 356 
TYR OXT HXT  sing N N 357 
VAL N   CA   sing N N 358 
VAL N   H    sing N N 359 
VAL N   H2   sing N N 360 
VAL CA  C    sing N N 361 
VAL CA  CB   sing N N 362 
VAL CA  HA   sing N N 363 
VAL C   O    doub N N 364 
VAL C   OXT  sing N N 365 
VAL CB  CG1  sing N N 366 
VAL CB  CG2  sing N N 367 
VAL CB  HB   sing N N 368 
VAL CG1 HG11 sing N N 369 
VAL CG1 HG12 sing N N 370 
VAL CG1 HG13 sing N N 371 
VAL CG2 HG21 sing N N 372 
VAL CG2 HG22 sing N N 373 
VAL CG2 HG23 sing N N 374 
VAL OXT HXT  sing N N 375 
# 
_atom_sites.entry_id                    2Q5X 
_atom_sites.fract_transf_matrix[1][1]   -0.00610979 
_atom_sites.fract_transf_matrix[1][2]   -0.00963787 
_atom_sites.fract_transf_matrix[1][3]   -0.00870577 
_atom_sites.fract_transf_matrix[2][1]   0.00741343 
_atom_sites.fract_transf_matrix[2][2]   -0.01048765 
_atom_sites.fract_transf_matrix[2][3]   0.00640772 
_atom_sites.fract_transf_matrix[3][1]   -0.00816756 
_atom_sites.fract_transf_matrix[3][2]   -0.00135485 
_atom_sites.fract_transf_matrix[3][3]   0.00723197 
_atom_sites.fract_transf_vector[1]      1.580591 
_atom_sites.fract_transf_vector[2]      -0.111193 
_atom_sites.fract_transf_vector[3]      -0.351396 
# 
loop_
_atom_type.symbol 
C 
N 
O 
S 
# 
loop_
_atom_site.group_PDB 
_atom_site.id 
_atom_site.type_symbol 
_atom_site.label_atom_id 
_atom_site.label_alt_id 
_atom_site.label_comp_id 
_atom_site.label_asym_id 
_atom_site.label_entity_id 
_atom_site.label_seq_id 
_atom_site.pdbx_PDB_ins_code 
_atom_site.Cartn_x 
_atom_site.Cartn_y 
_atom_site.Cartn_z 
_atom_site.occupancy 
_atom_site.B_iso_or_equiv 
_atom_site.pdbx_formal_charge 
_atom_site.auth_seq_id 
_atom_site.auth_comp_id 
_atom_site.auth_asym_id 
_atom_site.auth_atom_id 
_atom_site.pdbx_PDB_model_num 
ATOM   1    N N   . GLY A 1 1   ? -7.207  5.202   -20.896 1.00 26.64 ? 716 GLY A N   1 
ATOM   2    C CA  . GLY A 1 1   ? -6.852  6.467   -20.192 1.00 27.18 ? 716 GLY A CA  1 
ATOM   3    C C   . GLY A 1 1   ? -6.289  6.211   -18.806 1.00 26.00 ? 716 GLY A C   1 
ATOM   4    O O   . GLY A 1 1   ? -5.835  7.138   -18.129 1.00 25.62 ? 716 GLY A O   1 
ATOM   5    N N   . ILE A 1 2   ? -6.328  4.950   -18.383 1.00 22.43 ? 717 ILE A N   1 
ATOM   6    C CA  . ILE A 1 2   ? -5.816  4.540   -17.074 1.00 22.31 ? 717 ILE A CA  1 
ATOM   7    C C   . ILE A 1 2   ? -4.359  4.167   -17.285 1.00 22.69 ? 717 ILE A C   1 
ATOM   8    O O   . ILE A 1 2   ? -4.051  3.201   -17.984 1.00 23.07 ? 717 ILE A O   1 
ATOM   9    C CB  . ILE A 1 2   ? -6.597  3.330   -16.532 1.00 25.61 ? 717 ILE A CB  1 
ATOM   10   C CG1 . ILE A 1 2   ? -8.086  3.681   -16.461 1.00 26.70 ? 717 ILE A CG1 1 
ATOM   11   C CG2 . ILE A 1 2   ? -6.076  2.947   -15.152 1.00 26.92 ? 717 ILE A CG2 1 
ATOM   12   C CD1 . ILE A 1 2   ? -8.978  2.549   -15.993 1.00 25.83 ? 717 ILE A CD1 1 
ATOM   13   N N   . ILE A 1 3   ? -3.466  4.935   -16.668 1.00 22.62 ? 718 ILE A N   1 
ATOM   14   C CA  . ILE A 1 3   ? -2.034  4.739   -16.848 1.00 23.08 ? 718 ILE A CA  1 
ATOM   15   C C   . ILE A 1 3   ? -1.255  4.111   -15.696 1.00 22.41 ? 718 ILE A C   1 
ATOM   16   O O   . ILE A 1 3   ? -1.254  4.623   -14.575 1.00 22.17 ? 718 ILE A O   1 
ATOM   17   C CB  . ILE A 1 3   ? -1.375  6.092   -17.193 1.00 23.94 ? 718 ILE A CB  1 
ATOM   18   C CG1 . ILE A 1 3   ? -2.077  6.702   -18.412 1.00 25.69 ? 718 ILE A CG1 1 
ATOM   19   C CG2 . ILE A 1 3   ? 0.112   5.906   -17.457 1.00 24.26 ? 718 ILE A CG2 1 
ATOM   20   C CD1 . ILE A 1 3   ? -1.781  8.169   -18.616 1.00 28.66 ? 718 ILE A CD1 1 
ATOM   21   N N   . LEU A 1 4   ? -0.597  2.994   -15.998 1.00 23.01 ? 719 LEU A N   1 
ATOM   22   C CA  . LEU A 1 4   ? 0.248   2.281   -15.043 1.00 23.37 ? 719 LEU A CA  1 
ATOM   23   C C   . LEU A 1 4   ? 1.285   1.551   -15.891 1.00 21.88 ? 719 LEU A C   1 
ATOM   24   O O   . LEU A 1 4   ? 0.970   0.564   -16.554 1.00 23.42 ? 719 LEU A O   1 
ATOM   25   C CB  . LEU A 1 4   ? -0.560  1.275   -14.210 1.00 19.25 ? 719 LEU A CB  1 
ATOM   26   C CG  . LEU A 1 4   ? 0.220   0.657   -13.037 1.00 20.33 ? 719 LEU A CG  1 
ATOM   27   C CD1 . LEU A 1 4   ? 0.671   1.758   -12.082 1.00 17.11 ? 719 LEU A CD1 1 
ATOM   28   C CD2 . LEU A 1 4   ? -0.646  -0.355  -12.302 1.00 21.29 ? 719 LEU A CD2 1 
ATOM   29   N N   . THR A 1 5   ? 2.518   2.048   -15.872 1.00 20.13 ? 720 THR A N   1 
ATOM   30   C CA  . THR A 1 5   ? 3.590   1.460   -16.670 1.00 18.21 ? 720 THR A CA  1 
ATOM   31   C C   . THR A 1 5   ? 4.829   1.064   -15.869 1.00 18.52 ? 720 THR A C   1 
ATOM   32   O O   . THR A 1 5   ? 5.648   0.265   -16.340 1.00 18.63 ? 720 THR A O   1 
ATOM   33   C CB  . THR A 1 5   ? 4.036   2.435   -17.780 1.00 18.02 ? 720 THR A CB  1 
ATOM   34   O OG1 . THR A 1 5   ? 4.613   3.608   -17.188 1.00 17.98 ? 720 THR A OG1 1 
ATOM   35   C CG2 . THR A 1 5   ? 2.835   2.851   -18.639 1.00 18.29 ? 720 THR A CG2 1 
ATOM   36   N N   . LYS A 1 6   ? 4.974   1.619   -14.669 1.00 17.63 ? 721 LYS A N   1 
ATOM   37   C CA  . LYS A 1 6   ? 6.139   1.309   -13.838 1.00 17.59 ? 721 LYS A CA  1 
ATOM   38   C C   . LYS A 1 6   ? 6.289   -0.196  -13.616 1.00 17.57 ? 721 LYS A C   1 
ATOM   39   O O   . LYS A 1 6   ? 5.352   -0.872  -13.197 1.00 16.61 ? 721 LYS A O   1 
ATOM   40   C CB  . LYS A 1 6   ? 6.040   2.052   -12.502 1.00 18.85 ? 721 LYS A CB  1 
ATOM   41   C CG  . LYS A 1 6   ? 6.089   3.569   -12.676 1.00 18.83 ? 721 LYS A CG  1 
ATOM   42   C CD  . LYS A 1 6   ? 6.133   4.321   -11.353 1.00 19.44 ? 721 LYS A CD  1 
ATOM   43   C CE  . LYS A 1 6   ? 4.831   4.175   -10.568 1.00 18.87 ? 721 LYS A CE  1 
ATOM   44   N NZ  . LYS A 1 6   ? 4.753   5.176   -9.466  1.00 19.32 ? 721 LYS A NZ  1 
ATOM   45   N N   . VAL A 1 7   ? 7.479   -0.716  -13.901 1.00 17.44 ? 722 VAL A N   1 
ATOM   46   C CA  . VAL A 1 7   ? 7.740   -2.140  -13.759 1.00 17.50 ? 722 VAL A CA  1 
ATOM   47   C C   . VAL A 1 7   ? 7.546   -2.651  -12.339 1.00 16.43 ? 722 VAL A C   1 
ATOM   48   O O   . VAL A 1 7   ? 8.090   -2.094  -11.389 1.00 16.43 ? 722 VAL A O   1 
ATOM   49   C CB  . VAL A 1 7   ? 9.168   -2.493  -14.218 1.00 18.96 ? 722 VAL A CB  1 
ATOM   50   C CG1 . VAL A 1 7   ? 9.477   -3.950  -13.901 1.00 20.02 ? 722 VAL A CG1 1 
ATOM   51   C CG2 . VAL A 1 7   ? 9.302   -2.238  -15.713 1.00 22.35 ? 722 VAL A CG2 1 
ATOM   52   N N   . GLY A 1 8   ? 6.772   -3.723  -12.207 1.00 15.58 ? 723 GLY A N   1 
ATOM   53   C CA  . GLY A 1 8   ? 6.533   -4.296  -10.896 1.00 14.78 ? 723 GLY A CA  1 
ATOM   54   C C   . GLY A 1 8   ? 5.176   -3.935  -10.330 1.00 14.85 ? 723 GLY A C   1 
ATOM   55   O O   . GLY A 1 8   ? 4.688   -4.602  -9.414  1.00 14.04 ? 723 GLY A O   1 
ATOM   56   N N   . TYR A 1 9   ? 4.562   -2.882  -10.863 1.00 15.04 ? 724 TYR A N   1 
ATOM   57   C CA  . TYR A 1 9   ? 3.245   -2.466  -10.391 1.00 15.20 ? 724 TYR A CA  1 
ATOM   58   C C   . TYR A 1 9   ? 2.160   -3.268  -11.089 1.00 16.98 ? 724 TYR A C   1 
ATOM   59   O O   . TYR A 1 9   ? 2.327   -3.695  -12.232 1.00 18.04 ? 724 TYR A O   1 
ATOM   60   C CB  . TYR A 1 9   ? 3.005   -0.979  -10.643 1.00 14.34 ? 724 TYR A CB  1 
ATOM   61   C CG  . TYR A 1 9   ? 3.632   -0.057  -9.624  1.00 15.65 ? 724 TYR A CG  1 
ATOM   62   C CD1 . TYR A 1 9   ? 5.003   0.216   -9.638  1.00 15.83 ? 724 TYR A CD1 1 
ATOM   63   C CD2 . TYR A 1 9   ? 2.845   0.572   -8.658  1.00 15.38 ? 724 TYR A CD2 1 
ATOM   64   C CE1 . TYR A 1 9   ? 5.571   1.105   -8.716  1.00 14.66 ? 724 TYR A CE1 1 
ATOM   65   C CE2 . TYR A 1 9   ? 3.400   1.458   -7.740  1.00 16.53 ? 724 TYR A CE2 1 
ATOM   66   C CZ  . TYR A 1 9   ? 4.758   1.721   -7.776  1.00 14.82 ? 724 TYR A CZ  1 
ATOM   67   O OH  . TYR A 1 9   ? 5.289   2.622   -6.881  1.00 18.30 ? 724 TYR A OH  1 
ATOM   68   N N   . TYR A 1 10  ? 1.045   -3.458  -10.392 1.00 16.02 ? 725 TYR A N   1 
ATOM   69   C CA  . TYR A 1 10  ? -0.074  -4.227  -10.915 1.00 14.95 ? 725 TYR A CA  1 
ATOM   70   C C   . TYR A 1 10  ? -1.337  -3.777  -10.201 1.00 16.79 ? 725 TYR A C   1 
ATOM   71   O O   . TYR A 1 10  ? -1.273  -3.069  -9.189  1.00 15.40 ? 725 TYR A O   1 
ATOM   72   C CB  . TYR A 1 10  ? 0.151   -5.716  -10.632 1.00 16.86 ? 725 TYR A CB  1 
ATOM   73   C CG  . TYR A 1 10  ? 0.112   -6.045  -9.148  1.00 17.36 ? 725 TYR A CG  1 
ATOM   74   C CD1 . TYR A 1 10  ? -1.086  -6.380  -8.521  1.00 19.09 ? 725 TYR A CD1 1 
ATOM   75   C CD2 . TYR A 1 10  ? 1.265   -5.957  -8.362  1.00 16.60 ? 725 TYR A CD2 1 
ATOM   76   C CE1 . TYR A 1 10  ? -1.143  -6.618  -7.145  1.00 18.38 ? 725 TYR A CE1 1 
ATOM   77   C CE2 . TYR A 1 10  ? 1.220   -6.190  -6.987  1.00 17.10 ? 725 TYR A CE2 1 
ATOM   78   C CZ  . TYR A 1 10  ? 0.015   -6.520  -6.385  1.00 18.60 ? 725 TYR A CZ  1 
ATOM   79   O OH  . TYR A 1 10  ? -0.042  -6.749  -5.031  1.00 16.90 ? 725 TYR A OH  1 
ATOM   80   N N   . THR A 1 11  ? -2.485  -4.178  -10.731 1.00 16.32 ? 726 THR A N   1 
ATOM   81   C CA  . THR A 1 11  ? -3.752  -3.845  -10.100 1.00 17.45 ? 726 THR A CA  1 
ATOM   82   C C   . THR A 1 11  ? -4.633  -5.077  -10.059 1.00 18.20 ? 726 THR A C   1 
ATOM   83   O O   . THR A 1 11  ? -4.346  -6.087  -10.696 1.00 16.10 ? 726 THR A O   1 
ATOM   84   C CB  . THR A 1 11  ? -4.523  -2.747  -10.862 1.00 16.12 ? 726 THR A CB  1 
ATOM   85   O OG1 . THR A 1 11  ? -4.712  -3.151  -12.226 1.00 17.93 ? 726 THR A OG1 1 
ATOM   86   C CG2 . THR A 1 11  ? -3.774  -1.427  -10.800 1.00 16.90 ? 726 THR A CG2 1 
ATOM   87   N N   . ILE A 1 12  ? -5.695  -4.980  -9.274  1.00 17.61 ? 727 ILE A N   1 
ATOM   88   C CA  . ILE A 1 12  ? -6.686  -6.037  -9.154  1.00 18.59 ? 727 ILE A CA  1 
ATOM   89   C C   . ILE A 1 12  ? -7.987  -5.246  -9.143  1.00 17.50 ? 727 ILE A C   1 
ATOM   90   O O   . ILE A 1 12  ? -8.201  -4.426  -8.256  1.00 17.70 ? 727 ILE A O   1 
ATOM   91   C CB  . ILE A 1 12  ? -6.575  -6.811  -7.818  1.00 19.07 ? 727 ILE A CB  1 
ATOM   92   C CG1 . ILE A 1 12  ? -5.178  -7.415  -7.664  1.00 21.54 ? 727 ILE A CG1 1 
ATOM   93   C CG2 . ILE A 1 12  ? -7.629  -7.916  -7.782  1.00 20.07 ? 727 ILE A CG2 1 
ATOM   94   C CD1 . ILE A 1 12  ? -4.956  -8.116  -6.336  1.00 23.86 ? 727 ILE A CD1 1 
ATOM   95   N N   . PRO A 1 13  ? -8.846  -5.430  -10.160 1.00 17.77 ? 728 PRO A N   1 
ATOM   96   C CA  . PRO A 1 13  ? -8.693  -6.307  -11.326 1.00 16.97 ? 728 PRO A CA  1 
ATOM   97   C C   . PRO A 1 13  ? -7.445  -5.918  -12.109 1.00 17.64 ? 728 PRO A C   1 
ATOM   98   O O   . PRO A 1 13  ? -7.029  -4.760  -12.085 1.00 15.23 ? 728 PRO A O   1 
ATOM   99   C CB  . PRO A 1 13  ? -9.969  -6.040  -12.130 1.00 20.76 ? 728 PRO A CB  1 
ATOM   100  C CG  . PRO A 1 13  ? -10.962 -5.633  -11.079 1.00 21.94 ? 728 PRO A CG  1 
ATOM   101  C CD  . PRO A 1 13  ? -10.135 -4.720  -10.210 1.00 21.92 ? 728 PRO A CD  1 
ATOM   102  N N   . SER A 1 14  ? -6.857  -6.881  -12.808 1.00 16.24 ? 729 SER A N   1 
ATOM   103  C CA  . SER A 1 14  ? -5.654  -6.620  -13.587 1.00 18.57 ? 729 SER A CA  1 
ATOM   104  C C   . SER A 1 14  ? -5.879  -5.531  -14.631 1.00 18.95 ? 729 SER A C   1 
ATOM   105  O O   . SER A 1 14  ? -6.990  -5.356  -15.143 1.00 16.80 ? 729 SER A O   1 
ATOM   106  C CB  . SER A 1 14  ? -5.185  -7.896  -14.285 1.00 31.73 ? 729 SER A CB  1 
ATOM   107  O OG  . SER A 1 14  ? -6.126  -8.311  -15.256 1.00 40.20 ? 729 SER A OG  1 
ATOM   108  N N   . MET A 1 15  ? -4.814  -4.802  -14.944 1.00 19.84 ? 730 MET A N   1 
ATOM   109  C CA  . MET A 1 15  ? -4.884  -3.739  -15.936 1.00 21.63 ? 730 MET A CA  1 
ATOM   110  C C   . MET A 1 15  ? -5.395  -4.299  -17.263 1.00 22.14 ? 730 MET A C   1 
ATOM   111  O O   . MET A 1 15  ? -6.073  -3.604  -18.012 1.00 20.85 ? 730 MET A O   1 
ATOM   112  C CB  . MET A 1 15  ? -3.499  -3.115  -16.138 1.00 20.09 ? 730 MET A CB  1 
ATOM   113  C CG  . MET A 1 15  ? -2.990  -2.298  -14.955 1.00 20.55 ? 730 MET A CG  1 
ATOM   114  S SD  . MET A 1 15  ? -3.906  -0.753  -14.723 1.00 23.43 ? 730 MET A SD  1 
ATOM   115  C CE  . MET A 1 15  ? -3.595  0.040   -16.272 1.00 21.22 ? 730 MET A CE  1 
ATOM   116  N N   . ASP A 1 16  ? -5.074  -5.562  -17.537 1.00 21.62 ? 731 ASP A N   1 
ATOM   117  C CA  . ASP A 1 16  ? -5.494  -6.216  -18.776 1.00 24.64 ? 731 ASP A CA  1 
ATOM   118  C C   . ASP A 1 16  ? -7.003  -6.393  -18.875 1.00 23.80 ? 731 ASP A C   1 
ATOM   119  O O   . ASP A 1 16  ? -7.539  -6.555  -19.971 1.00 24.79 ? 731 ASP A O   1 
ATOM   120  C CB  . ASP A 1 16  ? -4.837  -7.593  -18.908 1.00 38.27 ? 731 ASP A CB  1 
ATOM   121  C CG  . ASP A 1 16  ? -3.339  -7.510  -19.104 1.00 43.00 ? 731 ASP A CG  1 
ATOM   122  O OD1 . ASP A 1 16  ? -2.899  -6.838  -20.062 1.00 45.36 ? 731 ASP A OD1 1 
ATOM   123  O OD2 . ASP A 1 16  ? -2.602  -8.119  -18.304 1.00 48.11 ? 731 ASP A OD2 1 
ATOM   124  N N   . ASP A 1 17  ? -7.681  -6.376  -17.732 1.00 21.82 ? 732 ASP A N   1 
ATOM   125  C CA  . ASP A 1 17  ? -9.128  -6.551  -17.698 1.00 21.77 ? 732 ASP A CA  1 
ATOM   126  C C   . ASP A 1 17  ? -9.916  -5.248  -17.613 1.00 21.16 ? 732 ASP A C   1 
ATOM   127  O O   . ASP A 1 17  ? -11.144 -5.252  -17.751 1.00 19.89 ? 732 ASP A O   1 
ATOM   128  C CB  . ASP A 1 17  ? -9.533  -7.428  -16.509 1.00 27.58 ? 732 ASP A CB  1 
ATOM   129  C CG  . ASP A 1 17  ? -9.023  -8.848  -16.627 1.00 31.06 ? 732 ASP A CG  1 
ATOM   130  O OD1 . ASP A 1 17  ? -9.031  -9.399  -17.748 1.00 32.31 ? 732 ASP A OD1 1 
ATOM   131  O OD2 . ASP A 1 17  ? -8.632  -9.418  -15.590 1.00 33.83 ? 732 ASP A OD2 1 
ATOM   132  N N   . LEU A 1 18  ? -9.225  -4.137  -17.387 1.00 19.13 ? 733 LEU A N   1 
ATOM   133  C CA  . LEU A 1 18  ? -9.914  -2.862  -17.253 1.00 19.21 ? 733 LEU A CA  1 
ATOM   134  C C   . LEU A 1 18  ? -10.692 -2.439  -18.489 1.00 18.65 ? 733 LEU A C   1 
ATOM   135  O O   . LEU A 1 18  ? -11.793 -1.906  -18.366 1.00 18.42 ? 733 LEU A O   1 
ATOM   136  C CB  . LEU A 1 18  ? -8.932  -1.759  -16.847 1.00 18.55 ? 733 LEU A CB  1 
ATOM   137  C CG  . LEU A 1 18  ? -8.239  -2.002  -15.499 1.00 20.44 ? 733 LEU A CG  1 
ATOM   138  C CD1 . LEU A 1 18  ? -7.479  -0.745  -15.088 1.00 19.85 ? 733 LEU A CD1 1 
ATOM   139  C CD2 . LEU A 1 18  ? -9.281  -2.369  -14.432 1.00 19.86 ? 733 LEU A CD2 1 
ATOM   140  N N   . ALA A 1 19  ? -10.134 -2.670  -19.674 1.00 16.58 ? 734 ALA A N   1 
ATOM   141  C CA  . ALA A 1 19  ? -10.832 -2.288  -20.894 1.00 18.04 ? 734 ALA A CA  1 
ATOM   142  C C   . ALA A 1 19  ? -12.204 -2.950  -20.910 1.00 18.40 ? 734 ALA A C   1 
ATOM   143  O O   . ALA A 1 19  ? -13.205 -2.295  -21.166 1.00 16.15 ? 734 ALA A O   1 
ATOM   144  C CB  . ALA A 1 19  ? -10.027 -2.705  -22.125 1.00 19.47 ? 734 ALA A CB  1 
ATOM   145  N N   . LYS A 1 20  ? -12.243 -4.247  -20.622 1.00 18.68 ? 735 LYS A N   1 
ATOM   146  C CA  . LYS A 1 20  ? -13.499 -4.986  -20.612 1.00 18.83 ? 735 LYS A CA  1 
ATOM   147  C C   . LYS A 1 20  ? -14.475 -4.442  -19.576 1.00 18.08 ? 735 LYS A C   1 
ATOM   148  O O   . LYS A 1 20  ? -15.659 -4.284  -19.863 1.00 16.77 ? 735 LYS A O   1 
ATOM   149  C CB  . LYS A 1 20  ? -13.244 -6.470  -20.332 1.00 21.26 ? 735 LYS A CB  1 
ATOM   150  C CG  . LYS A 1 20  ? -14.515 -7.315  -20.293 1.00 26.86 ? 735 LYS A CG  1 
ATOM   151  C CD  . LYS A 1 20  ? -14.235 -8.755  -19.882 1.00 29.90 ? 735 LYS A CD  1 
ATOM   152  C CE  . LYS A 1 20  ? -13.728 -8.816  -18.450 1.00 33.94 ? 735 LYS A CE  1 
ATOM   153  N NZ  . LYS A 1 20  ? -13.419 -10.212 -18.027 1.00 37.09 ? 735 LYS A NZ  1 
ATOM   154  N N   . ILE A 1 21  ? -13.977 -4.154  -18.379 1.00 16.07 ? 736 ILE A N   1 
ATOM   155  C CA  . ILE A 1 21  ? -14.826 -3.641  -17.303 1.00 16.13 ? 736 ILE A CA  1 
ATOM   156  C C   . ILE A 1 21  ? -15.420 -2.258  -17.584 1.00 16.31 ? 736 ILE A C   1 
ATOM   157  O O   . ILE A 1 21  ? -16.540 -1.971  -17.162 1.00 13.82 ? 736 ILE A O   1 
ATOM   158  C CB  . ILE A 1 21  ? -14.052 -3.601  -15.967 1.00 18.04 ? 736 ILE A CB  1 
ATOM   159  C CG1 . ILE A 1 21  ? -13.717 -5.030  -15.530 1.00 19.32 ? 736 ILE A CG1 1 
ATOM   160  C CG2 . ILE A 1 21  ? -14.880 -2.898  -14.889 1.00 18.37 ? 736 ILE A CG2 1 
ATOM   161  C CD1 . ILE A 1 21  ? -12.825 -5.111  -14.298 1.00 21.43 ? 736 ILE A CD1 1 
ATOM   162  N N   . THR A 1 22  ? -14.680 -1.407  -18.289 1.00 15.06 ? 737 THR A N   1 
ATOM   163  C CA  . THR A 1 22  ? -15.158 -0.058  -18.608 1.00 15.46 ? 737 THR A CA  1 
ATOM   164  C C   . THR A 1 22  ? -16.553 -0.149  -19.239 1.00 14.14 ? 737 THR A C   1 
ATOM   165  O O   . THR A 1 22  ? -16.817 -1.053  -20.027 1.00 13.63 ? 737 THR A O   1 
ATOM   166  C CB  . THR A 1 22  ? -14.181 0.642   -19.578 1.00 21.03 ? 737 THR A CB  1 
ATOM   167  O OG1 . THR A 1 22  ? -12.887 0.713   -18.965 1.00 20.20 ? 737 THR A OG1 1 
ATOM   168  C CG2 . THR A 1 22  ? -14.663 2.052   -19.909 1.00 19.59 ? 737 THR A CG2 1 
ATOM   169  N N   . ASN A 1 23  ? -17.449 0.773   -18.887 1.00 16.07 ? 738 ASN A N   1 
ATOM   170  C CA  . ASN A 1 23  ? -18.809 0.736   -19.425 1.00 14.93 ? 738 ASN A CA  1 
ATOM   171  C C   . ASN A 1 23  ? -19.033 1.588   -20.669 1.00 16.41 ? 738 ASN A C   1 
ATOM   172  O O   . ASN A 1 23  ? -18.118 2.246   -21.167 1.00 14.93 ? 738 ASN A O   1 
ATOM   173  C CB  . ASN A 1 23  ? -19.836 1.123   -18.352 1.00 18.06 ? 738 ASN A CB  1 
ATOM   174  C CG  . ASN A 1 23  ? -19.652 2.535   -17.839 1.00 19.57 ? 738 ASN A CG  1 
ATOM   175  O OD1 . ASN A 1 23  ? -19.255 3.432   -18.582 1.00 20.37 ? 738 ASN A OD1 1 
ATOM   176  N ND2 . ASN A 1 23  ? -19.962 2.747   -16.561 1.00 21.91 ? 738 ASN A ND2 1 
ATOM   177  N N   . GLU A 1 24  ? -20.267 1.574   -21.164 1.00 14.95 ? 739 GLU A N   1 
ATOM   178  C CA  . GLU A 1 24  ? -20.618 2.318   -22.370 1.00 16.29 ? 739 GLU A CA  1 
ATOM   179  C C   . GLU A 1 24  ? -20.418 3.825   -22.214 1.00 17.54 ? 739 GLU A C   1 
ATOM   180  O O   . GLU A 1 24  ? -20.371 4.554   -23.208 1.00 16.62 ? 739 GLU A O   1 
ATOM   181  C CB  . GLU A 1 24  ? -22.071 2.036   -22.763 1.00 18.00 ? 739 GLU A CB  1 
ATOM   182  C CG  . GLU A 1 24  ? -23.116 2.644   -21.820 1.00 19.48 ? 739 GLU A CG  1 
ATOM   183  C CD  . GLU A 1 24  ? -23.452 1.760   -20.633 1.00 23.16 ? 739 GLU A CD  1 
ATOM   184  O OE1 . GLU A 1 24  ? -22.698 0.804   -20.353 1.00 23.11 ? 739 GLU A OE1 1 
ATOM   185  O OE2 . GLU A 1 24  ? -24.480 2.028   -19.971 1.00 24.95 ? 739 GLU A OE2 1 
ATOM   186  N N   . LYS A 1 25  ? -20.303 4.288   -20.973 1.00 18.25 ? 740 LYS A N   1 
ATOM   187  C CA  . LYS A 1 25  ? -20.100 5.709   -20.701 1.00 19.50 ? 740 LYS A CA  1 
ATOM   188  C C   . LYS A 1 25  ? -18.614 6.046   -20.603 1.00 19.67 ? 740 LYS A C   1 
ATOM   189  O O   . LYS A 1 25  ? -18.239 7.199   -20.385 1.00 19.48 ? 740 LYS A O   1 
ATOM   190  C CB  . LYS A 1 25  ? -20.807 6.108   -19.401 1.00 23.20 ? 740 LYS A CB  1 
ATOM   191  C CG  . LYS A 1 25  ? -22.322 6.013   -19.469 1.00 26.65 ? 740 LYS A CG  1 
ATOM   192  C CD  . LYS A 1 25  ? -22.978 6.408   -18.152 1.00 29.94 ? 740 LYS A CD  1 
ATOM   193  C CE  . LYS A 1 25  ? -24.488 6.244   -18.227 1.00 31.74 ? 740 LYS A CE  1 
ATOM   194  N NZ  . LYS A 1 25  ? -25.174 6.622   -16.956 1.00 36.36 ? 740 LYS A NZ  1 
ATOM   195  N N   . GLY A 1 26  ? -17.770 5.035   -20.772 1.00 18.55 ? 741 GLY A N   1 
ATOM   196  C CA  . GLY A 1 26  ? -16.338 5.257   -20.701 1.00 17.42 ? 741 GLY A CA  1 
ATOM   197  C C   . GLY A 1 26  ? -15.830 5.275   -19.274 1.00 18.18 ? 741 GLY A C   1 
ATOM   198  O O   . GLY A 1 26  ? -14.676 5.622   -19.026 1.00 18.66 ? 741 GLY A O   1 
ATOM   199  N N   . GLU A 1 27  ? -16.687 4.901   -18.328 1.00 17.69 ? 742 GLU A N   1 
ATOM   200  C CA  . GLU A 1 27  ? -16.289 4.879   -16.924 1.00 19.81 ? 742 GLU A CA  1 
ATOM   201  C C   . GLU A 1 27  ? -15.798 3.489   -16.537 1.00 20.05 ? 742 GLU A C   1 
ATOM   202  O O   . GLU A 1 27  ? -16.430 2.481   -16.867 1.00 18.98 ? 742 GLU A O   1 
ATOM   203  C CB  . GLU A 1 27  ? -17.469 5.241   -16.017 1.00 27.35 ? 742 GLU A CB  1 
ATOM   204  C CG  . GLU A 1 27  ? -18.306 6.415   -16.482 1.00 31.97 ? 742 GLU A CG  1 
ATOM   205  C CD  . GLU A 1 27  ? -19.586 6.551   -15.672 1.00 35.16 ? 742 GLU A CD  1 
ATOM   206  O OE1 . GLU A 1 27  ? -20.247 5.517   -15.419 1.00 36.05 ? 742 GLU A OE1 1 
ATOM   207  O OE2 . GLU A 1 27  ? -19.937 7.690   -15.298 1.00 39.17 ? 742 GLU A OE2 1 
ATOM   208  N N   . CYS A 1 28  ? -14.667 3.438   -15.842 1.00 21.49 ? 743 CYS A N   1 
ATOM   209  C CA  . CYS A 1 28  ? -14.128 2.166   -15.391 1.00 22.21 ? 743 CYS A CA  1 
ATOM   210  C C   . CYS A 1 28  ? -14.280 2.129   -13.879 1.00 22.58 ? 743 CYS A C   1 
ATOM   211  O O   . CYS A 1 28  ? -13.428 2.625   -13.145 1.00 23.76 ? 743 CYS A O   1 
ATOM   212  C CB  . CYS A 1 28  ? -12.651 2.019   -15.765 1.00 22.31 ? 743 CYS A CB  1 
ATOM   213  S SG  . CYS A 1 28  ? -11.967 0.385   -15.304 1.00 23.59 ? 743 CYS A SG  1 
ATOM   214  N N   . ILE A 1 29  ? -15.384 1.555   -13.419 1.00 19.95 ? 744 ILE A N   1 
ATOM   215  C CA  . ILE A 1 29  ? -15.645 1.465   -11.991 1.00 21.81 ? 744 ILE A CA  1 
ATOM   216  C C   . ILE A 1 29  ? -15.523 0.013   -11.560 1.00 22.69 ? 744 ILE A C   1 
ATOM   217  O O   . ILE A 1 29  ? -16.166 -0.870  -12.129 1.00 23.14 ? 744 ILE A O   1 
ATOM   218  C CB  . ILE A 1 29  ? -17.055 1.987   -11.657 1.00 30.84 ? 744 ILE A CB  1 
ATOM   219  C CG1 . ILE A 1 29  ? -17.203 3.425   -12.167 1.00 32.13 ? 744 ILE A CG1 1 
ATOM   220  C CG2 . ILE A 1 29  ? -17.283 1.940   -10.155 1.00 31.62 ? 744 ILE A CG2 1 
ATOM   221  C CD1 . ILE A 1 29  ? -18.619 3.966   -12.105 1.00 34.84 ? 744 ILE A CD1 1 
ATOM   222  N N   . VAL A 1 30  ? -14.682 -0.234  -10.562 1.00 23.89 ? 745 VAL A N   1 
ATOM   223  C CA  . VAL A 1 30  ? -14.477 -1.588  -10.073 1.00 23.25 ? 745 VAL A CA  1 
ATOM   224  C C   . VAL A 1 30  ? -14.949 -1.707  -8.626  1.00 25.16 ? 745 VAL A C   1 
ATOM   225  O O   . VAL A 1 30  ? -14.862 -0.753  -7.860  1.00 26.61 ? 745 VAL A O   1 
ATOM   226  C CB  . VAL A 1 30  ? -12.978 -1.983  -10.149 1.00 20.84 ? 745 VAL A CB  1 
ATOM   227  C CG1 . VAL A 1 30  ? -12.490 -1.912  -11.595 1.00 19.95 ? 745 VAL A CG1 1 
ATOM   228  C CG2 . VAL A 1 30  ? -12.150 -1.064  -9.272  1.00 17.96 ? 745 VAL A CG2 1 
ATOM   229  N N   . SER A 1 31  ? -15.478 -2.871  -8.262  1.00 29.02 ? 746 SER A N   1 
ATOM   230  C CA  . SER A 1 31  ? -15.923 -3.105  -6.890  1.00 31.19 ? 746 SER A CA  1 
ATOM   231  C C   . SER A 1 31  ? -14.716 -3.717  -6.183  1.00 29.20 ? 746 SER A C   1 
ATOM   232  O O   . SER A 1 31  ? -14.366 -4.867  -6.441  1.00 30.21 ? 746 SER A O   1 
ATOM   233  C CB  . SER A 1 31  ? -17.111 -4.073  -6.866  1.00 36.02 ? 746 SER A CB  1 
ATOM   234  O OG  . SER A 1 31  ? -16.742 -5.359  -7.337  0.50 43.48 ? 746 SER A OG  1 
ATOM   235  N N   . ASP A 1 32  ? -14.091 -2.936  -5.303  1.00 29.41 ? 747 ASP A N   1 
ATOM   236  C CA  . ASP A 1 32  ? -12.888 -3.349  -4.581  1.00 28.23 ? 747 ASP A CA  1 
ATOM   237  C C   . ASP A 1 32  ? -11.721 -3.189  -5.550  1.00 27.50 ? 747 ASP A C   1 
ATOM   238  O O   . ASP A 1 32  ? -11.742 -3.720  -6.654  1.00 28.87 ? 747 ASP A O   1 
ATOM   239  C CB  . ASP A 1 32  ? -12.990 -4.800  -4.099  1.00 28.07 ? 747 ASP A CB  1 
ATOM   240  C CG  . ASP A 1 32  ? -14.177 -5.024  -3.183  1.00 29.01 ? 747 ASP A CG  1 
ATOM   241  O OD1 . ASP A 1 32  ? -14.479 -4.116  -2.379  1.00 27.70 ? 747 ASP A OD1 1 
ATOM   242  O OD2 . ASP A 1 32  ? -14.792 -6.108  -3.263  1.00 28.80 ? 747 ASP A OD2 1 
ATOM   243  N N   . PHE A 1 33  ? -10.716 -2.428  -5.146  1.00 21.99 ? 748 PHE A N   1 
ATOM   244  C CA  . PHE A 1 33  ? -9.574  -2.188  -6.005  1.00 17.96 ? 748 PHE A CA  1 
ATOM   245  C C   . PHE A 1 33  ? -8.280  -2.295  -5.221  1.00 16.23 ? 748 PHE A C   1 
ATOM   246  O O   . PHE A 1 33  ? -8.186  -1.806  -4.097  1.00 15.55 ? 748 PHE A O   1 
ATOM   247  C CB  . PHE A 1 33  ? -9.675  -0.782  -6.602  1.00 17.41 ? 748 PHE A CB  1 
ATOM   248  C CG  . PHE A 1 33  ? -8.454  -0.348  -7.371  1.00 18.23 ? 748 PHE A CG  1 
ATOM   249  C CD1 . PHE A 1 33  ? -8.051  -1.028  -8.517  1.00 16.55 ? 748 PHE A CD1 1 
ATOM   250  C CD2 . PHE A 1 33  ? -7.711  0.758   -6.954  1.00 17.84 ? 748 PHE A CD2 1 
ATOM   251  C CE1 . PHE A 1 33  ? -6.920  -0.606  -9.242  1.00 19.32 ? 748 PHE A CE1 1 
ATOM   252  C CE2 . PHE A 1 33  ? -6.581  1.186   -7.673  1.00 20.51 ? 748 PHE A CE2 1 
ATOM   253  C CZ  . PHE A 1 33  ? -6.190  0.492   -8.822  1.00 18.72 ? 748 PHE A CZ  1 
ATOM   254  N N   . THR A 1 34  ? -7.277  -2.904  -5.839  1.00 17.51 ? 749 THR A N   1 
ATOM   255  C CA  . THR A 1 34  ? -5.965  -3.019  -5.228  1.00 16.71 ? 749 THR A CA  1 
ATOM   256  C C   . THR A 1 34  ? -4.931  -2.583  -6.255  1.00 16.45 ? 749 THR A C   1 
ATOM   257  O O   . THR A 1 34  ? -5.039  -2.903  -7.439  1.00 15.20 ? 749 THR A O   1 
ATOM   258  C CB  . THR A 1 34  ? -5.607  -4.476  -4.843  1.00 19.11 ? 749 THR A CB  1 
ATOM   259  O OG1 . THR A 1 34  ? -6.464  -4.930  -3.792  1.00 18.58 ? 749 THR A OG1 1 
ATOM   260  C CG2 . THR A 1 34  ? -4.148  -4.560  -4.383  1.00 18.19 ? 749 THR A CG2 1 
ATOM   261  N N   . ILE A 1 35  ? -3.945  -1.825  -5.805  1.00 17.09 ? 750 ILE A N   1 
ATOM   262  C CA  . ILE A 1 35  ? -2.845  -1.449  -6.674  1.00 16.97 ? 750 ILE A CA  1 
ATOM   263  C C   . ILE A 1 35  ? -1.633  -1.779  -5.831  1.00 18.22 ? 750 ILE A C   1 
ATOM   264  O O   . ILE A 1 35  ? -1.579  -1.439  -4.649  1.00 18.18 ? 750 ILE A O   1 
ATOM   265  C CB  . ILE A 1 35  ? -2.824  0.045   -7.061  1.00 16.66 ? 750 ILE A CB  1 
ATOM   266  C CG1 . ILE A 1 35  ? -1.548  0.327   -7.866  1.00 17.73 ? 750 ILE A CG1 1 
ATOM   267  C CG2 . ILE A 1 35  ? -2.936  0.923   -5.835  1.00 15.10 ? 750 ILE A CG2 1 
ATOM   268  C CD1 . ILE A 1 35  ? -1.534  1.656   -8.588  1.00 17.88 ? 750 ILE A CD1 1 
ATOM   269  N N   . GLY A 1 36  ? -0.675  -2.479  -6.419  1.00 16.07 ? 751 GLY A N   1 
ATOM   270  C CA  . GLY A 1 36  ? 0.493   -2.833  -5.649  1.00 15.91 ? 751 GLY A CA  1 
ATOM   271  C C   . GLY A 1 36  ? 1.734   -2.872  -6.497  1.00 16.43 ? 751 GLY A C   1 
ATOM   272  O O   . GLY A 1 36  ? 1.687   -2.668  -7.712  1.00 15.21 ? 751 GLY A O   1 
ATOM   273  N N   . ARG A 1 37  ? 2.851   -3.113  -5.829  1.00 14.16 ? 752 ARG A N   1 
ATOM   274  C CA  . ARG A 1 37  ? 4.145   -3.219  -6.478  1.00 14.39 ? 752 ARG A CA  1 
ATOM   275  C C   . ARG A 1 37  ? 4.723   -4.473  -5.855  1.00 13.64 ? 752 ARG A C   1 
ATOM   276  O O   . ARG A 1 37  ? 4.998   -4.506  -4.654  1.00 13.15 ? 752 ARG A O   1 
ATOM   277  C CB  . ARG A 1 37  ? 5.007   -2.013  -6.148  1.00 13.06 ? 752 ARG A CB  1 
ATOM   278  C CG  . ARG A 1 37  ? 6.349   -2.036  -6.852  1.00 13.66 ? 752 ARG A CG  1 
ATOM   279  C CD  . ARG A 1 37  ? 7.210   -0.879  -6.398  1.00 12.76 ? 752 ARG A CD  1 
ATOM   280  N NE  . ARG A 1 37  ? 8.425   -0.787  -7.196  1.00 13.61 ? 752 ARG A NE  1 
ATOM   281  C CZ  . ARG A 1 37  ? 9.288   0.217   -7.117  1.00 13.77 ? 752 ARG A CZ  1 
ATOM   282  N NH1 . ARG A 1 37  ? 9.067   1.213   -6.271  1.00 12.75 ? 752 ARG A NH1 1 
ATOM   283  N NH2 . ARG A 1 37  ? 10.363  0.233   -7.898  1.00 13.75 ? 752 ARG A NH2 1 
ATOM   284  N N   . LYS A 1 38  ? 4.882   -5.508  -6.672  1.00 14.41 ? 753 LYS A N   1 
ATOM   285  C CA  . LYS A 1 38  ? 5.369   -6.800  -6.204  1.00 15.38 ? 753 LYS A CA  1 
ATOM   286  C C   . LYS A 1 38  ? 6.606   -6.740  -5.320  1.00 15.73 ? 753 LYS A C   1 
ATOM   287  O O   . LYS A 1 38  ? 7.649   -6.241  -5.732  1.00 15.09 ? 753 LYS A O   1 
ATOM   288  C CB  . LYS A 1 38  ? 5.635   -7.712  -7.402  1.00 28.40 ? 753 LYS A CB  1 
ATOM   289  C CG  . LYS A 1 38  ? 4.404   -7.941  -8.264  1.00 32.26 ? 753 LYS A CG  1 
ATOM   290  C CD  . LYS A 1 38  ? 4.727   -8.791  -9.479  1.00 38.33 ? 753 LYS A CD  1 
ATOM   291  C CE  . LYS A 1 38  ? 3.494   -9.005  -10.350 1.00 39.17 ? 753 LYS A CE  1 
ATOM   292  N NZ  . LYS A 1 38  ? 3.813   -9.774  -11.584 1.00 42.33 ? 753 LYS A NZ  1 
ATOM   293  N N   . GLY A 1 39  ? 6.477   -7.260  -4.103  1.00 14.65 ? 754 GLY A N   1 
ATOM   294  C CA  . GLY A 1 39  ? 7.598   -7.280  -3.178  1.00 15.01 ? 754 GLY A CA  1 
ATOM   295  C C   . GLY A 1 39  ? 7.729   -6.034  -2.325  1.00 15.01 ? 754 GLY A C   1 
ATOM   296  O O   . GLY A 1 39  ? 8.447   -6.037  -1.322  1.00 18.48 ? 754 GLY A O   1 
ATOM   297  N N   . TYR A 1 40  ? 7.032   -4.971  -2.711  1.00 13.04 ? 755 TYR A N   1 
ATOM   298  C CA  . TYR A 1 40  ? 7.090   -3.712  -1.974  1.00 13.31 ? 755 TYR A CA  1 
ATOM   299  C C   . TYR A 1 40  ? 5.859   -3.443  -1.123  1.00 13.03 ? 755 TYR A C   1 
ATOM   300  O O   . TYR A 1 40  ? 5.969   -3.028  0.028   1.00 13.85 ? 755 TYR A O   1 
ATOM   301  C CB  . TYR A 1 40  ? 7.289   -2.544  -2.939  1.00 11.38 ? 755 TYR A CB  1 
ATOM   302  C CG  . TYR A 1 40  ? 8.673   -2.488  -3.534  1.00 13.56 ? 755 TYR A CG  1 
ATOM   303  C CD1 . TYR A 1 40  ? 9.036   -3.321  -4.589  1.00 11.37 ? 755 TYR A CD1 1 
ATOM   304  C CD2 . TYR A 1 40  ? 9.627   -1.606  -3.025  1.00 13.57 ? 755 TYR A CD2 1 
ATOM   305  C CE1 . TYR A 1 40  ? 10.322  -3.276  -5.132  1.00 13.69 ? 755 TYR A CE1 1 
ATOM   306  C CE2 . TYR A 1 40  ? 10.911  -1.554  -3.555  1.00 15.28 ? 755 TYR A CE2 1 
ATOM   307  C CZ  . TYR A 1 40  ? 11.252  -2.389  -4.608  1.00 15.05 ? 755 TYR A CZ  1 
ATOM   308  O OH  . TYR A 1 40  ? 12.524  -2.327  -5.136  1.00 15.87 ? 755 TYR A OH  1 
ATOM   309  N N   . GLY A 1 41  ? 4.682   -3.656  -1.699  1.00 13.55 ? 756 GLY A N   1 
ATOM   310  C CA  . GLY A 1 41  ? 3.467   -3.417  -0.948  1.00 12.98 ? 756 GLY A CA  1 
ATOM   311  C C   . GLY A 1 41  ? 2.247   -3.283  -1.829  1.00 14.90 ? 756 GLY A C   1 
ATOM   312  O O   . GLY A 1 41  ? 2.333   -3.439  -3.052  1.00 13.64 ? 756 GLY A O   1 
ATOM   313  N N   . SER A 1 42  ? 1.110   -2.990  -1.206  1.00 14.14 ? 757 SER A N   1 
ATOM   314  C CA  . SER A 1 42  ? -0.144  -2.830  -1.927  1.00 15.08 ? 757 SER A CA  1 
ATOM   315  C C   . SER A 1 42  ? -1.132  -1.982  -1.130  1.00 15.93 ? 757 SER A C   1 
ATOM   316  O O   . SER A 1 42  ? -0.994  -1.817  0.082   1.00 14.47 ? 757 SER A O   1 
ATOM   317  C CB  . SER A 1 42  ? -0.760  -4.204  -2.219  1.00 17.56 ? 757 SER A CB  1 
ATOM   318  O OG  . SER A 1 42  ? -0.979  -4.942  -1.024  1.00 16.48 ? 757 SER A OG  1 
ATOM   319  N N   . ILE A 1 43  ? -2.115  -1.428  -1.830  1.00 14.96 ? 758 ILE A N   1 
ATOM   320  C CA  . ILE A 1 43  ? -3.142  -0.616  -1.201  1.00 16.17 ? 758 ILE A CA  1 
ATOM   321  C C   . ILE A 1 43  ? -4.478  -1.182  -1.664  1.00 18.40 ? 758 ILE A C   1 
ATOM   322  O O   . ILE A 1 43  ? -4.727  -1.296  -2.867  1.00 17.20 ? 758 ILE A O   1 
ATOM   323  C CB  . ILE A 1 43  ? -3.044  0.865   -1.623  1.00 15.61 ? 758 ILE A CB  1 
ATOM   324  C CG1 . ILE A 1 43  ? -1.599  1.363   -1.480  1.00 18.23 ? 758 ILE A CG1 1 
ATOM   325  C CG2 . ILE A 1 43  ? -3.984  1.707   -0.757  1.00 17.38 ? 758 ILE A CG2 1 
ATOM   326  C CD1 . ILE A 1 43  ? -1.377  2.780   -2.006  1.00 18.34 ? 758 ILE A CD1 1 
ATOM   327  N N   . TYR A 1 44  ? -5.322  -1.552  -0.704  1.00 18.76 ? 759 TYR A N   1 
ATOM   328  C CA  . TYR A 1 44  ? -6.630  -2.122  -0.990  1.00 18.65 ? 759 TYR A CA  1 
ATOM   329  C C   . TYR A 1 44  ? -7.742  -1.122  -0.679  1.00 19.65 ? 759 TYR A C   1 
ATOM   330  O O   . TYR A 1 44  ? -7.817  -0.583  0.427   1.00 16.84 ? 759 TYR A O   1 
ATOM   331  C CB  . TYR A 1 44  ? -6.841  -3.392  -0.157  1.00 18.75 ? 759 TYR A CB  1 
ATOM   332  C CG  . TYR A 1 44  ? -8.246  -3.952  -0.242  1.00 19.36 ? 759 TYR A CG  1 
ATOM   333  C CD1 . TYR A 1 44  ? -8.751  -4.444  -1.443  1.00 19.95 ? 759 TYR A CD1 1 
ATOM   334  C CD2 . TYR A 1 44  ? -9.076  -3.963  0.876   1.00 20.20 ? 759 TYR A CD2 1 
ATOM   335  C CE1 . TYR A 1 44  ? -10.053 -4.930  -1.531  1.00 24.03 ? 759 TYR A CE1 1 
ATOM   336  C CE2 . TYR A 1 44  ? -10.379 -4.446  0.802   1.00 24.30 ? 759 TYR A CE2 1 
ATOM   337  C CZ  . TYR A 1 44  ? -10.860 -4.927  -0.405  1.00 25.15 ? 759 TYR A CZ  1 
ATOM   338  O OH  . TYR A 1 44  ? -12.150 -5.394  -0.487  1.00 28.07 ? 759 TYR A OH  1 
ATOM   339  N N   . PHE A 1 45  ? -8.602  -0.884  -1.666  1.00 19.38 ? 760 PHE A N   1 
ATOM   340  C CA  . PHE A 1 45  ? -9.719  0.036   -1.505  1.00 21.28 ? 760 PHE A CA  1 
ATOM   341  C C   . PHE A 1 45  ? -11.010 -0.766  -1.628  1.00 21.47 ? 760 PHE A C   1 
ATOM   342  O O   . PHE A 1 45  ? -11.315 -1.306  -2.691  1.00 21.43 ? 760 PHE A O   1 
ATOM   343  C CB  . PHE A 1 45  ? -9.698  1.121   -2.589  1.00 18.73 ? 760 PHE A CB  1 
ATOM   344  C CG  . PHE A 1 45  ? -8.419  1.911   -2.647  1.00 18.51 ? 760 PHE A CG  1 
ATOM   345  C CD1 . PHE A 1 45  ? -7.297  1.401   -3.293  1.00 19.00 ? 760 PHE A CD1 1 
ATOM   346  C CD2 . PHE A 1 45  ? -8.348  3.185   -2.088  1.00 18.68 ? 760 PHE A CD2 1 
ATOM   347  C CE1 . PHE A 1 45  ? -6.125  2.148   -3.389  1.00 18.71 ? 760 PHE A CE1 1 
ATOM   348  C CE2 . PHE A 1 45  ? -7.178  3.940   -2.177  1.00 19.62 ? 760 PHE A CE2 1 
ATOM   349  C CZ  . PHE A 1 45  ? -6.066  3.423   -2.830  1.00 18.19 ? 760 PHE A CZ  1 
ATOM   350  N N   . GLU A 1 46  ? -11.761 -0.850  -0.537  1.00 19.97 ? 761 GLU A N   1 
ATOM   351  C CA  . GLU A 1 46  ? -13.015 -1.592  -0.548  1.00 21.70 ? 761 GLU A CA  1 
ATOM   352  C C   . GLU A 1 46  ? -14.136 -0.707  -1.082  1.00 23.32 ? 761 GLU A C   1 
ATOM   353  O O   . GLU A 1 46  ? -14.194 0.491   -0.783  1.00 22.18 ? 761 GLU A O   1 
ATOM   354  C CB  . GLU A 1 46  ? -13.354 -2.074  0.865   1.00 65.22 ? 761 GLU A CB  1 
ATOM   355  C CG  . GLU A 1 46  ? -14.641 -2.878  0.961   1.00 59.86 ? 761 GLU A CG  1 
ATOM   356  C CD  . GLU A 1 46  ? -14.898 -3.397  2.365   1.00 59.86 ? 761 GLU A CD  1 
ATOM   357  O OE1 . GLU A 1 46  ? -14.218 -2.936  3.306   1.00 59.86 ? 761 GLU A OE1 1 
ATOM   358  O OE2 . GLU A 1 46  ? -15.787 -4.261  2.529   1.00 59.86 ? 761 GLU A OE2 1 
ATOM   359  N N   . GLY A 1 47  ? -15.021 -1.303  -1.873  1.00 28.18 ? 762 GLY A N   1 
ATOM   360  C CA  . GLY A 1 47  ? -16.130 -0.556  -2.434  1.00 29.84 ? 762 GLY A CA  1 
ATOM   361  C C   . GLY A 1 47  ? -15.875 -0.099  -3.856  1.00 31.52 ? 762 GLY A C   1 
ATOM   362  O O   . GLY A 1 47  ? -14.846 -0.426  -4.457  1.00 29.72 ? 762 GLY A O   1 
ATOM   363  N N   . ASP A 1 48  ? -16.818 0.663   -4.398  1.00 27.23 ? 763 ASP A N   1 
ATOM   364  C CA  . ASP A 1 48  ? -16.693 1.168   -5.755  1.00 27.99 ? 763 ASP A CA  1 
ATOM   365  C C   . ASP A 1 48  ? -15.639 2.260   -5.880  1.00 25.83 ? 763 ASP A C   1 
ATOM   366  O O   . ASP A 1 48  ? -15.638 3.239   -5.133  1.00 25.61 ? 763 ASP A O   1 
ATOM   367  C CB  . ASP A 1 48  ? -18.048 1.689   -6.241  1.00 40.78 ? 763 ASP A CB  1 
ATOM   368  C CG  . ASP A 1 48  ? -18.957 0.574   -6.716  1.00 43.94 ? 763 ASP A CG  1 
ATOM   369  O OD1 . ASP A 1 48  ? -18.871 -0.542  -6.160  1.00 44.88 ? 763 ASP A OD1 1 
ATOM   370  O OD2 . ASP A 1 48  ? -19.763 0.813   -7.641  1.00 47.96 ? 763 ASP A OD2 1 
ATOM   371  N N   . VAL A 1 49  ? -14.732 2.074   -6.830  1.00 22.31 ? 764 VAL A N   1 
ATOM   372  C CA  . VAL A 1 49  ? -13.681 3.044   -7.077  1.00 20.66 ? 764 VAL A CA  1 
ATOM   373  C C   . VAL A 1 49  ? -13.689 3.363   -8.559  1.00 19.30 ? 764 VAL A C   1 
ATOM   374  O O   . VAL A 1 49  ? -13.660 2.462   -9.398  1.00 16.86 ? 764 VAL A O   1 
ATOM   375  C CB  . VAL A 1 49  ? -12.297 2.494   -6.687  1.00 26.43 ? 764 VAL A CB  1 
ATOM   376  C CG1 . VAL A 1 49  ? -11.226 3.522   -7.005  1.00 26.40 ? 764 VAL A CG1 1 
ATOM   377  C CG2 . VAL A 1 49  ? -12.279 2.145   -5.208  1.00 26.48 ? 764 VAL A CG2 1 
ATOM   378  N N   . ASN A 1 50  ? -13.739 4.651   -8.878  1.00 24.08 ? 765 ASN A N   1 
ATOM   379  C CA  . ASN A 1 50  ? -13.752 5.086   -10.265 1.00 25.22 ? 765 ASN A CA  1 
ATOM   380  C C   . ASN A 1 50  ? -12.319 5.332   -10.726 1.00 24.14 ? 765 ASN A C   1 
ATOM   381  O O   . ASN A 1 50  ? -11.708 6.340   -10.374 1.00 25.18 ? 765 ASN A O   1 
ATOM   382  C CB  . ASN A 1 50  ? -14.570 6.369   -10.410 1.00 27.00 ? 765 ASN A CB  1 
ATOM   383  C CG  . ASN A 1 50  ? -14.983 6.625   -11.836 1.00 28.09 ? 765 ASN A CG  1 
ATOM   384  O OD1 . ASN A 1 50  ? -14.217 6.375   -12.764 1.00 27.70 ? 765 ASN A OD1 1 
ATOM   385  N ND2 . ASN A 1 50  ? -16.199 7.129   -12.024 1.00 30.51 ? 765 ASN A ND2 1 
ATOM   386  N N   . LEU A 1 51  ? -11.790 4.400   -11.510 1.00 22.04 ? 766 LEU A N   1 
ATOM   387  C CA  . LEU A 1 51  ? -10.422 4.492   -12.010 1.00 21.59 ? 766 LEU A CA  1 
ATOM   388  C C   . LEU A 1 51  ? -10.310 5.296   -13.301 1.00 20.86 ? 766 LEU A C   1 
ATOM   389  O O   . LEU A 1 51  ? -9.213  5.479   -13.825 1.00 20.86 ? 766 LEU A O   1 
ATOM   390  C CB  . LEU A 1 51  ? -9.866  3.086   -12.262 1.00 21.67 ? 766 LEU A CB  1 
ATOM   391  C CG  . LEU A 1 51  ? -9.879  2.088   -11.103 1.00 22.70 ? 766 LEU A CG  1 
ATOM   392  C CD1 . LEU A 1 51  ? -9.309  0.749   -11.588 1.00 21.22 ? 766 LEU A CD1 1 
ATOM   393  C CD2 . LEU A 1 51  ? -9.058  2.629   -9.939  1.00 21.51 ? 766 LEU A CD2 1 
ATOM   394  N N   . THR A 1 52  ? -11.438 5.776   -13.813 1.00 22.80 ? 767 THR A N   1 
ATOM   395  C CA  . THR A 1 52  ? -11.445 6.528   -15.065 1.00 22.83 ? 767 THR A CA  1 
ATOM   396  C C   . THR A 1 52  ? -10.404 7.645   -15.149 1.00 21.56 ? 767 THR A C   1 
ATOM   397  O O   . THR A 1 52  ? -10.352 8.527   -14.302 1.00 22.41 ? 767 THR A O   1 
ATOM   398  C CB  . THR A 1 52  ? -12.838 7.138   -15.336 1.00 23.26 ? 767 THR A CB  1 
ATOM   399  O OG1 . THR A 1 52  ? -13.843 6.132   -15.148 1.00 22.97 ? 767 THR A OG1 1 
ATOM   400  C CG2 . THR A 1 52  ? -12.923 7.660   -16.765 1.00 24.11 ? 767 THR A CG2 1 
ATOM   401  N N   . ASN A 1 53  ? -9.576  7.584   -16.187 1.00 20.46 ? 768 ASN A N   1 
ATOM   402  C CA  . ASN A 1 53  ? -8.541  8.583   -16.435 1.00 21.36 ? 768 ASN A CA  1 
ATOM   403  C C   . ASN A 1 53  ? -7.489  8.769   -15.348 1.00 20.38 ? 768 ASN A C   1 
ATOM   404  O O   . ASN A 1 53  ? -6.795  9.779   -15.339 1.00 20.96 ? 768 ASN A O   1 
ATOM   405  C CB  . ASN A 1 53  ? -9.179  9.946   -16.725 1.00 30.21 ? 768 ASN A CB  1 
ATOM   406  C CG  . ASN A 1 53  ? -9.922  9.972   -18.038 1.00 31.58 ? 768 ASN A CG  1 
ATOM   407  O OD1 . ASN A 1 53  ? -9.428  9.479   -19.049 1.00 35.20 ? 768 ASN A OD1 1 
ATOM   408  N ND2 . ASN A 1 53  ? -11.112 10.559  -18.034 1.00 34.16 ? 768 ASN A ND2 1 
ATOM   409  N N   . LEU A 1 54  ? -7.362  7.815   -14.436 1.00 17.55 ? 769 LEU A N   1 
ATOM   410  C CA  . LEU A 1 54  ? -6.361  7.960   -13.385 1.00 17.67 ? 769 LEU A CA  1 
ATOM   411  C C   . LEU A 1 54  ? -4.966  7.620   -13.876 1.00 16.69 ? 769 LEU A C   1 
ATOM   412  O O   . LEU A 1 54  ? -4.747  6.564   -14.474 1.00 16.56 ? 769 LEU A O   1 
ATOM   413  C CB  . LEU A 1 54  ? -6.683  7.065   -12.186 1.00 19.37 ? 769 LEU A CB  1 
ATOM   414  C CG  . LEU A 1 54  ? -7.968  7.324   -11.402 1.00 20.72 ? 769 LEU A CG  1 
ATOM   415  C CD1 . LEU A 1 54  ? -8.026  6.366   -10.219 1.00 22.27 ? 769 LEU A CD1 1 
ATOM   416  C CD2 . LEU A 1 54  ? -8.002  8.760   -10.922 1.00 20.21 ? 769 LEU A CD2 1 
ATOM   417  N N   . ASN A 1 55  ? -4.024  8.524   -13.632 1.00 18.57 ? 770 ASN A N   1 
ATOM   418  C CA  . ASN A 1 55  ? -2.644  8.266   -14.003 1.00 19.23 ? 770 ASN A CA  1 
ATOM   419  C C   . ASN A 1 55  ? -2.066  7.657   -12.732 1.00 18.11 ? 770 ASN A C   1 
ATOM   420  O O   . ASN A 1 55  ? -1.581  8.371   -11.853 1.00 19.16 ? 770 ASN A O   1 
ATOM   421  C CB  . ASN A 1 55  ? -1.897  9.556   -14.338 1.00 22.40 ? 770 ASN A CB  1 
ATOM   422  C CG  . ASN A 1 55  ? -0.503  9.287   -14.863 1.00 27.04 ? 770 ASN A CG  1 
ATOM   423  O OD1 . ASN A 1 55  ? 0.219   8.447   -14.322 1.00 24.09 ? 770 ASN A OD1 1 
ATOM   424  N ND2 . ASN A 1 55  ? -0.114  9.996   -15.920 1.00 26.06 ? 770 ASN A ND2 1 
ATOM   425  N N   . LEU A 1 56  ? -2.144  6.336   -12.633 1.00 19.08 ? 771 LEU A N   1 
ATOM   426  C CA  . LEU A 1 56  ? -1.657  5.632   -11.458 1.00 19.36 ? 771 LEU A CA  1 
ATOM   427  C C   . LEU A 1 56  ? -0.149  5.786   -11.274 1.00 20.36 ? 771 LEU A C   1 
ATOM   428  O O   . LEU A 1 56  ? 0.340   5.770   -10.143 1.00 18.84 ? 771 LEU A O   1 
ATOM   429  C CB  . LEU A 1 56  ? -2.062  4.155   -11.540 1.00 18.22 ? 771 LEU A CB  1 
ATOM   430  C CG  . LEU A 1 56  ? -3.584  3.945   -11.623 1.00 17.20 ? 771 LEU A CG  1 
ATOM   431  C CD1 . LEU A 1 56  ? -3.902  2.477   -11.849 1.00 18.28 ? 771 LEU A CD1 1 
ATOM   432  C CD2 . LEU A 1 56  ? -4.247  4.438   -10.345 1.00 18.27 ? 771 LEU A CD2 1 
ATOM   433  N N   . ASP A 1 57  ? 0.587   5.945   -12.376 1.00 20.32 ? 772 ASP A N   1 
ATOM   434  C CA  . ASP A 1 57  ? 2.039   6.130   -12.299 1.00 21.23 ? 772 ASP A CA  1 
ATOM   435  C C   . ASP A 1 57  ? 2.398   7.360   -11.477 1.00 21.48 ? 772 ASP A C   1 
ATOM   436  O O   . ASP A 1 57  ? 3.311   7.327   -10.650 1.00 20.49 ? 772 ASP A O   1 
ATOM   437  C CB  . ASP A 1 57  ? 2.663   6.310   -13.690 1.00 24.00 ? 772 ASP A CB  1 
ATOM   438  C CG  . ASP A 1 57  ? 2.909   5.001   -14.403 1.00 24.23 ? 772 ASP A CG  1 
ATOM   439  O OD1 . ASP A 1 57  ? 2.978   3.953   -13.730 1.00 24.48 ? 772 ASP A OD1 1 
ATOM   440  O OD2 . ASP A 1 57  ? 3.056   5.026   -15.646 1.00 24.62 ? 772 ASP A OD2 1 
ATOM   441  N N   . ASP A 1 58  ? 1.689   8.458   -11.717 1.00 20.57 ? 773 ASP A N   1 
ATOM   442  C CA  . ASP A 1 58  ? 1.976   9.692   -11.001 1.00 22.15 ? 773 ASP A CA  1 
ATOM   443  C C   . ASP A 1 58  ? 1.340   9.764   -9.619  1.00 20.76 ? 773 ASP A C   1 
ATOM   444  O O   . ASP A 1 58  ? 1.858   10.435  -8.727  1.00 21.07 ? 773 ASP A O   1 
ATOM   445  C CB  . ASP A 1 58  ? 1.525   10.905  -11.821 1.00 35.15 ? 773 ASP A CB  1 
ATOM   446  C CG  . ASP A 1 58  ? 2.256   11.021  -13.144 1.00 40.15 ? 773 ASP A CG  1 
ATOM   447  O OD1 . ASP A 1 58  ? 3.405   10.539  -13.243 1.00 43.18 ? 773 ASP A OD1 1 
ATOM   448  O OD2 . ASP A 1 58  ? 1.684   11.614  -14.082 1.00 44.95 ? 773 ASP A OD2 1 
ATOM   449  N N   . ILE A 1 59  ? 0.219   9.074   -9.443  1.00 20.75 ? 774 ILE A N   1 
ATOM   450  C CA  . ILE A 1 59  ? -0.486  9.092   -8.167  1.00 20.79 ? 774 ILE A CA  1 
ATOM   451  C C   . ILE A 1 59  ? 0.066   8.157   -7.094  1.00 20.62 ? 774 ILE A C   1 
ATOM   452  O O   . ILE A 1 59  ? 0.245   8.570   -5.955  1.00 20.78 ? 774 ILE A O   1 
ATOM   453  C CB  . ILE A 1 59  ? -1.985  8.755   -8.357  1.00 20.04 ? 774 ILE A CB  1 
ATOM   454  C CG1 . ILE A 1 59  ? -2.665  9.841   -9.196  1.00 20.64 ? 774 ILE A CG1 1 
ATOM   455  C CG2 . ILE A 1 59  ? -2.675  8.630   -7.003  1.00 17.93 ? 774 ILE A CG2 1 
ATOM   456  C CD1 . ILE A 1 59  ? -4.096  9.515   -9.582  1.00 21.61 ? 774 ILE A CD1 1 
ATOM   457  N N   . VAL A 1 60  ? 0.345   6.909   -7.464  1.00 18.76 ? 775 VAL A N   1 
ATOM   458  C CA  . VAL A 1 60  ? 0.798   5.907   -6.503  1.00 17.70 ? 775 VAL A CA  1 
ATOM   459  C C   . VAL A 1 60  ? 2.294   5.620   -6.457  1.00 17.95 ? 775 VAL A C   1 
ATOM   460  O O   . VAL A 1 60  ? 2.905   5.237   -7.451  1.00 17.11 ? 775 VAL A O   1 
ATOM   461  C CB  . VAL A 1 60  ? 0.037   4.581   -6.732  1.00 18.38 ? 775 VAL A CB  1 
ATOM   462  C CG1 . VAL A 1 60  ? 0.473   3.532   -5.718  1.00 17.81 ? 775 VAL A CG1 1 
ATOM   463  C CG2 . VAL A 1 60  ? -1.464  4.831   -6.625  1.00 16.96 ? 775 VAL A CG2 1 
ATOM   464  N N   . HIS A 1 61  ? 2.868   5.780   -5.271  1.00 16.89 ? 776 HIS A N   1 
ATOM   465  C CA  . HIS A 1 61  ? 4.290   5.555   -5.076  1.00 16.75 ? 776 HIS A CA  1 
ATOM   466  C C   . HIS A 1 61  ? 4.543   4.636   -3.882  1.00 16.49 ? 776 HIS A C   1 
ATOM   467  O O   . HIS A 1 61  ? 4.480   5.066   -2.731  1.00 17.26 ? 776 HIS A O   1 
ATOM   468  C CB  . HIS A 1 61  ? 4.989   6.895   -4.865  1.00 19.16 ? 776 HIS A CB  1 
ATOM   469  C CG  . HIS A 1 61  ? 4.756   7.863   -5.978  1.00 21.96 ? 776 HIS A CG  1 
ATOM   470  N ND1 . HIS A 1 61  ? 5.550   7.909   -7.105  1.00 22.53 ? 776 HIS A ND1 1 
ATOM   471  C CD2 . HIS A 1 61  ? 3.772   8.772   -6.175  1.00 22.84 ? 776 HIS A CD2 1 
ATOM   472  C CE1 . HIS A 1 61  ? 5.063   8.803   -7.947  1.00 21.99 ? 776 HIS A CE1 1 
ATOM   473  N NE2 . HIS A 1 61  ? 3.983   9.340   -7.407  1.00 22.12 ? 776 HIS A NE2 1 
ATOM   474  N N   . ILE A 1 62  ? 4.819   3.372   -4.180  1.00 14.42 ? 777 ILE A N   1 
ATOM   475  C CA  . ILE A 1 62  ? 5.099   2.372   -3.157  1.00 14.13 ? 777 ILE A CA  1 
ATOM   476  C C   . ILE A 1 62  ? 6.582   2.006   -3.243  1.00 15.56 ? 777 ILE A C   1 
ATOM   477  O O   . ILE A 1 62  ? 7.063   1.565   -4.285  1.00 15.17 ? 777 ILE A O   1 
ATOM   478  C CB  . ILE A 1 62  ? 4.248   1.098   -3.387  1.00 13.30 ? 777 ILE A CB  1 
ATOM   479  C CG1 . ILE A 1 62  ? 2.760   1.464   -3.423  1.00 13.70 ? 777 ILE A CG1 1 
ATOM   480  C CG2 . ILE A 1 62  ? 4.533   0.070   -2.295  1.00 13.77 ? 777 ILE A CG2 1 
ATOM   481  C CD1 . ILE A 1 62  ? 1.833   0.296   -3.778  1.00 14.73 ? 777 ILE A CD1 1 
ATOM   482  N N   . ARG A 1 63  ? 7.309   2.216   -2.151  1.00 13.76 ? 778 ARG A N   1 
ATOM   483  C CA  . ARG A 1 63  ? 8.729   1.894   -2.100  1.00 14.41 ? 778 ARG A CA  1 
ATOM   484  C C   . ARG A 1 63  ? 8.967   1.079   -0.831  1.00 14.03 ? 778 ARG A C   1 
ATOM   485  O O   . ARG A 1 63  ? 8.021   0.784   -0.104  1.00 13.77 ? 778 ARG A O   1 
ATOM   486  C CB  . ARG A 1 63  ? 9.565   3.185   -2.095  1.00 16.76 ? 778 ARG A CB  1 
ATOM   487  C CG  . ARG A 1 63  ? 9.397   4.025   -3.368  1.00 19.51 ? 778 ARG A CG  1 
ATOM   488  C CD  . ARG A 1 63  ? 10.492  5.086   -3.519  1.00 22.68 ? 778 ARG A CD  1 
ATOM   489  N NE  . ARG A 1 63  ? 10.534  6.008   -2.387  1.00 24.81 ? 778 ARG A NE  1 
ATOM   490  C CZ  . ARG A 1 63  ? 11.449  6.962   -2.229  1.00 26.28 ? 778 ARG A CZ  1 
ATOM   491  N NH1 . ARG A 1 63  ? 12.401  7.126   -3.135  1.00 25.91 ? 778 ARG A NH1 1 
ATOM   492  N NH2 . ARG A 1 63  ? 11.417  7.746   -1.158  1.00 27.06 ? 778 ARG A NH2 1 
ATOM   493  N N   . ARG A 1 64  ? 10.210  0.707   -0.559  1.00 13.92 ? 779 ARG A N   1 
ATOM   494  C CA  . ARG A 1 64  ? 10.489  -0.085  0.635   1.00 13.69 ? 779 ARG A CA  1 
ATOM   495  C C   . ARG A 1 64  ? 10.147  0.696   1.897   1.00 14.16 ? 779 ARG A C   1 
ATOM   496  O O   . ARG A 1 64  ? 10.669  1.796   2.129   1.00 12.45 ? 779 ARG A O   1 
ATOM   497  C CB  . ARG A 1 64  ? 11.962  -0.511  0.675   1.00 14.30 ? 779 ARG A CB  1 
ATOM   498  C CG  . ARG A 1 64  ? 12.334  -1.360  1.900   1.00 14.44 ? 779 ARG A CG  1 
ATOM   499  C CD  . ARG A 1 64  ? 11.688  -2.738  1.851   1.00 12.55 ? 779 ARG A CD  1 
ATOM   500  N NE  . ARG A 1 64  ? 12.199  -3.513  0.727   1.00 16.85 ? 779 ARG A NE  1 
ATOM   501  C CZ  . ARG A 1 64  ? 11.454  -4.302  -0.039  1.00 18.47 ? 779 ARG A CZ  1 
ATOM   502  N NH1 . ARG A 1 64  ? 10.153  -4.427  0.197   1.00 16.15 ? 779 ARG A NH1 1 
ATOM   503  N NH2 . ARG A 1 64  ? 12.009  -4.955  -1.050  1.00 17.59 ? 779 ARG A NH2 1 
ATOM   504  N N   . LYS A 1 65  ? 9.249   0.130   2.700   1.00 15.96 ? 780 LYS A N   1 
ATOM   505  C CA  . LYS A 1 65  ? 8.835   0.734   3.962   1.00 16.20 ? 780 LYS A CA  1 
ATOM   506  C C   . LYS A 1 65  ? 8.152   2.091   3.864   1.00 18.77 ? 780 LYS A C   1 
ATOM   507  O O   . LYS A 1 65  ? 8.149   2.855   4.830   1.00 19.98 ? 780 LYS A O   1 
ATOM   508  C CB  . LYS A 1 65  ? 10.036  0.841   4.911   1.00 17.99 ? 780 LYS A CB  1 
ATOM   509  C CG  . LYS A 1 65  ? 10.498  -0.503  5.485   1.00 17.93 ? 780 LYS A CG  1 
ATOM   510  C CD  . LYS A 1 65  ? 11.821  -0.367  6.236   1.00 18.91 ? 780 LYS A CD  1 
ATOM   511  C CE  . LYS A 1 65  ? 12.210  -1.677  6.913   1.00 20.04 ? 780 LYS A CE  1 
ATOM   512  N NZ  . LYS A 1 65  ? 13.562  -1.624  7.521   1.00 20.57 ? 780 LYS A NZ  1 
ATOM   513  N N   . GLU A 1 66  ? 7.576   2.407   2.710   1.00 15.06 ? 781 GLU A N   1 
ATOM   514  C CA  . GLU A 1 66  ? 6.881   3.678   2.592   1.00 15.88 ? 781 GLU A CA  1 
ATOM   515  C C   . GLU A 1 66  ? 5.926   3.757   1.417   1.00 14.30 ? 781 GLU A C   1 
ATOM   516  O O   . GLU A 1 66  ? 6.101   3.084   0.395   1.00 13.24 ? 781 GLU A O   1 
ATOM   517  C CB  . GLU A 1 66  ? 7.873   4.849   2.531   1.00 27.11 ? 781 GLU A CB  1 
ATOM   518  C CG  . GLU A 1 66  ? 8.782   4.877   1.326   1.00 29.46 ? 781 GLU A CG  1 
ATOM   519  C CD  . GLU A 1 66  ? 9.340   6.271   1.067   1.00 34.54 ? 781 GLU A CD  1 
ATOM   520  O OE1 . GLU A 1 66  ? 8.777   6.997   0.215   1.00 36.04 ? 781 GLU A OE1 1 
ATOM   521  O OE2 . GLU A 1 66  ? 10.328  6.647   1.726   1.00 32.94 ? 781 GLU A OE2 1 
ATOM   522  N N   . VAL A 1 67  ? 4.900   4.581   1.583   1.00 14.70 ? 782 VAL A N   1 
ATOM   523  C CA  . VAL A 1 67  ? 3.912   4.779   0.541   1.00 14.81 ? 782 VAL A CA  1 
ATOM   524  C C   . VAL A 1 67  ? 3.468   6.233   0.491   1.00 16.84 ? 782 VAL A C   1 
ATOM   525  O O   . VAL A 1 67  ? 3.323   6.897   1.521   1.00 16.72 ? 782 VAL A O   1 
ATOM   526  C CB  . VAL A 1 67  ? 2.677   3.869   0.752   1.00 17.06 ? 782 VAL A CB  1 
ATOM   527  C CG1 . VAL A 1 67  ? 2.040   4.148   2.104   1.00 17.58 ? 782 VAL A CG1 1 
ATOM   528  C CG2 . VAL A 1 67  ? 1.673   4.096   -0.371  1.00 19.73 ? 782 VAL A CG2 1 
ATOM   529  N N   . VAL A 1 68  ? 3.276   6.721   -0.725  1.00 20.01 ? 783 VAL A N   1 
ATOM   530  C CA  . VAL A 1 68  ? 2.827   8.081   -0.961  1.00 20.85 ? 783 VAL A CA  1 
ATOM   531  C C   . VAL A 1 68  ? 1.765   8.001   -2.045  1.00 21.64 ? 783 VAL A C   1 
ATOM   532  O O   . VAL A 1 68  ? 1.961   7.343   -3.065  1.00 20.13 ? 783 VAL A O   1 
ATOM   533  C CB  . VAL A 1 68  ? 3.980   8.994   -1.461  1.00 21.08 ? 783 VAL A CB  1 
ATOM   534  C CG1 . VAL A 1 68  ? 3.428   10.356  -1.872  1.00 23.23 ? 783 VAL A CG1 1 
ATOM   535  C CG2 . VAL A 1 68  ? 5.024   9.168   -0.365  1.00 22.56 ? 783 VAL A CG2 1 
ATOM   536  N N   . VAL A 1 69  ? 0.626   8.638   -1.797  1.00 20.32 ? 784 VAL A N   1 
ATOM   537  C CA  . VAL A 1 69  ? -0.466  8.675   -2.760  1.00 21.29 ? 784 VAL A CA  1 
ATOM   538  C C   . VAL A 1 69  ? -0.740  10.160  -2.988  1.00 22.61 ? 784 VAL A C   1 
ATOM   539  O O   . VAL A 1 69  ? -1.182  10.860  -2.080  1.00 22.87 ? 784 VAL A O   1 
ATOM   540  C CB  . VAL A 1 69  ? -1.722  7.972   -2.216  1.00 22.24 ? 784 VAL A CB  1 
ATOM   541  C CG1 . VAL A 1 69  ? -2.860  8.090   -3.218  1.00 23.96 ? 784 VAL A CG1 1 
ATOM   542  C CG2 . VAL A 1 69  ? -1.413  6.501   -1.947  1.00 22.34 ? 784 VAL A CG2 1 
ATOM   543  N N   . TYR A 1 70  ? -0.450  10.617  -4.207  1.00 27.56 ? 785 TYR A N   1 
ATOM   544  C CA  . TYR A 1 70  ? -0.586  12.015  -4.619  1.00 28.81 ? 785 TYR A CA  1 
ATOM   545  C C   . TYR A 1 70  ? 0.606   12.810  -4.096  1.00 30.57 ? 785 TYR A C   1 
ATOM   546  O O   . TYR A 1 70  ? 0.648   13.194  -2.929  1.00 32.81 ? 785 TYR A O   1 
ATOM   547  C CB  . TYR A 1 70  ? -1.890  12.642  -4.110  1.00 23.77 ? 785 TYR A CB  1 
ATOM   548  C CG  . TYR A 1 70  ? -3.129  12.045  -4.730  1.00 23.36 ? 785 TYR A CG  1 
ATOM   549  C CD1 . TYR A 1 70  ? -3.977  11.234  -3.986  1.00 23.16 ? 785 TYR A CD1 1 
ATOM   550  C CD2 . TYR A 1 70  ? -3.442  12.272  -6.070  1.00 24.29 ? 785 TYR A CD2 1 
ATOM   551  C CE1 . TYR A 1 70  ? -5.108  10.657  -4.552  1.00 22.90 ? 785 TYR A CE1 1 
ATOM   552  C CE2 . TYR A 1 70  ? -4.572  11.699  -6.651  1.00 23.25 ? 785 TYR A CE2 1 
ATOM   553  C CZ  . TYR A 1 70  ? -5.401  10.892  -5.882  1.00 23.96 ? 785 TYR A CZ  1 
ATOM   554  O OH  . TYR A 1 70  ? -6.517  10.307  -6.439  1.00 23.92 ? 785 TYR A OH  1 
ATOM   555  N N   . LEU A 1 71  ? 1.582   13.034  -4.969  1.00 32.93 ? 786 LEU A N   1 
ATOM   556  C CA  . LEU A 1 71  ? 2.776   13.786  -4.609  1.00 35.27 ? 786 LEU A CA  1 
ATOM   557  C C   . LEU A 1 71  ? 2.431   15.216  -4.202  1.00 36.19 ? 786 LEU A C   1 
ATOM   558  O O   . LEU A 1 71  ? 3.098   15.797  -3.346  1.00 37.81 ? 786 LEU A O   1 
ATOM   559  C CB  . LEU A 1 71  ? 3.758   13.812  -5.781  1.00 32.15 ? 786 LEU A CB  1 
ATOM   560  C CG  . LEU A 1 71  ? 4.369   12.472  -6.205  1.00 33.64 ? 786 LEU A CG  1 
ATOM   561  C CD1 . LEU A 1 71  ? 5.208   12.659  -7.465  1.00 32.72 ? 786 LEU A CD1 1 
ATOM   562  C CD2 . LEU A 1 71  ? 5.217   11.917  -5.073  1.00 31.27 ? 786 LEU A CD2 1 
ATOM   563  N N   . LYS A 1 76  ? -4.147  16.839  -5.396  1.00 47.31 ? 791 LYS A N   1 
ATOM   564  C CA  . LYS A 1 76  ? -4.780  15.865  -4.511  1.00 46.96 ? 791 LYS A CA  1 
ATOM   565  C C   . LYS A 1 76  ? -6.243  16.202  -4.248  1.00 46.48 ? 791 LYS A C   1 
ATOM   566  O O   . LYS A 1 76  ? -6.559  17.264  -3.711  1.00 45.86 ? 791 LYS A O   1 
ATOM   567  C CB  . LYS A 1 76  ? -4.040  15.795  -3.175  1.00 44.10 ? 791 LYS A CB  1 
ATOM   568  C CG  . LYS A 1 76  ? -4.746  14.922  -2.144  1.00 45.08 ? 791 LYS A CG  1 
ATOM   569  C CD  . LYS A 1 76  ? -4.040  14.942  -0.801  1.00 46.68 ? 791 LYS A CD  1 
ATOM   570  C CE  . LYS A 1 76  ? -2.669  14.306  -0.886  1.00 46.77 ? 791 LYS A CE  1 
ATOM   571  N NZ  . LYS A 1 76  ? -2.019  14.257  0.453   1.00 48.94 ? 791 LYS A NZ  1 
ATOM   572  N N   . PRO A 1 77  ? -7.155  15.288  -4.611  1.00 39.31 ? 792 PRO A N   1 
ATOM   573  C CA  . PRO A 1 77  ? -8.595  15.486  -4.415  1.00 39.13 ? 792 PRO A CA  1 
ATOM   574  C C   . PRO A 1 77  ? -9.001  15.464  -2.944  1.00 38.66 ? 792 PRO A C   1 
ATOM   575  O O   . PRO A 1 77  ? -8.254  14.981  -2.091  1.00 38.49 ? 792 PRO A O   1 
ATOM   576  C CB  . PRO A 1 77  ? -9.207  14.332  -5.203  1.00 40.07 ? 792 PRO A CB  1 
ATOM   577  C CG  . PRO A 1 77  ? -8.194  13.247  -5.025  1.00 39.99 ? 792 PRO A CG  1 
ATOM   578  C CD  . PRO A 1 77  ? -6.889  13.981  -5.241  1.00 39.95 ? 792 PRO A CD  1 
ATOM   579  N N   . PRO A 1 78  ? -10.189 16.004  -2.626  1.00 41.76 ? 793 PRO A N   1 
ATOM   580  C CA  . PRO A 1 78  ? -10.662 16.022  -1.237  1.00 41.37 ? 793 PRO A CA  1 
ATOM   581  C C   . PRO A 1 78  ? -10.812 14.594  -0.707  1.00 40.13 ? 793 PRO A C   1 
ATOM   582  O O   . PRO A 1 78  ? -10.931 13.648  -1.490  1.00 40.31 ? 793 PRO A O   1 
ATOM   583  C CB  . PRO A 1 78  ? -12.008 16.740  -1.339  1.00 42.69 ? 793 PRO A CB  1 
ATOM   584  C CG  . PRO A 1 78  ? -11.818 17.651  -2.517  1.00 42.89 ? 793 PRO A CG  1 
ATOM   585  C CD  . PRO A 1 78  ? -11.111 16.751  -3.500  1.00 42.90 ? 793 PRO A CD  1 
ATOM   586  N N   . VAL A 1 79  ? -10.804 14.441  0.613   1.00 37.56 ? 794 VAL A N   1 
ATOM   587  C CA  . VAL A 1 79  ? -10.952 13.121  1.219   1.00 36.21 ? 794 VAL A CA  1 
ATOM   588  C C   . VAL A 1 79  ? -12.246 12.468  0.739   1.00 36.19 ? 794 VAL A C   1 
ATOM   589  O O   . VAL A 1 79  ? -13.322 13.062  0.817   1.00 36.68 ? 794 VAL A O   1 
ATOM   590  C CB  . VAL A 1 79  ? -10.983 13.209  2.762   1.00 36.48 ? 794 VAL A CB  1 
ATOM   591  C CG1 . VAL A 1 79  ? -11.290 11.842  3.358   1.00 36.82 ? 794 VAL A CG1 1 
ATOM   592  C CG2 . VAL A 1 79  ? -9.654  13.724  3.280   1.00 36.48 ? 794 VAL A CG2 1 
ATOM   593  N N   . GLY A 1 80  ? -12.136 11.243  0.239   1.00 36.46 ? 795 GLY A N   1 
ATOM   594  C CA  . GLY A 1 80  ? -13.308 10.536  -0.243  1.00 35.59 ? 795 GLY A CA  1 
ATOM   595  C C   . GLY A 1 80  ? -13.335 10.471  -1.755  1.00 35.17 ? 795 GLY A C   1 
ATOM   596  O O   . GLY A 1 80  ? -14.059 9.667   -2.341  1.00 36.47 ? 795 GLY A O   1 
ATOM   597  N N   . GLU A 1 81  ? -12.536 11.321  -2.389  1.00 35.76 ? 796 GLU A N   1 
ATOM   598  C CA  . GLU A 1 81  ? -12.468 11.361  -3.844  1.00 34.86 ? 796 GLU A CA  1 
ATOM   599  C C   . GLU A 1 81  ? -11.180 10.717  -4.344  1.00 33.96 ? 796 GLU A C   1 
ATOM   600  O O   . GLU A 1 81  ? -10.162 10.736  -3.652  1.00 34.38 ? 796 GLU A O   1 
ATOM   601  C CB  . GLU A 1 81  ? -12.553 12.811  -4.335  1.00 40.63 ? 796 GLU A CB  1 
ATOM   602  C CG  . GLU A 1 81  ? -13.851 13.502  -3.974  0.00 20.00 ? 796 GLU A CG  1 
ATOM   603  C CD  . GLU A 1 81  ? -13.910 14.930  -4.480  0.00 20.00 ? 796 GLU A CD  1 
ATOM   604  O OE1 . GLU A 1 81  ? -12.940 15.369  -5.134  0.00 20.00 ? 796 GLU A OE1 1 
ATOM   605  O OE2 . GLU A 1 81  ? -14.926 15.611  -4.223  0.00 20.00 ? 796 GLU A OE2 1 
ATOM   606  N N   . GLY A 1 82  ? -11.234 10.150  -5.546  1.00 31.43 ? 797 GLY A N   1 
ATOM   607  C CA  . GLY A 1 82  ? -10.067 9.509   -6.119  1.00 30.20 ? 797 GLY A CA  1 
ATOM   608  C C   . GLY A 1 82  ? -9.533  8.418   -5.215  1.00 28.76 ? 797 GLY A C   1 
ATOM   609  O O   . GLY A 1 82  ? -10.293 7.593   -4.705  1.00 28.20 ? 797 GLY A O   1 
ATOM   610  N N   . LEU A 1 83  ? -8.221  8.413   -5.014  1.00 27.70 ? 798 LEU A N   1 
ATOM   611  C CA  . LEU A 1 83  ? -7.599  7.416   -4.161  1.00 26.36 ? 798 LEU A CA  1 
ATOM   612  C C   . LEU A 1 83  ? -7.267  8.002   -2.798  1.00 25.64 ? 798 LEU A C   1 
ATOM   613  O O   . LEU A 1 83  ? -6.632  7.349   -1.972  1.00 25.38 ? 798 LEU A O   1 
ATOM   614  C CB  . LEU A 1 83  ? -6.333  6.861   -4.819  1.00 24.30 ? 798 LEU A CB  1 
ATOM   615  C CG  . LEU A 1 83  ? -6.558  6.122   -6.139  1.00 23.50 ? 798 LEU A CG  1 
ATOM   616  C CD1 . LEU A 1 83  ? -5.248  5.504   -6.592  1.00 22.35 ? 798 LEU A CD1 1 
ATOM   617  C CD2 . LEU A 1 83  ? -7.617  5.040   -5.965  1.00 22.05 ? 798 LEU A CD2 1 
ATOM   618  N N   . ASN A 1 84  ? -7.688  9.241   -2.564  1.00 28.47 ? 799 ASN A N   1 
ATOM   619  C CA  . ASN A 1 84  ? -7.444  9.872   -1.276  1.00 29.05 ? 799 ASN A CA  1 
ATOM   620  C C   . ASN A 1 84  ? -8.658  9.594   -0.407  1.00 29.29 ? 799 ASN A C   1 
ATOM   621  O O   . ASN A 1 84  ? -9.442  10.494  -0.094  1.00 29.56 ? 799 ASN A O   1 
ATOM   622  C CB  . ASN A 1 84  ? -7.237  11.377  -1.428  1.00 28.11 ? 799 ASN A CB  1 
ATOM   623  C CG  . ASN A 1 84  ? -6.971  12.055  -0.101  1.00 28.92 ? 799 ASN A CG  1 
ATOM   624  O OD1 . ASN A 1 84  ? -6.426  11.441  0.820   1.00 26.05 ? 799 ASN A OD1 1 
ATOM   625  N ND2 . ASN A 1 84  ? -7.339  13.328  0.003   1.00 27.89 ? 799 ASN A ND2 1 
ATOM   626  N N   . ARG A 1 85  ? -8.798  8.327   -0.027  1.00 25.34 ? 800 ARG A N   1 
ATOM   627  C CA  . ARG A 1 85  ? -9.916  7.863   0.778   1.00 24.37 ? 800 ARG A CA  1 
ATOM   628  C C   . ARG A 1 85  ? -9.488  6.693   1.651   1.00 24.63 ? 800 ARG A C   1 
ATOM   629  O O   . ARG A 1 85  ? -8.329  6.281   1.633   1.00 23.18 ? 800 ARG A O   1 
ATOM   630  C CB  . ARG A 1 85  ? -11.053 7.409   -0.135  1.00 23.41 ? 800 ARG A CB  1 
ATOM   631  C CG  . ARG A 1 85  ? -10.567 6.578   -1.314  1.00 24.57 ? 800 ARG A CG  1 
ATOM   632  C CD  . ARG A 1 85  ? -11.581 5.528   -1.716  1.00 25.47 ? 800 ARG A CD  1 
ATOM   633  N NE  . ARG A 1 85  ? -11.638 4.439   -0.744  1.00 24.93 ? 800 ARG A NE  1 
ATOM   634  C CZ  . ARG A 1 85  ? -12.446 3.391   -0.848  1.00 25.21 ? 800 ARG A CZ  1 
ATOM   635  N NH1 . ARG A 1 85  ? -13.271 3.296   -1.882  1.00 24.46 ? 800 ARG A NH1 1 
ATOM   636  N NH2 . ARG A 1 85  ? -12.418 2.432   0.069   1.00 24.30 ? 800 ARG A NH2 1 
ATOM   637  N N   . LYS A 1 86  ? -10.440 6.159   2.407   1.00 22.40 ? 801 LYS A N   1 
ATOM   638  C CA  . LYS A 1 86  ? -10.182 5.030   3.288   1.00 22.97 ? 801 LYS A CA  1 
ATOM   639  C C   . LYS A 1 86  ? -9.573  3.882   2.491   1.00 20.53 ? 801 LYS A C   1 
ATOM   640  O O   . LYS A 1 86  ? -10.021 3.566   1.388   1.00 19.64 ? 801 LYS A O   1 
ATOM   641  C CB  . LYS A 1 86  ? -11.487 4.587   3.959   1.00 59.07 ? 801 LYS A CB  1 
ATOM   642  C CG  . LYS A 1 86  ? -11.742 3.091   3.941   1.00 55.79 ? 801 LYS A CG  1 
ATOM   643  C CD  . LYS A 1 86  ? -13.157 2.784   4.401   1.00 55.79 ? 801 LYS A CD  1 
ATOM   644  C CE  . LYS A 1 86  ? -13.568 1.371   4.023   1.00 55.79 ? 801 LYS A CE  1 
ATOM   645  N NZ  . LYS A 1 86  ? -15.000 1.127   4.351   1.00 55.79 ? 801 LYS A NZ  1 
ATOM   646  N N   . ALA A 1 87  ? -8.545  3.262   3.054   1.00 19.89 ? 802 ALA A N   1 
ATOM   647  C CA  . ALA A 1 87  ? -7.877  2.159   2.390   1.00 18.00 ? 802 ALA A CA  1 
ATOM   648  C C   . ALA A 1 87  ? -7.025  1.376   3.369   1.00 18.74 ? 802 ALA A C   1 
ATOM   649  O O   . ALA A 1 87  ? -6.701  1.856   4.458   1.00 18.07 ? 802 ALA A O   1 
ATOM   650  C CB  . ALA A 1 87  ? -6.994  2.689   1.265   1.00 20.98 ? 802 ALA A CB  1 
ATOM   651  N N   . GLU A 1 88  ? -6.670  0.161   2.971   1.00 15.95 ? 803 GLU A N   1 
ATOM   652  C CA  . GLU A 1 88  ? -5.814  -0.673  3.797   1.00 15.68 ? 803 GLU A CA  1 
ATOM   653  C C   . GLU A 1 88  ? -4.477  -0.800  3.082   1.00 14.95 ? 803 GLU A C   1 
ATOM   654  O O   . GLU A 1 88  ? -4.405  -1.321  1.967   1.00 13.33 ? 803 GLU A O   1 
ATOM   655  C CB  . GLU A 1 88  ? -6.410  -2.063  3.996   1.00 19.61 ? 803 GLU A CB  1 
ATOM   656  C CG  . GLU A 1 88  ? -5.457  -2.991  4.719   1.00 21.84 ? 803 GLU A CG  1 
ATOM   657  C CD  . GLU A 1 88  ? -5.962  -4.413  4.775   1.00 25.30 ? 803 GLU A CD  1 
ATOM   658  O OE1 . GLU A 1 88  ? -6.693  -4.744  5.736   1.00 23.50 ? 803 GLU A OE1 1 
ATOM   659  O OE2 . GLU A 1 88  ? -5.636  -5.187  3.846   1.00 21.94 ? 803 GLU A OE2 1 
ATOM   660  N N   . VAL A 1 89  ? -3.426  -0.315  3.727   1.00 14.71 ? 804 VAL A N   1 
ATOM   661  C CA  . VAL A 1 89  ? -2.091  -0.366  3.158   1.00 15.23 ? 804 VAL A CA  1 
ATOM   662  C C   . VAL A 1 89  ? -1.315  -1.542  3.711   1.00 15.19 ? 804 VAL A C   1 
ATOM   663  O O   . VAL A 1 89  ? -1.401  -1.850  4.900   1.00 12.42 ? 804 VAL A O   1 
ATOM   664  C CB  . VAL A 1 89  ? -1.272  0.905   3.496   1.00 13.87 ? 804 VAL A CB  1 
ATOM   665  C CG1 . VAL A 1 89  ? 0.159   0.745   3.013   1.00 16.46 ? 804 VAL A CG1 1 
ATOM   666  C CG2 . VAL A 1 89  ? -1.908  2.129   2.858   1.00 16.85 ? 804 VAL A CG2 1 
ATOM   667  N N   . THR A 1 90  ? -0.563  -2.194  2.835   1.00 12.25 ? 805 THR A N   1 
ATOM   668  C CA  . THR A 1 90  ? 0.290   -3.292  3.244   1.00 12.98 ? 805 THR A CA  1 
ATOM   669  C C   . THR A 1 90  ? 1.678   -2.991  2.687   1.00 13.03 ? 805 THR A C   1 
ATOM   670  O O   . THR A 1 90  ? 1.837   -2.760  1.486   1.00 11.47 ? 805 THR A O   1 
ATOM   671  C CB  . THR A 1 90  ? -0.173  -4.649  2.681   1.00 17.30 ? 805 THR A CB  1 
ATOM   672  O OG1 . THR A 1 90  ? -1.452  -4.992  3.228   1.00 17.58 ? 805 THR A OG1 1 
ATOM   673  C CG2 . THR A 1 90  ? 0.837   -5.741  3.052   1.00 15.97 ? 805 THR A CG2 1 
ATOM   674  N N   . LEU A 1 91  ? 2.674   -2.950  3.567   1.00 12.96 ? 806 LEU A N   1 
ATOM   675  C CA  . LEU A 1 91  ? 4.051   -2.727  3.140   1.00 13.14 ? 806 LEU A CA  1 
ATOM   676  C C   . LEU A 1 91  ? 4.750   -4.055  3.407   1.00 13.50 ? 806 LEU A C   1 
ATOM   677  O O   . LEU A 1 91  ? 4.729   -4.556  4.534   1.00 12.75 ? 806 LEU A O   1 
ATOM   678  C CB  . LEU A 1 91  ? 4.690   -1.591  3.943   1.00 15.65 ? 806 LEU A CB  1 
ATOM   679  C CG  . LEU A 1 91  ? 4.141   -0.211  3.566   1.00 14.87 ? 806 LEU A CG  1 
ATOM   680  C CD1 . LEU A 1 91  ? 4.650   0.852   4.531   1.00 15.91 ? 806 LEU A CD1 1 
ATOM   681  C CD2 . LEU A 1 91  ? 4.567   0.118   2.140   1.00 17.27 ? 806 LEU A CD2 1 
ATOM   682  N N   . ASP A 1 92  ? 5.341   -4.629  2.364   1.00 13.73 ? 807 ASP A N   1 
ATOM   683  C CA  . ASP A 1 92  ? 6.004   -5.924  2.467   1.00 14.24 ? 807 ASP A CA  1 
ATOM   684  C C   . ASP A 1 92  ? 7.508   -5.829  2.638   1.00 15.48 ? 807 ASP A C   1 
ATOM   685  O O   . ASP A 1 92  ? 8.113   -4.789  2.363   1.00 13.68 ? 807 ASP A O   1 
ATOM   686  C CB  . ASP A 1 92  ? 5.697   -6.765  1.227   1.00 15.16 ? 807 ASP A CB  1 
ATOM   687  C CG  . ASP A 1 92  ? 4.213   -6.975  1.024   1.00 20.07 ? 807 ASP A CG  1 
ATOM   688  O OD1 . ASP A 1 92  ? 3.549   -7.486  1.950   1.00 16.80 ? 807 ASP A OD1 1 
ATOM   689  O OD2 . ASP A 1 92  ? 3.711   -6.627  -0.064  1.00 17.77 ? 807 ASP A OD2 1 
ATOM   690  N N   . GLY A 1 93  ? 8.103   -6.930  3.088   1.00 15.92 ? 808 GLY A N   1 
ATOM   691  C CA  . GLY A 1 93  ? 9.540   -6.964  3.290   1.00 16.00 ? 808 GLY A CA  1 
ATOM   692  C C   . GLY A 1 93  ? 10.022  -5.942  4.303   1.00 17.20 ? 808 GLY A C   1 
ATOM   693  O O   . GLY A 1 93  ? 11.119  -5.400  4.179   1.00 16.43 ? 808 GLY A O   1 
ATOM   694  N N   . VAL A 1 94  ? 9.196   -5.668  5.306   1.00 12.57 ? 809 VAL A N   1 
ATOM   695  C CA  . VAL A 1 94  ? 9.558   -4.724  6.351   1.00 13.65 ? 809 VAL A CA  1 
ATOM   696  C C   . VAL A 1 94  ? 10.201  -5.532  7.478   1.00 13.73 ? 809 VAL A C   1 
ATOM   697  O O   . VAL A 1 94  ? 9.509   -6.162  8.283   1.00 13.58 ? 809 VAL A O   1 
ATOM   698  C CB  . VAL A 1 94  ? 8.314   -3.973  6.872   1.00 14.52 ? 809 VAL A CB  1 
ATOM   699  C CG1 . VAL A 1 94  ? 8.713   -2.930  7.915   1.00 15.35 ? 809 VAL A CG1 1 
ATOM   700  C CG2 . VAL A 1 94  ? 7.590   -3.311  5.696   1.00 15.21 ? 809 VAL A CG2 1 
ATOM   701  N N   . TRP A 1 95  ? 11.531  -5.532  7.497   1.00 14.02 ? 810 TRP A N   1 
ATOM   702  C CA  . TRP A 1 95  ? 12.313  -6.248  8.497   1.00 14.73 ? 810 TRP A CA  1 
ATOM   703  C C   . TRP A 1 95  ? 13.430  -5.337  9.012   1.00 16.43 ? 810 TRP A C   1 
ATOM   704  O O   . TRP A 1 95  ? 13.975  -4.527  8.264   1.00 15.71 ? 810 TRP A O   1 
ATOM   705  C CB  . TRP A 1 95  ? 12.960  -7.501  7.895   1.00 16.09 ? 810 TRP A CB  1 
ATOM   706  C CG  . TRP A 1 95  ? 12.009  -8.601  7.523   1.00 17.36 ? 810 TRP A CG  1 
ATOM   707  C CD1 . TRP A 1 95  ? 11.195  -9.309  8.368   1.00 18.24 ? 810 TRP A CD1 1 
ATOM   708  C CD2 . TRP A 1 95  ? 11.799  -9.143  6.215   1.00 16.74 ? 810 TRP A CD2 1 
ATOM   709  N NE1 . TRP A 1 95  ? 10.495  -10.258 7.663   1.00 16.82 ? 810 TRP A NE1 1 
ATOM   710  C CE2 . TRP A 1 95  ? 10.843  -10.177 6.339   1.00 17.67 ? 810 TRP A CE2 1 
ATOM   711  C CE3 . TRP A 1 95  ? 12.321  -8.852  4.948   1.00 18.23 ? 810 TRP A CE3 1 
ATOM   712  C CZ2 . TRP A 1 95  ? 10.406  -10.929 5.242   1.00 15.65 ? 810 TRP A CZ2 1 
ATOM   713  C CZ3 . TRP A 1 95  ? 11.886  -9.600  3.855   1.00 16.24 ? 810 TRP A CZ3 1 
ATOM   714  C CH2 . TRP A 1 95  ? 10.933  -10.625 4.013   1.00 17.88 ? 810 TRP A CH2 1 
ATOM   715  N N   . PRO A 1 96  ? 13.788  -5.468  10.298  1.00 21.13 ? 811 PRO A N   1 
ATOM   716  C CA  . PRO A 1 96  ? 14.852  -4.642  10.872  1.00 21.02 ? 811 PRO A CA  1 
ATOM   717  C C   . PRO A 1 96  ? 16.228  -5.196  10.496  1.00 22.69 ? 811 PRO A C   1 
ATOM   718  O O   . PRO A 1 96  ? 16.337  -6.289  9.932   1.00 22.30 ? 811 PRO A O   1 
ATOM   719  C CB  . PRO A 1 96  ? 14.575  -4.723  12.368  1.00 20.19 ? 811 PRO A CB  1 
ATOM   720  C CG  . PRO A 1 96  ? 14.077  -6.126  12.528  1.00 19.08 ? 811 PRO A CG  1 
ATOM   721  C CD  . PRO A 1 96  ? 13.154  -6.310  11.332  1.00 18.23 ? 811 PRO A CD  1 
ATOM   722  N N   . THR A 1 97  ? 17.275  -4.441  10.808  1.00 19.87 ? 812 THR A N   1 
ATOM   723  C CA  . THR A 1 97  ? 18.638  -4.857  10.493  1.00 20.36 ? 812 THR A CA  1 
ATOM   724  C C   . THR A 1 97  ? 19.419  -5.198  11.760  1.00 21.63 ? 812 THR A C   1 
ATOM   725  O O   . THR A 1 97  ? 19.348  -4.479  12.751  1.00 22.62 ? 812 THR A O   1 
ATOM   726  C CB  . THR A 1 97  ? 19.388  -3.740  9.733   1.00 24.83 ? 812 THR A CB  1 
ATOM   727  O OG1 . THR A 1 97  ? 18.726  -3.489  8.488   1.00 25.63 ? 812 THR A OG1 1 
ATOM   728  C CG2 . THR A 1 97  ? 20.832  -4.141  9.462   1.00 24.27 ? 812 THR A CG2 1 
ATOM   729  N N   . ASP A 1 98  ? 20.155  -6.302  11.725  1.00 20.90 ? 813 ASP A N   1 
ATOM   730  C CA  . ASP A 1 98  ? 20.957  -6.715  12.874  1.00 24.59 ? 813 ASP A CA  1 
ATOM   731  C C   . ASP A 1 98  ? 22.113  -5.721  13.036  1.00 25.83 ? 813 ASP A C   1 
ATOM   732  O O   . ASP A 1 98  ? 22.949  -5.580  12.149  1.00 25.13 ? 813 ASP A O   1 
ATOM   733  C CB  . ASP A 1 98  ? 21.497  -8.129  12.654  1.00 32.54 ? 813 ASP A CB  1 
ATOM   734  C CG  . ASP A 1 98  ? 22.369  -8.606  13.800  1.00 36.67 ? 813 ASP A CG  1 
ATOM   735  O OD1 . ASP A 1 98  ? 23.437  -8.000  14.029  1.00 35.49 ? 813 ASP A OD1 1 
ATOM   736  O OD2 . ASP A 1 98  ? 21.985  -9.586  14.471  1.00 38.44 ? 813 ASP A OD2 1 
ATOM   737  N N   . LYS A 1 99  ? 22.150  -5.037  14.175  1.00 40.00 ? 814 LYS A N   1 
ATOM   738  C CA  . LYS A 1 99  ? 23.165  -4.027  14.453  1.00 42.40 ? 814 LYS A CA  1 
ATOM   739  C C   . LYS A 1 99  ? 24.601  -4.495  14.236  1.00 44.16 ? 814 LYS A C   1 
ATOM   740  O O   . LYS A 1 99  ? 25.444  -3.711  13.799  1.00 45.74 ? 814 LYS A O   1 
ATOM   741  C CB  . LYS A 1 99  ? 23.001  -3.515  15.885  1.00 40.75 ? 814 LYS A CB  1 
ATOM   742  C CG  . LYS A 1 99  ? 21.622  -2.877  16.151  0.00 20.00 ? 814 LYS A CG  1 
ATOM   743  C CD  . LYS A 1 99  ? 21.582  -2.194  17.507  0.00 20.00 ? 814 LYS A CD  1 
ATOM   744  C CE  . LYS A 1 99  ? 20.217  -1.581  17.775  0.00 20.00 ? 814 LYS A CE  1 
ATOM   745  N NZ  . LYS A 1 99  ? 20.163  -0.902  19.099  0.00 20.00 ? 814 LYS A NZ  1 
ATOM   746  N N   . THR A 1 100 ? 24.880  -5.765  14.521  1.00 39.14 ? 815 THR A N   1 
ATOM   747  C CA  . THR A 1 100 ? 26.233  -6.293  14.369  1.00 39.65 ? 815 THR A CA  1 
ATOM   748  C C   . THR A 1 100 ? 26.553  -6.819  12.973  1.00 38.17 ? 815 THR A C   1 
ATOM   749  O O   . THR A 1 100 ? 27.520  -6.381  12.348  1.00 39.59 ? 815 THR A O   1 
ATOM   750  C CB  . THR A 1 100 ? 26.490  -7.420  15.387  1.00 42.63 ? 815 THR A CB  1 
ATOM   751  O OG1 . THR A 1 100 ? 26.266  -6.923  16.710  1.00 44.63 ? 815 THR A OG1 1 
ATOM   752  C CG2 . THR A 1 100 ? 27.924  -7.919  15.282  1.00 43.65 ? 815 THR A CG2 1 
ATOM   753  N N   . SER A 1 101 ? 25.750  -7.759  12.485  1.00 30.39 ? 816 SER A N   1 
ATOM   754  C CA  . SER A 1 101 ? 25.974  -8.341  11.165  1.00 28.70 ? 816 SER A CA  1 
ATOM   755  C C   . SER A 1 101 ? 25.537  -7.418  10.030  1.00 27.02 ? 816 SER A C   1 
ATOM   756  O O   . SER A 1 101 ? 25.986  -7.563  8.894   1.00 26.26 ? 816 SER A O   1 
ATOM   757  C CB  . SER A 1 101 ? 25.212  -9.658  11.033  1.00 33.53 ? 816 SER A CB  1 
ATOM   758  O OG  . SER A 1 101 ? 23.820  -9.420  10.915  1.00 32.88 ? 816 SER A OG  1 
ATOM   759  N N   . ARG A 1 102 ? 24.658  -6.476  10.345  1.00 29.32 ? 817 ARG A N   1 
ATOM   760  C CA  . ARG A 1 102 ? 24.134  -5.551  9.348   1.00 30.44 ? 817 ARG A CA  1 
ATOM   761  C C   . ARG A 1 102 ? 23.334  -6.315  8.299   1.00 28.63 ? 817 ARG A C   1 
ATOM   762  O O   . ARG A 1 102 ? 23.225  -5.879  7.155   1.00 28.69 ? 817 ARG A O   1 
ATOM   763  C CB  . ARG A 1 102 ? 25.269  -4.773  8.670   1.00 35.70 ? 817 ARG A CB  1 
ATOM   764  C CG  . ARG A 1 102 ? 26.037  -3.843  9.597   1.00 39.56 ? 817 ARG A CG  1 
ATOM   765  C CD  . ARG A 1 102 ? 25.109  -2.874  10.316  1.00 41.48 ? 817 ARG A CD  1 
ATOM   766  N NE  . ARG A 1 102 ? 24.291  -2.098  9.390   1.00 43.49 ? 817 ARG A NE  1 
ATOM   767  C CZ  . ARG A 1 102 ? 23.366  -1.218  9.765   1.00 43.88 ? 817 ARG A CZ  1 
ATOM   768  N NH1 . ARG A 1 102 ? 23.141  -0.997  11.055  1.00 45.07 ? 817 ARG A NH1 1 
ATOM   769  N NH2 . ARG A 1 102 ? 22.657  -0.564  8.850   1.00 42.28 ? 817 ARG A NH2 1 
ATOM   770  N N   . CYS A 1 103 ? 22.790  -7.466  8.685   1.00 25.66 ? 818 CYS A N   1 
ATOM   771  C CA  . CYS A 1 103 ? 21.975  -8.264  7.773   1.00 24.73 ? 818 CYS A CA  1 
ATOM   772  C C   . CYS A 1 103 ? 20.529  -8.197  8.243   1.00 22.46 ? 818 CYS A C   1 
ATOM   773  O O   . CYS A 1 103 ? 20.265  -7.923  9.414   1.00 21.03 ? 818 CYS A O   1 
ATOM   774  C CB  . CYS A 1 103 ? 22.450  -9.718  7.749   1.00 30.11 ? 818 CYS A CB  1 
ATOM   775  S SG  . CYS A 1 103 ? 24.043  -9.953  6.922   1.00 34.60 ? 818 CYS A SG  1 
ATOM   776  N N   . LEU A 1 104 ? 19.587  -8.443  7.338   1.00 23.35 ? 819 LEU A N   1 
ATOM   777  C CA  . LEU A 1 104 ? 18.184  -8.383  7.721   1.00 21.83 ? 819 LEU A CA  1 
ATOM   778  C C   . LEU A 1 104 ? 17.840  -9.484  8.713   1.00 21.25 ? 819 LEU A C   1 
ATOM   779  O O   . LEU A 1 104 ? 18.474  -10.535 8.733   1.00 20.42 ? 819 LEU A O   1 
ATOM   780  C CB  . LEU A 1 104 ? 17.278  -8.514  6.494   1.00 24.99 ? 819 LEU A CB  1 
ATOM   781  C CG  . LEU A 1 104 ? 16.997  -9.913  5.944   1.00 24.23 ? 819 LEU A CG  1 
ATOM   782  C CD1 . LEU A 1 104 ? 15.929  -9.804  4.864   1.00 27.19 ? 819 LEU A CD1 1 
ATOM   783  C CD2 . LEU A 1 104 ? 18.268  -10.547 5.389   1.00 24.58 ? 819 LEU A CD2 1 
ATOM   784  N N   . ILE A 1 105 ? 16.831  -9.226  9.536   1.00 21.10 ? 820 ILE A N   1 
ATOM   785  C CA  . ILE A 1 105 ? 16.363  -10.188 10.524  1.00 20.36 ? 820 ILE A CA  1 
ATOM   786  C C   . ILE A 1 105 ? 14.991  -10.686 10.078  1.00 20.90 ? 820 ILE A C   1 
ATOM   787  O O   . ILE A 1 105 ? 14.005  -9.948  10.145  1.00 18.97 ? 820 ILE A O   1 
ATOM   788  C CB  . ILE A 1 105 ? 16.227  -9.533  11.914  1.00 19.74 ? 820 ILE A CB  1 
ATOM   789  C CG1 . ILE A 1 105 ? 17.591  -9.032  12.392  1.00 19.51 ? 820 ILE A CG1 1 
ATOM   790  C CG2 . ILE A 1 105 ? 15.635  -10.532 12.908  1.00 16.65 ? 820 ILE A CG2 1 
ATOM   791  C CD1 . ILE A 1 105 ? 17.536  -8.268  13.708  1.00 20.34 ? 820 ILE A CD1 1 
ATOM   792  N N   . LYS A 1 106 ? 14.934  -11.929 9.606   1.00 19.43 ? 821 LYS A N   1 
ATOM   793  C CA  . LYS A 1 106 ? 13.677  -12.512 9.154   1.00 19.67 ? 821 LYS A CA  1 
ATOM   794  C C   . LYS A 1 106 ? 13.128  -13.539 10.137  1.00 20.08 ? 821 LYS A C   1 
ATOM   795  O O   . LYS A 1 106 ? 11.995  -13.994 9.995   1.00 16.45 ? 821 LYS A O   1 
ATOM   796  C CB  . LYS A 1 106 ? 13.851  -13.170 7.782   1.00 21.13 ? 821 LYS A CB  1 
ATOM   797  C CG  . LYS A 1 106 ? 14.163  -12.193 6.657   1.00 21.19 ? 821 LYS A CG  1 
ATOM   798  C CD  . LYS A 1 106 ? 13.709  -12.730 5.301   1.00 20.17 ? 821 LYS A CD  1 
ATOM   799  C CE  . LYS A 1 106 ? 14.409  -14.030 4.939   1.00 22.37 ? 821 LYS A CE  1 
ATOM   800  N NZ  . LYS A 1 106 ? 13.872  -14.599 3.673   1.00 20.58 ? 821 LYS A NZ  1 
ATOM   801  N N   . SER A 1 107 ? 13.931  -13.910 11.130  1.00 20.89 ? 822 SER A N   1 
ATOM   802  C CA  . SER A 1 107 ? 13.493  -14.893 12.117  1.00 21.18 ? 822 SER A CA  1 
ATOM   803  C C   . SER A 1 107 ? 12.275  -14.446 12.923  1.00 19.47 ? 822 SER A C   1 
ATOM   804  O O   . SER A 1 107 ? 12.329  -13.458 13.660  1.00 18.74 ? 822 SER A O   1 
ATOM   805  C CB  . SER A 1 107 ? 14.629  -15.219 13.087  1.00 26.38 ? 822 SER A CB  1 
ATOM   806  O OG  . SER A 1 107 ? 14.130  -15.928 14.209  1.00 26.91 ? 822 SER A OG  1 
ATOM   807  N N   . PRO A 1 108 ? 11.154  -15.174 12.797  1.00 17.61 ? 823 PRO A N   1 
ATOM   808  C CA  . PRO A 1 108 ? 9.948   -14.810 13.544  1.00 18.79 ? 823 PRO A CA  1 
ATOM   809  C C   . PRO A 1 108 ? 10.209  -14.745 15.049  1.00 18.89 ? 823 PRO A C   1 
ATOM   810  O O   . PRO A 1 108 ? 9.729   -13.836 15.730  1.00 17.73 ? 823 PRO A O   1 
ATOM   811  C CB  . PRO A 1 108 ? 8.968   -15.916 13.159  1.00 20.59 ? 823 PRO A CB  1 
ATOM   812  C CG  . PRO A 1 108 ? 9.345   -16.187 11.736  1.00 19.16 ? 823 PRO A CG  1 
ATOM   813  C CD  . PRO A 1 108 ? 10.859  -16.229 11.809  1.00 19.71 ? 823 PRO A CD  1 
ATOM   814  N N   . ASP A 1 109 ? 10.980  -15.701 15.564  1.00 22.02 ? 824 ASP A N   1 
ATOM   815  C CA  . ASP A 1 109 ? 11.293  -15.717 16.995  1.00 23.66 ? 824 ASP A CA  1 
ATOM   816  C C   . ASP A 1 109 ? 12.002  -14.441 17.426  1.00 22.38 ? 824 ASP A C   1 
ATOM   817  O O   . ASP A 1 109 ? 11.639  -13.838 18.436  1.00 20.77 ? 824 ASP A O   1 
ATOM   818  C CB  . ASP A 1 109 ? 12.164  -16.923 17.359  1.00 31.53 ? 824 ASP A CB  1 
ATOM   819  C CG  . ASP A 1 109 ? 11.391  -18.224 17.356  1.00 35.17 ? 824 ASP A CG  1 
ATOM   820  O OD1 . ASP A 1 109 ? 10.167  -18.191 17.603  1.00 37.52 ? 824 ASP A OD1 1 
ATOM   821  O OD2 . ASP A 1 109 ? 12.011  -19.281 17.122  1.00 39.09 ? 824 ASP A OD2 1 
ATOM   822  N N   . ARG A 1 110 ? 13.013  -14.034 16.660  1.00 22.38 ? 825 ARG A N   1 
ATOM   823  C CA  . ARG A 1 110 ? 13.763  -12.818 16.967  1.00 23.12 ? 825 ARG A CA  1 
ATOM   824  C C   . ARG A 1 110 ? 12.881  -11.584 16.828  1.00 23.18 ? 825 ARG A C   1 
ATOM   825  O O   . ARG A 1 110 ? 12.937  -10.674 17.657  1.00 22.81 ? 825 ARG A O   1 
ATOM   826  C CB  . ARG A 1 110 ? 14.968  -12.664 16.035  1.00 28.57 ? 825 ARG A CB  1 
ATOM   827  C CG  . ARG A 1 110 ? 16.057  -13.701 16.207  1.00 31.44 ? 825 ARG A CG  1 
ATOM   828  C CD  . ARG A 1 110 ? 17.291  -13.307 15.400  1.00 34.74 ? 825 ARG A CD  1 
ATOM   829  N NE  . ARG A 1 110 ? 17.884  -12.060 15.889  1.00 37.29 ? 825 ARG A NE  1 
ATOM   830  C CZ  . ARG A 1 110 ? 18.910  -11.439 15.310  1.00 38.32 ? 825 ARG A CZ  1 
ATOM   831  N NH1 . ARG A 1 110 ? 19.460  -11.943 14.214  1.00 38.24 ? 825 ARG A NH1 1 
ATOM   832  N NH2 . ARG A 1 110 ? 19.385  -10.314 15.828  1.00 36.40 ? 825 ARG A NH2 1 
ATOM   833  N N   . LEU A 1 111 ? 12.077  -11.551 15.767  1.00 23.29 ? 826 LEU A N   1 
ATOM   834  C CA  . LEU A 1 111 ? 11.189  -10.420 15.529  1.00 22.23 ? 826 LEU A CA  1 
ATOM   835  C C   . LEU A 1 111 ? 10.231  -10.268 16.705  1.00 22.86 ? 826 LEU A C   1 
ATOM   836  O O   . LEU A 1 111 ? 9.856   -9.154  17.082  1.00 24.23 ? 826 LEU A O   1 
ATOM   837  C CB  . LEU A 1 111 ? 10.420  -10.627 14.219  1.00 18.71 ? 826 LEU A CB  1 
ATOM   838  C CG  . LEU A 1 111 ? 11.302  -10.578 12.967  1.00 17.64 ? 826 LEU A CG  1 
ATOM   839  C CD1 . LEU A 1 111 ? 10.484  -10.911 11.733  1.00 16.00 ? 826 LEU A CD1 1 
ATOM   840  C CD2 . LEU A 1 111 ? 11.921  -9.190  12.835  1.00 17.64 ? 826 LEU A CD2 1 
ATOM   841  N N   . ALA A 1 112 ? 9.850   -11.398 17.290  1.00 23.15 ? 827 ALA A N   1 
ATOM   842  C CA  . ALA A 1 112 ? 8.955   -11.396 18.434  1.00 24.36 ? 827 ALA A CA  1 
ATOM   843  C C   . ALA A 1 112 ? 9.721   -10.891 19.650  1.00 25.86 ? 827 ALA A C   1 
ATOM   844  O O   . ALA A 1 112 ? 9.249   -10.008 20.369  1.00 25.83 ? 827 ALA A O   1 
ATOM   845  C CB  . ALA A 1 112 ? 8.429   -12.805 18.692  1.00 24.23 ? 827 ALA A CB  1 
ATOM   846  N N   . ASP A 1 113 ? 10.911  -11.439 19.867  1.00 32.72 ? 828 ASP A N   1 
ATOM   847  C CA  . ASP A 1 113 ? 11.727  -11.035 21.007  1.00 33.99 ? 828 ASP A CA  1 
ATOM   848  C C   . ASP A 1 113 ? 11.990  -9.536  21.063  1.00 34.37 ? 828 ASP A C   1 
ATOM   849  O O   . ASP A 1 113 ? 11.979  -8.946  22.143  1.00 33.61 ? 828 ASP A O   1 
ATOM   850  C CB  . ASP A 1 113 ? 13.058  -11.788 21.012  1.00 38.74 ? 828 ASP A CB  1 
ATOM   851  C CG  . ASP A 1 113 ? 12.894  -13.250 21.366  1.00 42.43 ? 828 ASP A CG  1 
ATOM   852  O OD1 . ASP A 1 113 ? 11.946  -13.574 22.112  1.00 45.42 ? 828 ASP A OD1 1 
ATOM   853  O OD2 . ASP A 1 113 ? 13.718  -14.075 20.916  1.00 44.32 ? 828 ASP A OD2 1 
ATOM   854  N N   . ILE A 1 114 ? 12.226  -8.909  19.912  1.00 27.70 ? 829 ILE A N   1 
ATOM   855  C CA  . ILE A 1 114 ? 12.481  -7.471  19.907  1.00 26.49 ? 829 ILE A CA  1 
ATOM   856  C C   . ILE A 1 114 ? 11.200  -6.653  19.757  1.00 25.80 ? 829 ILE A C   1 
ATOM   857  O O   . ILE A 1 114 ? 11.248  -5.425  19.661  1.00 27.40 ? 829 ILE A O   1 
ATOM   858  C CB  . ILE A 1 114 ? 13.469  -7.078  18.789  1.00 30.35 ? 829 ILE A CB  1 
ATOM   859  C CG1 . ILE A 1 114 ? 12.875  -7.393  17.417  1.00 28.63 ? 829 ILE A CG1 1 
ATOM   860  C CG2 . ILE A 1 114 ? 14.775  -7.834  18.966  1.00 29.57 ? 829 ILE A CG2 1 
ATOM   861  C CD1 . ILE A 1 114 ? 13.787  -7.015  16.267  1.00 30.35 ? 829 ILE A CD1 1 
ATOM   862  N N   . ASN A 1 115 ? 10.059  -7.338  19.765  1.00 20.66 ? 830 ASN A N   1 
ATOM   863  C CA  . ASN A 1 115 ? 8.752   -6.699  19.620  1.00 22.39 ? 830 ASN A CA  1 
ATOM   864  C C   . ASN A 1 115 ? 8.782   -5.717  18.454  1.00 20.77 ? 830 ASN A C   1 
ATOM   865  O O   . ASN A 1 115 ? 8.440   -4.539  18.598  1.00 19.81 ? 830 ASN A O   1 
ATOM   866  C CB  . ASN A 1 115 ? 8.352   -5.972  20.909  1.00 30.79 ? 830 ASN A CB  1 
ATOM   867  C CG  . ASN A 1 115 ? 6.938   -5.394  20.846  1.00 33.02 ? 830 ASN A CG  1 
ATOM   868  O OD1 . ASN A 1 115 ? 6.035   -5.985  20.247  1.00 33.29 ? 830 ASN A OD1 1 
ATOM   869  N ND2 . ASN A 1 115 ? 6.737   -4.245  21.483  1.00 34.62 ? 830 ASN A ND2 1 
ATOM   870  N N   . TYR A 1 116 ? 9.202   -6.213  17.296  1.00 19.72 ? 831 TYR A N   1 
ATOM   871  C CA  . TYR A 1 116 ? 9.278   -5.380  16.109  1.00 19.33 ? 831 TYR A CA  1 
ATOM   872  C C   . TYR A 1 116 ? 7.902   -4.832  15.741  1.00 18.56 ? 831 TYR A C   1 
ATOM   873  O O   . TYR A 1 116 ? 7.775   -3.656  15.407  1.00 19.79 ? 831 TYR A O   1 
ATOM   874  C CB  . TYR A 1 116 ? 9.869   -6.173  14.940  1.00 18.38 ? 831 TYR A CB  1 
ATOM   875  C CG  . TYR A 1 116 ? 10.197  -5.319  13.731  1.00 20.20 ? 831 TYR A CG  1 
ATOM   876  C CD1 . TYR A 1 116 ? 11.056  -4.221  13.839  1.00 18.54 ? 831 TYR A CD1 1 
ATOM   877  C CD2 . TYR A 1 116 ? 9.659   -5.613  12.478  1.00 18.50 ? 831 TYR A CD2 1 
ATOM   878  C CE1 . TYR A 1 116 ? 11.373  -3.440  12.727  1.00 18.84 ? 831 TYR A CE1 1 
ATOM   879  C CE2 . TYR A 1 116 ? 9.968   -4.838  11.358  1.00 19.08 ? 831 TYR A CE2 1 
ATOM   880  C CZ  . TYR A 1 116 ? 10.825  -3.755  11.489  1.00 19.73 ? 831 TYR A CZ  1 
ATOM   881  O OH  . TYR A 1 116 ? 11.136  -2.990  10.386  1.00 17.89 ? 831 TYR A OH  1 
ATOM   882  N N   . GLU A 1 117 ? 6.866   -5.666  15.817  1.00 20.99 ? 832 GLU A N   1 
ATOM   883  C CA  . GLU A 1 117 ? 5.526   -5.195  15.478  1.00 21.39 ? 832 GLU A CA  1 
ATOM   884  C C   . GLU A 1 117 ? 5.087   -4.060  16.399  1.00 21.53 ? 832 GLU A C   1 
ATOM   885  O O   . GLU A 1 117 ? 4.300   -3.199  16.000  1.00 20.32 ? 832 GLU A O   1 
ATOM   886  C CB  . GLU A 1 117 ? 4.503   -6.339  15.536  1.00 25.12 ? 832 GLU A CB  1 
ATOM   887  C CG  . GLU A 1 117 ? 4.447   -7.090  16.846  1.00 27.71 ? 832 GLU A CG  1 
ATOM   888  C CD  . GLU A 1 117 ? 3.341   -8.135  16.862  1.00 31.37 ? 832 GLU A CD  1 
ATOM   889  O OE1 . GLU A 1 117 ? 2.948   -8.608  15.771  1.00 29.35 ? 832 GLU A OE1 1 
ATOM   890  O OE2 . GLU A 1 117 ? 2.874   -8.489  17.968  1.00 31.38 ? 832 GLU A OE2 1 
ATOM   891  N N   . GLY A 1 118 ? 5.597   -4.056  17.629  1.00 17.22 ? 833 GLY A N   1 
ATOM   892  C CA  . GLY A 1 118 ? 5.245   -2.996  18.559  1.00 16.01 ? 833 GLY A CA  1 
ATOM   893  C C   . GLY A 1 118 ? 5.766   -1.663  18.040  1.00 14.96 ? 833 GLY A C   1 
ATOM   894  O O   . GLY A 1 118 ? 5.097   -0.632  18.146  1.00 13.88 ? 833 GLY A O   1 
ATOM   895  N N   . ARG A 1 119 ? 6.971   -1.689  17.484  1.00 16.71 ? 834 ARG A N   1 
ATOM   896  C CA  . ARG A 1 119 ? 7.588   -0.492  16.921  1.00 18.85 ? 834 ARG A CA  1 
ATOM   897  C C   . ARG A 1 119 ? 6.750   -0.003  15.737  1.00 18.49 ? 834 ARG A C   1 
ATOM   898  O O   . ARG A 1 119 ? 6.489   1.195   15.588  1.00 16.18 ? 834 ARG A O   1 
ATOM   899  C CB  . ARG A 1 119 ? 9.013   -0.824  16.471  1.00 18.76 ? 834 ARG A CB  1 
ATOM   900  C CG  . ARG A 1 119 ? 9.692   0.245   15.632  0.50 25.89 ? 834 ARG A CG  1 
ATOM   901  C CD  . ARG A 1 119 ? 11.157  -0.106  15.402  0.50 30.56 ? 834 ARG A CD  1 
ATOM   902  N NE  . ARG A 1 119 ? 11.772  0.699   14.348  0.50 33.95 ? 834 ARG A NE  1 
ATOM   903  C CZ  . ARG A 1 119 ? 11.811  2.026   14.336  0.50 35.75 ? 834 ARG A CZ  1 
ATOM   904  N NH1 . ARG A 1 119 ? 11.267  2.722   15.326  0.50 36.47 ? 834 ARG A NH1 1 
ATOM   905  N NH2 . ARG A 1 119 ? 12.398  2.661   13.329  0.50 38.34 ? 834 ARG A NH2 1 
ATOM   906  N N   . LEU A 1 120 ? 6.321   -0.938  14.899  1.00 18.67 ? 835 LEU A N   1 
ATOM   907  C CA  . LEU A 1 120 ? 5.508   -0.599  13.736  1.00 18.29 ? 835 LEU A CA  1 
ATOM   908  C C   . LEU A 1 120 ? 4.138   -0.038  14.125  1.00 17.66 ? 835 LEU A C   1 
ATOM   909  O O   . LEU A 1 120 ? 3.668   0.927   13.524  1.00 19.10 ? 835 LEU A O   1 
ATOM   910  C CB  . LEU A 1 120 ? 5.339   -1.832  12.843  1.00 14.08 ? 835 LEU A CB  1 
ATOM   911  C CG  . LEU A 1 120 ? 6.645   -2.410  12.292  1.00 15.12 ? 835 LEU A CG  1 
ATOM   912  C CD1 . LEU A 1 120 ? 6.354   -3.639  11.433  1.00 13.57 ? 835 LEU A CD1 1 
ATOM   913  C CD2 . LEU A 1 120 ? 7.372   -1.343  11.474  1.00 15.69 ? 835 LEU A CD2 1 
ATOM   914  N N   . GLU A 1 121 ? 3.499   -0.628  15.133  1.00 14.87 ? 836 GLU A N   1 
ATOM   915  C CA  . GLU A 1 121 ? 2.194   -0.139  15.563  1.00 14.73 ? 836 GLU A CA  1 
ATOM   916  C C   . GLU A 1 121 ? 2.323   1.280   16.113  1.00 15.09 ? 836 GLU A C   1 
ATOM   917  O O   . GLU A 1 121 ? 1.440   2.113   15.910  1.00 15.23 ? 836 GLU A O   1 
ATOM   918  C CB  . GLU A 1 121 ? 1.583   -1.065  16.625  1.00 13.53 ? 836 GLU A CB  1 
ATOM   919  C CG  . GLU A 1 121 ? 0.258   -0.544  17.201  1.00 17.54 ? 836 GLU A CG  1 
ATOM   920  C CD  . GLU A 1 121 ? -0.668  -1.660  17.676  1.00 19.11 ? 836 GLU A CD  1 
ATOM   921  O OE1 . GLU A 1 121 ? -0.185  -2.795  17.878  1.00 20.56 ? 836 GLU A OE1 1 
ATOM   922  O OE2 . GLU A 1 121 ? -1.880  -1.397  17.854  1.00 20.19 ? 836 GLU A OE2 1 
ATOM   923  N N   . ALA A 1 122 ? 3.427   1.554   16.801  1.00 17.20 ? 837 ALA A N   1 
ATOM   924  C CA  . ALA A 1 122 ? 3.665   2.884   17.365  1.00 18.25 ? 837 ALA A CA  1 
ATOM   925  C C   . ALA A 1 122 ? 3.768   3.918   16.240  1.00 17.82 ? 837 ALA A C   1 
ATOM   926  O O   . ALA A 1 122 ? 3.228   5.019   16.343  1.00 18.26 ? 837 ALA A O   1 
ATOM   927  C CB  . ALA A 1 122 ? 4.944   2.881   18.193  1.00 18.91 ? 837 ALA A CB  1 
ATOM   928  N N   . VAL A 1 123 ? 4.465   3.558   15.166  1.00 17.87 ? 838 VAL A N   1 
ATOM   929  C CA  . VAL A 1 123 ? 4.618   4.455   14.027  1.00 18.23 ? 838 VAL A CA  1 
ATOM   930  C C   . VAL A 1 123 ? 3.252   4.703   13.392  1.00 18.07 ? 838 VAL A C   1 
ATOM   931  O O   . VAL A 1 123 ? 2.913   5.838   13.057  1.00 17.85 ? 838 VAL A O   1 
ATOM   932  C CB  . VAL A 1 123 ? 5.582   3.865   12.970  1.00 21.10 ? 838 VAL A CB  1 
ATOM   933  C CG1 . VAL A 1 123 ? 5.639   4.773   11.746  1.00 20.21 ? 838 VAL A CG1 1 
ATOM   934  C CG2 . VAL A 1 123 ? 6.968   3.706   13.568  1.00 22.50 ? 838 VAL A CG2 1 
ATOM   935  N N   . SER A 1 124 ? 2.459   3.645   13.238  1.00 18.44 ? 839 SER A N   1 
ATOM   936  C CA  . SER A 1 124 ? 1.133   3.797   12.653  1.00 19.18 ? 839 SER A CA  1 
ATOM   937  C C   . SER A 1 124 ? 0.292   4.759   13.490  1.00 20.02 ? 839 SER A C   1 
ATOM   938  O O   . SER A 1 124 ? -0.428  5.591   12.939  1.00 19.56 ? 839 SER A O   1 
ATOM   939  C CB  . SER A 1 124 ? 0.431   2.436   12.529  1.00 17.21 ? 839 SER A CB  1 
ATOM   940  O OG  . SER A 1 124 ? 1.053   1.637   11.529  1.00 17.10 ? 839 SER A OG  1 
ATOM   941  N N   . ARG A 1 125 ? 0.379   4.651   14.816  1.00 20.86 ? 840 ARG A N   1 
ATOM   942  C CA  . ARG A 1 125 ? -0.380  5.554   15.685  1.00 21.35 ? 840 ARG A CA  1 
ATOM   943  C C   . ARG A 1 125 ? 0.066   6.999   15.458  1.00 21.42 ? 840 ARG A C   1 
ATOM   944  O O   . ARG A 1 125 ? -0.761  7.909   15.365  1.00 23.75 ? 840 ARG A O   1 
ATOM   945  C CB  . ARG A 1 125 ? -0.179  5.206   17.166  1.00 25.00 ? 840 ARG A CB  1 
ATOM   946  C CG  . ARG A 1 125 ? -0.992  4.033   17.685  1.00 26.32 ? 840 ARG A CG  1 
ATOM   947  C CD  . ARG A 1 125 ? -0.855  3.957   19.205  1.00 27.40 ? 840 ARG A CD  1 
ATOM   948  N NE  . ARG A 1 125 ? -1.121  2.624   19.739  1.00 27.16 ? 840 ARG A NE  1 
ATOM   949  C CZ  . ARG A 1 125 ? -2.310  2.186   20.147  1.00 27.94 ? 840 ARG A CZ  1 
ATOM   950  N NH1 . ARG A 1 125 ? -3.377  2.970   20.092  1.00 25.61 ? 840 ARG A NH1 1 
ATOM   951  N NH2 . ARG A 1 125 ? -2.423  0.952   20.623  1.00 27.01 ? 840 ARG A NH2 1 
ATOM   952  N N   . LYS A 1 126 ? 1.376   7.207   15.382  1.00 21.82 ? 841 LYS A N   1 
ATOM   953  C CA  . LYS A 1 126 ? 1.923   8.540   15.157  1.00 23.25 ? 841 LYS A CA  1 
ATOM   954  C C   . LYS A 1 126 ? 1.458   9.127   13.830  1.00 23.45 ? 841 LYS A C   1 
ATOM   955  O O   . LYS A 1 126 ? 1.225   10.333  13.725  1.00 23.00 ? 841 LYS A O   1 
ATOM   956  C CB  . LYS A 1 126 ? 3.455   8.501   15.176  1.00 30.63 ? 841 LYS A CB  1 
ATOM   957  C CG  . LYS A 1 126 ? 4.069   8.445   16.563  1.00 35.81 ? 841 LYS A CG  1 
ATOM   958  C CD  . LYS A 1 126 ? 3.770   9.724   17.340  1.00 38.25 ? 841 LYS A CD  1 
ATOM   959  C CE  . LYS A 1 126 ? 4.339   9.666   18.748  1.00 41.55 ? 841 LYS A CE  1 
ATOM   960  N NZ  . LYS A 1 126 ? 5.821   9.507   18.745  1.00 42.90 ? 841 LYS A NZ  1 
ATOM   961  N N   . GLN A 1 127 ? 1.309   8.270   12.822  1.00 20.87 ? 842 GLN A N   1 
ATOM   962  C CA  . GLN A 1 127 ? 0.896   8.719   11.497  1.00 20.85 ? 842 GLN A CA  1 
ATOM   963  C C   . GLN A 1 127 ? -0.617  8.790   11.308  1.00 20.46 ? 842 GLN A C   1 
ATOM   964  O O   . GLN A 1 127 ? -1.101  9.065   10.208  1.00 19.59 ? 842 GLN A O   1 
ATOM   965  C CB  . GLN A 1 127 ? 1.538   7.823   10.433  1.00 20.83 ? 842 GLN A CB  1 
ATOM   966  C CG  . GLN A 1 127 ? 3.055   7.710   10.615  1.00 22.70 ? 842 GLN A CG  1 
ATOM   967  C CD  . GLN A 1 127 ? 3.744   6.911   9.525   1.00 24.09 ? 842 GLN A CD  1 
ATOM   968  O OE1 . GLN A 1 127 ? 3.217   5.913   9.038   1.00 21.13 ? 842 GLN A OE1 1 
ATOM   969  N NE2 . GLN A 1 127 ? 4.945   7.338   9.152   1.00 21.71 ? 842 GLN A NE2 1 
ATOM   970  N N   . GLY A 1 128 ? -1.361  8.552   12.386  1.00 22.06 ? 843 GLY A N   1 
ATOM   971  C CA  . GLY A 1 128 ? -2.811  8.617   12.317  1.00 22.70 ? 843 GLY A CA  1 
ATOM   972  C C   . GLY A 1 128 ? -3.469  7.437   11.628  1.00 22.57 ? 843 GLY A C   1 
ATOM   973  O O   . GLY A 1 128 ? -4.627  7.518   11.220  1.00 21.45 ? 843 GLY A O   1 
ATOM   974  N N   . ALA A 1 129 ? -2.733  6.339   11.492  1.00 22.54 ? 844 ALA A N   1 
ATOM   975  C CA  . ALA A 1 129 ? -3.262  5.141   10.851  1.00 20.55 ? 844 ALA A CA  1 
ATOM   976  C C   . ALA A 1 129 ? -3.678  4.123   11.906  1.00 21.13 ? 844 ALA A C   1 
ATOM   977  O O   . ALA A 1 129 ? -3.283  4.228   13.067  1.00 20.17 ? 844 ALA A O   1 
ATOM   978  C CB  . ALA A 1 129 ? -2.203  4.529   9.937   1.00 14.07 ? 844 ALA A CB  1 
ATOM   979  N N   . GLN A 1 130 ? -4.484  3.145   11.502  1.00 18.37 ? 845 GLN A N   1 
ATOM   980  C CA  . GLN A 1 130 ? -4.919  2.099   12.421  1.00 18.34 ? 845 GLN A CA  1 
ATOM   981  C C   . GLN A 1 130 ? -4.182  0.804   12.108  1.00 17.36 ? 845 GLN A C   1 
ATOM   982  O O   . GLN A 1 130 ? -4.495  0.118   11.133  1.00 14.81 ? 845 GLN A O   1 
ATOM   983  C CB  . GLN A 1 130 ? -6.428  1.859   12.315  1.00 16.74 ? 845 GLN A CB  1 
ATOM   984  C CG  . GLN A 1 130 ? -6.903  0.636   13.100  0.50 20.48 ? 845 GLN A CG  1 
ATOM   985  C CD  . GLN A 1 130 ? -6.584  0.728   14.581  0.50 25.23 ? 845 GLN A CD  1 
ATOM   986  O OE1 . GLN A 1 130 ? -7.128  1.572   15.292  0.50 30.52 ? 845 GLN A OE1 1 
ATOM   987  N NE2 . GLN A 1 130 ? -5.693  -0.140  15.054  0.50 24.08 ? 845 GLN A NE2 1 
ATOM   988  N N   . PHE A 1 131 ? -3.192  0.484   12.933  1.00 15.25 ? 846 PHE A N   1 
ATOM   989  C CA  . PHE A 1 131 ? -2.409  -0.734  12.769  1.00 15.47 ? 846 PHE A CA  1 
ATOM   990  C C   . PHE A 1 131 ? -3.350  -1.939  12.785  1.00 16.08 ? 846 PHE A C   1 
ATOM   991  O O   . PHE A 1 131 ? -4.265  -2.011  13.607  1.00 14.34 ? 846 PHE A O   1 
ATOM   992  C CB  . PHE A 1 131 ? -1.398  -0.849  13.921  1.00 16.41 ? 846 PHE A CB  1 
ATOM   993  C CG  . PHE A 1 131 ? -0.577  -2.109  13.894  1.00 17.45 ? 846 PHE A CG  1 
ATOM   994  C CD1 . PHE A 1 131 ? 0.597   -2.180  13.154  1.00 15.89 ? 846 PHE A CD1 1 
ATOM   995  C CD2 . PHE A 1 131 ? -0.980  -3.232  14.615  1.00 17.19 ? 846 PHE A CD2 1 
ATOM   996  C CE1 . PHE A 1 131 ? 1.358   -3.346  13.130  1.00 15.86 ? 846 PHE A CE1 1 
ATOM   997  C CE2 . PHE A 1 131 ? -0.225  -4.404  14.595  1.00 18.29 ? 846 PHE A CE2 1 
ATOM   998  C CZ  . PHE A 1 131 ? 0.946   -4.460  13.852  1.00 17.39 ? 846 PHE A CZ  1 
ATOM   999  N N   . LYS A 1 132 ? -3.138  -2.874  11.865  1.00 14.64 ? 847 LYS A N   1 
ATOM   1000 C CA  . LYS A 1 132 ? -3.956  -4.078  11.816  1.00 14.65 ? 847 LYS A CA  1 
ATOM   1001 C C   . LYS A 1 132 ? -3.108  -5.292  12.186  1.00 14.24 ? 847 LYS A C   1 
ATOM   1002 O O   . LYS A 1 132 ? -3.493  -6.088  13.042  1.00 14.74 ? 847 LYS A O   1 
ATOM   1003 C CB  . LYS A 1 132 ? -4.561  -4.268  10.425  1.00 15.78 ? 847 LYS A CB  1 
ATOM   1004 C CG  . LYS A 1 132 ? -5.632  -3.248  10.080  1.00 18.00 ? 847 LYS A CG  1 
ATOM   1005 C CD  . LYS A 1 132 ? -6.886  -3.447  10.925  1.00 19.85 ? 847 LYS A CD  1 
ATOM   1006 C CE  . LYS A 1 132 ? -7.946  -2.401  10.597  1.00 23.66 ? 847 LYS A CE  1 
ATOM   1007 N NZ  . LYS A 1 132 ? -9.226  -2.633  11.331  1.00 25.23 ? 847 LYS A NZ  1 
ATOM   1008 N N   . GLU A 1 133 ? -1.945  -5.431  11.560  1.00 14.65 ? 848 GLU A N   1 
ATOM   1009 C CA  . GLU A 1 133 ? -1.089  -6.574  11.867  1.00 14.09 ? 848 GLU A CA  1 
ATOM   1010 C C   . GLU A 1 133 ? 0.291   -6.497  11.239  1.00 15.48 ? 848 GLU A C   1 
ATOM   1011 O O   . GLU A 1 133 ? 0.571   -5.645  10.396  1.00 14.97 ? 848 GLU A O   1 
ATOM   1012 C CB  . GLU A 1 133 ? -1.739  -7.871  11.367  1.00 13.97 ? 848 GLU A CB  1 
ATOM   1013 C CG  . GLU A 1 133 ? -1.840  -7.928  9.840   1.00 15.64 ? 848 GLU A CG  1 
ATOM   1014 C CD  . GLU A 1 133 ? -2.143  -9.313  9.291   1.00 17.92 ? 848 GLU A CD  1 
ATOM   1015 O OE1 . GLU A 1 133 ? -2.408  -9.411  8.078   1.00 17.20 ? 848 GLU A OE1 1 
ATOM   1016 O OE2 . GLU A 1 133 ? -2.109  -10.300 10.056  1.00 15.12 ? 848 GLU A OE2 1 
ATOM   1017 N N   . TYR A 1 134 ? 1.148   -7.413  11.675  1.00 15.45 ? 849 TYR A N   1 
ATOM   1018 C CA  . TYR A 1 134 ? 2.483   -7.553  11.124  1.00 16.34 ? 849 TYR A CA  1 
ATOM   1019 C C   . TYR A 1 134 ? 2.663   -9.048  10.892  1.00 16.02 ? 849 TYR A C   1 
ATOM   1020 O O   . TYR A 1 134 ? 2.546   -9.850  11.824  1.00 16.20 ? 849 TYR A O   1 
ATOM   1021 C CB  . TYR A 1 134 ? 3.567   -7.066  12.084  1.00 13.68 ? 849 TYR A CB  1 
ATOM   1022 C CG  . TYR A 1 134 ? 4.955   -7.344  11.547  1.00 14.83 ? 849 TYR A CG  1 
ATOM   1023 C CD1 . TYR A 1 134 ? 5.386   -6.771  10.347  1.00 14.24 ? 849 TYR A CD1 1 
ATOM   1024 C CD2 . TYR A 1 134 ? 5.829   -8.192  12.225  1.00 13.51 ? 849 TYR A CD2 1 
ATOM   1025 C CE1 . TYR A 1 134 ? 6.659   -7.035  9.838   1.00 13.78 ? 849 TYR A CE1 1 
ATOM   1026 C CE2 . TYR A 1 134 ? 7.105   -8.467  11.723  1.00 13.42 ? 849 TYR A CE2 1 
ATOM   1027 C CZ  . TYR A 1 134 ? 7.512   -7.882  10.531  1.00 14.47 ? 849 TYR A CZ  1 
ATOM   1028 O OH  . TYR A 1 134 ? 8.773   -8.142  10.042  1.00 14.33 ? 849 TYR A OH  1 
ATOM   1029 N N   . ARG A 1 135 ? 2.923   -9.426  9.648   1.00 14.04 ? 850 ARG A N   1 
ATOM   1030 C CA  . ARG A 1 135 ? 3.118   -10.832 9.318   1.00 13.87 ? 850 ARG A CA  1 
ATOM   1031 C C   . ARG A 1 135 ? 4.612   -11.017 9.109   1.00 14.59 ? 850 ARG A C   1 
ATOM   1032 O O   . ARG A 1 135 ? 5.149   -10.673 8.054   1.00 13.53 ? 850 ARG A O   1 
ATOM   1033 C CB  . ARG A 1 135 ? 2.330   -11.192 8.050   1.00 12.21 ? 850 ARG A CB  1 
ATOM   1034 C CG  . ARG A 1 135 ? 0.835   -10.889 8.165   1.00 12.88 ? 850 ARG A CG  1 
ATOM   1035 C CD  . ARG A 1 135 ? 0.027   -11.605 7.076   1.00 12.85 ? 850 ARG A CD  1 
ATOM   1036 N NE  . ARG A 1 135 ? 0.423   -11.216 5.724   1.00 13.57 ? 850 ARG A NE  1 
ATOM   1037 C CZ  . ARG A 1 135 ? -0.093  -10.188 5.048   1.00 16.14 ? 850 ARG A CZ  1 
ATOM   1038 N NH1 . ARG A 1 135 ? -1.033  -9.429  5.595   1.00 16.60 ? 850 ARG A NH1 1 
ATOM   1039 N NH2 . ARG A 1 135 ? 0.323   -9.929  3.808   1.00 13.93 ? 850 ARG A NH2 1 
ATOM   1040 N N   . PRO A 1 136 ? 5.309   -11.547 10.133  1.00 13.89 ? 851 PRO A N   1 
ATOM   1041 C CA  . PRO A 1 136 ? 6.757   -11.777 10.095  1.00 14.01 ? 851 PRO A CA  1 
ATOM   1042 C C   . PRO A 1 136 ? 7.233   -12.565 8.877   1.00 13.18 ? 851 PRO A C   1 
ATOM   1043 O O   . PRO A 1 136 ? 8.283   -12.261 8.306   1.00 12.90 ? 851 PRO A O   1 
ATOM   1044 C CB  . PRO A 1 136 ? 7.029   -12.539 11.397  1.00 19.06 ? 851 PRO A CB  1 
ATOM   1045 C CG  . PRO A 1 136 ? 5.901   -12.122 12.300  1.00 22.91 ? 851 PRO A CG  1 
ATOM   1046 C CD  . PRO A 1 136 ? 4.723   -12.105 11.364  1.00 18.51 ? 851 PRO A CD  1 
ATOM   1047 N N   . GLU A 1 137 ? 6.458   -13.573 8.489   1.00 13.86 ? 852 GLU A N   1 
ATOM   1048 C CA  . GLU A 1 137 ? 6.819   -14.427 7.359   1.00 15.86 ? 852 GLU A CA  1 
ATOM   1049 C C   . GLU A 1 137 ? 7.232   -13.647 6.118   1.00 15.76 ? 852 GLU A C   1 
ATOM   1050 O O   . GLU A 1 137 ? 8.169   -14.019 5.419   1.00 14.11 ? 852 GLU A O   1 
ATOM   1051 C CB  . GLU A 1 137 ? 5.653   -15.352 6.992   1.00 19.37 ? 852 GLU A CB  1 
ATOM   1052 C CG  . GLU A 1 137 ? 5.127   -16.208 8.143   1.00 23.33 ? 852 GLU A CG  1 
ATOM   1053 C CD  . GLU A 1 137 ? 3.859   -15.637 8.776   1.00 24.07 ? 852 GLU A CD  1 
ATOM   1054 O OE1 . GLU A 1 137 ? 3.888   -14.462 9.234   1.00 20.52 ? 852 GLU A OE1 1 
ATOM   1055 O OE2 . GLU A 1 137 ? 2.835   -16.368 8.808   1.00 17.81 ? 852 GLU A OE2 1 
ATOM   1056 N N   . THR A 1 138 ? 6.522   -12.562 5.840   1.00 14.50 ? 853 THR A N   1 
ATOM   1057 C CA  . THR A 1 138 ? 6.811   -11.763 4.661   1.00 13.84 ? 853 THR A CA  1 
ATOM   1058 C C   . THR A 1 138 ? 7.136   -10.318 5.015   1.00 14.50 ? 853 THR A C   1 
ATOM   1059 O O   . THR A 1 138 ? 7.273   -9.478  4.127   1.00 12.89 ? 853 THR A O   1 
ATOM   1060 C CB  . THR A 1 138 ? 5.603   -11.773 3.708   1.00 15.77 ? 853 THR A CB  1 
ATOM   1061 O OG1 . THR A 1 138 ? 4.425   -11.383 4.433   1.00 15.97 ? 853 THR A OG1 1 
ATOM   1062 C CG2 . THR A 1 138 ? 5.392   -13.160 3.129   1.00 16.27 ? 853 THR A CG2 1 
ATOM   1063 N N   . GLY A 1 139 ? 7.266   -10.039 6.309   1.00 14.84 ? 854 GLY A N   1 
ATOM   1064 C CA  . GLY A 1 139 ? 7.548   -8.683  6.749   1.00 13.89 ? 854 GLY A CA  1 
ATOM   1065 C C   . GLY A 1 139 ? 6.441   -7.751  6.289   1.00 15.37 ? 854 GLY A C   1 
ATOM   1066 O O   . GLY A 1 139 ? 6.699   -6.628  5.844   1.00 16.04 ? 854 GLY A O   1 
ATOM   1067 N N   . SER A 1 140 ? 5.200   -8.212  6.403   1.00 11.89 ? 855 SER A N   1 
ATOM   1068 C CA  . SER A 1 140 ? 4.057   -7.423  5.972   1.00 11.99 ? 855 SER A CA  1 
ATOM   1069 C C   . SER A 1 140 ? 3.385   -6.626  7.084   1.00 12.03 ? 855 SER A C   1 
ATOM   1070 O O   . SER A 1 140 ? 2.787   -7.174  8.012   1.00 13.06 ? 855 SER A O   1 
ATOM   1071 C CB  . SER A 1 140 ? 3.043   -8.325  5.280   1.00 16.45 ? 855 SER A CB  1 
ATOM   1072 O OG  . SER A 1 140 ? 3.646   -8.927  4.148   1.00 15.71 ? 855 SER A OG  1 
ATOM   1073 N N   . TRP A 1 141 ? 3.496   -5.314  6.959   1.00 11.44 ? 856 TRP A N   1 
ATOM   1074 C CA  . TRP A 1 141 ? 2.948   -4.363  7.908   1.00 12.54 ? 856 TRP A CA  1 
ATOM   1075 C C   . TRP A 1 141 ? 1.654   -3.820  7.303   1.00 13.74 ? 856 TRP A C   1 
ATOM   1076 O O   . TRP A 1 141 ? 1.671   -3.135  6.284   1.00 13.14 ? 856 TRP A O   1 
ATOM   1077 C CB  . TRP A 1 141 ? 4.005   -3.281  8.117   1.00 13.72 ? 856 TRP A CB  1 
ATOM   1078 C CG  . TRP A 1 141 ? 3.631   -2.103  8.923   1.00 15.72 ? 856 TRP A CG  1 
ATOM   1079 C CD1 . TRP A 1 141 ? 2.638   -2.003  9.852   1.00 15.48 ? 856 TRP A CD1 1 
ATOM   1080 C CD2 . TRP A 1 141 ? 4.301   -0.840  8.906   1.00 15.52 ? 856 TRP A CD2 1 
ATOM   1081 N NE1 . TRP A 1 141 ? 2.650   -0.747  10.420  1.00 15.58 ? 856 TRP A NE1 1 
ATOM   1082 C CE2 . TRP A 1 141 ? 3.664   -0.016  9.859   1.00 17.20 ? 856 TRP A CE2 1 
ATOM   1083 C CE3 . TRP A 1 141 ? 5.387   -0.326  8.180   1.00 17.69 ? 856 TRP A CE3 1 
ATOM   1084 C CZ2 . TRP A 1 141 ? 4.070   1.301   10.102  1.00 17.36 ? 856 TRP A CZ2 1 
ATOM   1085 C CZ3 . TRP A 1 141 ? 5.793   0.986   8.421   1.00 17.25 ? 856 TRP A CZ3 1 
ATOM   1086 C CH2 . TRP A 1 141 ? 5.135   1.782   9.378   1.00 18.28 ? 856 TRP A CH2 1 
ATOM   1087 N N   . VAL A 1 142 ? 0.535   -4.153  7.936   1.00 11.53 ? 857 VAL A N   1 
ATOM   1088 C CA  . VAL A 1 142 ? -0.784  -3.755  7.450   1.00 12.50 ? 857 VAL A CA  1 
ATOM   1089 C C   . VAL A 1 142 ? -1.426  -2.714  8.351   1.00 14.07 ? 857 VAL A C   1 
ATOM   1090 O O   . VAL A 1 142 ? -1.477  -2.878  9.572   1.00 15.43 ? 857 VAL A O   1 
ATOM   1091 C CB  . VAL A 1 142 ? -1.728  -4.982  7.382   1.00 15.31 ? 857 VAL A CB  1 
ATOM   1092 C CG1 . VAL A 1 142 ? -3.018  -4.629  6.644   1.00 13.41 ? 857 VAL A CG1 1 
ATOM   1093 C CG2 . VAL A 1 142 ? -1.016  -6.142  6.715   1.00 14.14 ? 857 VAL A CG2 1 
ATOM   1094 N N   . PHE A 1 143 ? -1.908  -1.638  7.747   1.00 13.26 ? 858 PHE A N   1 
ATOM   1095 C CA  . PHE A 1 143 ? -2.565  -0.591  8.512   1.00 14.04 ? 858 PHE A CA  1 
ATOM   1096 C C   . PHE A 1 143 ? -3.622  0.104   7.674   1.00 16.45 ? 858 PHE A C   1 
ATOM   1097 O O   . PHE A 1 143 ? -3.475  0.253   6.457   1.00 13.46 ? 858 PHE A O   1 
ATOM   1098 C CB  . PHE A 1 143 ? -1.536  0.414   9.058   1.00 14.72 ? 858 PHE A CB  1 
ATOM   1099 C CG  . PHE A 1 143 ? -0.594  0.971   8.018   1.00 15.40 ? 858 PHE A CG  1 
ATOM   1100 C CD1 . PHE A 1 143 ? -0.935  2.101   7.284   1.00 15.45 ? 858 PHE A CD1 1 
ATOM   1101 C CD2 . PHE A 1 143 ? 0.649   0.379   7.800   1.00 15.08 ? 858 PHE A CD2 1 
ATOM   1102 C CE1 . PHE A 1 143 ? -0.045  2.644   6.343   1.00 15.80 ? 858 PHE A CE1 1 
ATOM   1103 C CE2 . PHE A 1 143 ? 1.546   0.908   6.866   1.00 15.30 ? 858 PHE A CE2 1 
ATOM   1104 C CZ  . PHE A 1 143 ? 1.197   2.045   6.136   1.00 14.32 ? 858 PHE A CZ  1 
ATOM   1105 N N   . LYS A 1 144 ? -4.707  0.500   8.330   1.00 16.83 ? 859 LYS A N   1 
ATOM   1106 C CA  . LYS A 1 144 ? -5.796  1.175   7.645   1.00 18.93 ? 859 LYS A CA  1 
ATOM   1107 C C   . LYS A 1 144 ? -5.619  2.681   7.754   1.00 19.29 ? 859 LYS A C   1 
ATOM   1108 O O   . LYS A 1 144 ? -5.159  3.196   8.777   1.00 19.15 ? 859 LYS A O   1 
ATOM   1109 C CB  . LYS A 1 144 ? -7.141  0.765   8.246   1.00 39.52 ? 859 LYS A CB  1 
ATOM   1110 C CG  . LYS A 1 144 ? -8.331  1.366   7.524   1.00 42.52 ? 859 LYS A CG  1 
ATOM   1111 C CD  . LYS A 1 144 ? -9.568  0.513   7.705   1.00 42.52 ? 859 LYS A CD  1 
ATOM   1112 C CE  . LYS A 1 144 ? -10.606 0.844   6.646   1.00 42.52 ? 859 LYS A CE  1 
ATOM   1113 N NZ  . LYS A 1 144 ? -11.526 -0.304  6.411   1.00 42.52 ? 859 LYS A NZ  1 
ATOM   1114 N N   . VAL A 1 145 ? -5.977  3.382   6.684   1.00 19.52 ? 860 VAL A N   1 
ATOM   1115 C CA  . VAL A 1 145 ? -5.865  4.834   6.647   1.00 19.90 ? 860 VAL A CA  1 
ATOM   1116 C C   . VAL A 1 145 ? -7.202  5.436   6.239   1.00 21.69 ? 860 VAL A C   1 
ATOM   1117 O O   . VAL A 1 145 ? -8.046  4.760   5.646   1.00 19.60 ? 860 VAL A O   1 
ATOM   1118 C CB  . VAL A 1 145 ? -4.785  5.289   5.634   1.00 22.83 ? 860 VAL A CB  1 
ATOM   1119 C CG1 . VAL A 1 145 ? -3.431  4.690   6.001   1.00 21.78 ? 860 VAL A CG1 1 
ATOM   1120 C CG2 . VAL A 1 145 ? -5.190  4.872   4.221   1.00 19.93 ? 860 VAL A CG2 1 
ATOM   1121 N N   . SER A 1 146 ? -7.395  6.709   6.567   1.00 25.58 ? 861 SER A N   1 
ATOM   1122 C CA  . SER A 1 146 ? -8.627  7.401   6.216   1.00 26.61 ? 861 SER A CA  1 
ATOM   1123 C C   . SER A 1 146 ? -8.339  8.341   5.047   1.00 28.45 ? 861 SER A C   1 
ATOM   1124 O O   . SER A 1 146 ? -9.256  8.802   4.369   1.00 29.43 ? 861 SER A O   1 
ATOM   1125 C CB  . SER A 1 146 ? -9.133  8.212   7.407   1.00 23.87 ? 861 SER A CB  1 
ATOM   1126 O OG  . SER A 1 146 ? -8.204  9.227   7.748   1.00 23.19 ? 861 SER A OG  1 
ATOM   1127 N N   . HIS A 1 147 ? -7.056  8.612   4.819   1.00 26.25 ? 862 HIS A N   1 
ATOM   1128 C CA  . HIS A 1 147 ? -6.622  9.503   3.746   1.00 27.29 ? 862 HIS A CA  1 
ATOM   1129 C C   . HIS A 1 147 ? -5.101  9.398   3.587   1.00 28.16 ? 862 HIS A C   1 
ATOM   1130 O O   . HIS A 1 147 ? -4.441  8.670   4.328   1.00 28.09 ? 862 HIS A O   1 
ATOM   1131 C CB  . HIS A 1 147 ? -6.985  10.948  4.096   1.00 31.20 ? 862 HIS A CB  1 
ATOM   1132 C CG  . HIS A 1 147 ? -6.185  11.503  5.234   1.00 32.62 ? 862 HIS A CG  1 
ATOM   1133 N ND1 . HIS A 1 147 ? -6.195  10.939  6.492   1.00 33.55 ? 862 HIS A ND1 1 
ATOM   1134 C CD2 . HIS A 1 147 ? -5.308  12.532  5.292   1.00 34.13 ? 862 HIS A CD2 1 
ATOM   1135 C CE1 . HIS A 1 147 ? -5.358  11.596  7.274   1.00 34.41 ? 862 HIS A CE1 1 
ATOM   1136 N NE2 . HIS A 1 147 ? -4.805  12.567  6.571   1.00 35.48 ? 862 HIS A NE2 1 
ATOM   1137 N N   . PHE A 1 148 ? -4.557  10.141  2.627   1.00 28.23 ? 863 PHE A N   1 
ATOM   1138 C CA  . PHE A 1 148 ? -3.120  10.173  2.351   1.00 28.93 ? 863 PHE A CA  1 
ATOM   1139 C C   . PHE A 1 148 ? -2.740  11.655  2.230   1.00 30.41 ? 863 PHE A C   1 
ATOM   1140 O O   . PHE A 1 148 ? -3.361  12.351  1.428   1.00 31.37 ? 863 PHE A O   1 
ATOM   1141 C CB  . PHE A 1 148 ? -2.828  9.486   1.013   1.00 25.87 ? 863 PHE A CB  1 
ATOM   1142 C CG  . PHE A 1 148 ? -3.079  8.000   1.009   1.00 24.71 ? 863 PHE A CG  1 
ATOM   1143 C CD1 . PHE A 1 148 ? -2.114  7.121   1.493   1.00 23.94 ? 863 PHE A CD1 1 
ATOM   1144 C CD2 . PHE A 1 148 ? -4.266  7.481   0.505   1.00 23.21 ? 863 PHE A CD2 1 
ATOM   1145 C CE1 . PHE A 1 148 ? -2.326  5.741   1.473   1.00 22.86 ? 863 PHE A CE1 1 
ATOM   1146 C CE2 . PHE A 1 148 ? -4.493  6.100   0.479   1.00 25.05 ? 863 PHE A CE2 1 
ATOM   1147 C CZ  . PHE A 1 148 ? -3.516  5.228   0.966   1.00 23.85 ? 863 PHE A CZ  1 
ATOM   1148 N N   . ALA A 1 149 ? -1.775  12.175  2.995   1.00 37.02 ? 864 ALA A N   1 
ATOM   1149 C CA  . ALA A 1 149 ? -0.982  11.487  4.018   1.00 37.38 ? 864 ALA A CA  1 
ATOM   1150 C C   . ALA A 1 149 ? 0.078   10.494  3.543   1.00 37.75 ? 864 ALA A C   1 
ATOM   1151 O O   . ALA A 1 149 ? -0.186  9.636   2.708   1.00 38.77 ? 864 ALA A O   1 
ATOM   1152 C CB  . ALA A 1 149 ? -1.907  10.819  5.033   1.00 37.40 ? 864 ALA A CB  1 
ATOM   1153 N N   . LYS A 1 150 ? 1.286   10.635  4.085   1.00 33.51 ? 865 LYS A N   1 
ATOM   1154 C CA  . LYS A 1 150 ? 2.400   9.744   3.767   1.00 33.75 ? 865 LYS A CA  1 
ATOM   1155 C C   . LYS A 1 150 ? 2.568   8.782   4.938   1.00 31.62 ? 865 LYS A C   1 
ATOM   1156 O O   . LYS A 1 150 ? 2.400   9.172   6.094   1.00 32.02 ? 865 LYS A O   1 
ATOM   1157 C CB  . LYS A 1 150 ? 3.696   10.533  3.566   1.00 42.71 ? 865 LYS A CB  1 
ATOM   1158 C CG  . LYS A 1 150 ? 4.927   9.647   3.501   1.00 46.40 ? 865 LYS A CG  1 
ATOM   1159 C CD  . LYS A 1 150 ? 6.149   10.386  3.000   1.00 49.33 ? 865 LYS A CD  1 
ATOM   1160 C CE  . LYS A 1 150 ? 7.318   9.427   2.858   1.00 50.82 ? 865 LYS A CE  1 
ATOM   1161 N NZ  . LYS A 1 150 ? 8.449   10.030  2.104   1.00 53.79 ? 865 LYS A NZ  1 
ATOM   1162 N N   . TYR A 1 151 ? 2.893   7.530   4.642   1.00 25.81 ? 866 TYR A N   1 
ATOM   1163 C CA  . TYR A 1 151 ? 3.061   6.533   5.693   1.00 21.70 ? 866 TYR A CA  1 
ATOM   1164 C C   . TYR A 1 151 ? 4.309   5.699   5.478   1.00 21.22 ? 866 TYR A C   1 
ATOM   1165 O O   . TYR A 1 151 ? 4.823   5.601   4.364   1.00 18.00 ? 866 TYR A O   1 
ATOM   1166 C CB  . TYR A 1 151 ? 1.839   5.619   5.745   1.00 20.15 ? 866 TYR A CB  1 
ATOM   1167 C CG  . TYR A 1 151 ? 0.537   6.361   5.912   1.00 19.83 ? 866 TYR A CG  1 
ATOM   1168 C CD1 . TYR A 1 151 ? -0.250  6.689   4.807   1.00 19.92 ? 866 TYR A CD1 1 
ATOM   1169 C CD2 . TYR A 1 151 ? 0.095   6.746   7.175   1.00 20.01 ? 866 TYR A CD2 1 
ATOM   1170 C CE1 . TYR A 1 151 ? -1.447  7.383   4.960   1.00 21.29 ? 866 TYR A CE1 1 
ATOM   1171 C CE2 . TYR A 1 151 ? -1.099  7.438   7.341   1.00 21.24 ? 866 TYR A CE2 1 
ATOM   1172 C CZ  . TYR A 1 151 ? -1.865  7.753   6.232   1.00 20.92 ? 866 TYR A CZ  1 
ATOM   1173 O OH  . TYR A 1 151 ? -3.050  8.431   6.404   1.00 21.96 ? 866 TYR A OH  1 
ATOM   1174 N N   . GLY A 1 152 ? 4.803   5.096   6.552   1.00 20.15 ? 867 GLY A N   1 
ATOM   1175 C CA  . GLY A 1 152 ? 5.990   4.278   6.416   1.00 20.08 ? 867 GLY A CA  1 
ATOM   1176 C C   . GLY A 1 152 ? 6.990   4.419   7.545   1.00 22.39 ? 867 GLY A C   1 
ATOM   1177 O O   . GLY A 1 152 ? 6.806   5.211   8.473   1.00 19.19 ? 867 GLY A O   1 
ATOM   1178 N N   . LEU A 1 153 ? 8.066   3.649   7.448   1.00 23.09 ? 868 LEU A N   1 
ATOM   1179 C CA  . LEU A 1 153 ? 9.100   3.643   8.467   1.00 28.05 ? 868 LEU A CA  1 
ATOM   1180 C C   . LEU A 1 153 ? 10.368  4.321   7.985   1.00 30.95 ? 868 LEU A C   1 
ATOM   1181 O O   . LEU A 1 153 ? 10.936  3.946   6.961   1.00 31.19 ? 868 LEU A O   1 
ATOM   1182 C CB  . LEU A 1 153 ? 9.405   2.197   8.874   1.00 32.50 ? 868 LEU A CB  1 
ATOM   1183 C CG  . LEU A 1 153 ? 10.445  1.953   9.966   1.00 33.53 ? 868 LEU A CG  1 
ATOM   1184 C CD1 . LEU A 1 153 ? 10.026  2.651   11.253  1.00 34.83 ? 868 LEU A CD1 1 
ATOM   1185 C CD2 . LEU A 1 153 ? 10.581  0.455   10.193  1.00 33.40 ? 868 LEU A CD2 1 
ATOM   1186 N N   . GLN A 1 154 ? 10.805  5.326   8.735   1.00 39.27 ? 869 GLN A N   1 
ATOM   1187 C CA  . GLN A 1 154 ? 12.022  6.061   8.416   1.00 42.45 ? 869 GLN A CA  1 
ATOM   1188 C C   . GLN A 1 154 ? 13.130  5.627   9.371   1.00 43.50 ? 869 GLN A C   1 
ATOM   1189 O O   . GLN A 1 154 ? 13.379  6.273   10.389  1.00 44.86 ? 869 GLN A O   1 
ATOM   1190 C CB  . GLN A 1 154 ? 11.775  7.571   8.539   1.00 40.68 ? 869 GLN A CB  1 
ATOM   1191 C CG  . GLN A 1 154 ? 10.745  8.076   7.521   0.00 20.00 ? 869 GLN A CG  1 
ATOM   1192 C CD  . GLN A 1 154 ? 10.543  9.574   7.624   0.00 20.00 ? 869 GLN A CD  1 
ATOM   1193 O OE1 . GLN A 1 154 ? 11.179  10.242  8.437   0.00 20.00 ? 869 GLN A OE1 1 
ATOM   1194 N NE2 . GLN A 1 154 ? 9.707   10.308  6.895   0.00 20.00 ? 869 GLN A NE2 1 
ATOM   1195 N N   . ASP A 1 155 ? 13.775  4.516   9.033   1.00 40.33 ? 870 ASP A N   1 
ATOM   1196 C CA  . ASP A 1 155 ? 14.850  3.957   9.838   1.00 41.46 ? 870 ASP A CA  1 
ATOM   1197 C C   . ASP A 1 155 ? 15.981  4.946   10.114  1.00 42.42 ? 870 ASP A C   1 
ATOM   1198 O O   . ASP A 1 155 ? 16.495  4.929   11.252  1.00 42.70 ? 870 ASP A O   1 
ATOM   1199 C CB  . ASP A 1 155 ? 15.400  2.703   9.159   1.00 41.08 ? 870 ASP A CB  1 
ATOM   1200 C CG  . ASP A 1 155 ? 14.448  1.522   9.264   1.00 41.92 ? 870 ASP A CG  1 
ATOM   1201 O OD1 . ASP A 1 155 ? 14.487  0.639   8.382   1.00 41.73 ? 870 ASP A OD1 1 
ATOM   1202 O OD2 . ASP A 1 155 ? 13.666  1.473   10.237  1.00 40.68 ? 870 ASP A OD2 1 
ATOM   1203 O OXT . ASP A 1 155 ? 16.350  5.715   9.198   1.00 43.22 ? 870 ASP A OXT 1 
HETATM 1204 O O   . HOH B 2 .   ? -10.753 -9.009  -20.147 1.00 41.13 ? 1   HOH A O   1 
HETATM 1205 O O   . HOH B 2 .   ? 7.840   -2.119  1.895   1.00 13.87 ? 2   HOH A O   1 
HETATM 1206 O O   . HOH B 2 .   ? -3.731  -3.933  2.155   1.00 13.65 ? 3   HOH A O   1 
HETATM 1207 O O   . HOH B 2 .   ? -2.115  -5.469  -13.597 1.00 16.37 ? 4   HOH A O   1 
HETATM 1208 O O   . HOH B 2 .   ? 1.106   -6.683  -0.621  1.00 16.60 ? 5   HOH A O   1 
HETATM 1209 O O   . HOH B 2 .   ? -3.367  -5.506  -0.242  1.00 16.61 ? 6   HOH A O   1 
HETATM 1210 O O   . HOH B 2 .   ? 8.468   2.441   19.583  1.00 36.22 ? 7   HOH A O   1 
HETATM 1211 O O   . HOH B 2 .   ? 13.108  -4.084  5.280   1.00 24.35 ? 8   HOH A O   1 
HETATM 1212 O O   . HOH B 2 .   ? 9.253   -2.759  -8.978  1.00 20.36 ? 9   HOH A O   1 
HETATM 1213 O O   . HOH B 2 .   ? -2.165  -7.642  3.492   1.00 17.83 ? 10  HOH A O   1 
HETATM 1214 O O   . HOH B 2 .   ? 1.586   3.614   9.376   1.00 18.55 ? 11  HOH A O   1 
HETATM 1215 O O   . HOH B 2 .   ? 7.310   -8.532  16.349  1.00 25.93 ? 12  HOH A O   1 
HETATM 1216 O O   . HOH B 2 .   ? -3.783  -8.666  -10.940 1.00 30.34 ? 13  HOH A O   1 
HETATM 1217 O O   . HOH B 2 .   ? 7.136   -13.213 15.038  1.00 22.30 ? 14  HOH A O   1 
HETATM 1218 O O   . HOH B 2 .   ? -8.259  -3.244  7.013   1.00 28.34 ? 15  HOH A O   1 
HETATM 1219 O O   . HOH B 2 .   ? 6.960   4.346   -7.737  1.00 23.61 ? 16  HOH A O   1 
HETATM 1220 O O   . HOH B 2 .   ? 17.025  -13.758 11.147  1.00 26.36 ? 17  HOH A O   1 
HETATM 1221 O O   . HOH B 2 .   ? 12.994  -6.353  1.985   1.00 29.62 ? 18  HOH A O   1 
HETATM 1222 O O   . HOH B 2 .   ? -9.900  -5.937  -21.158 1.00 20.66 ? 19  HOH A O   1 
HETATM 1223 O O   . HOH B 2 .   ? 1.466   -8.993  1.188   1.00 22.39 ? 20  HOH A O   1 
HETATM 1224 O O   . HOH B 2 .   ? 2.281   -6.358  -3.882  1.00 22.32 ? 21  HOH A O   1 
HETATM 1225 O O   . HOH B 2 .   ? 13.831  -12.886 1.565   1.00 28.72 ? 22  HOH A O   1 
HETATM 1226 O O   . HOH B 2 .   ? 3.025   -10.797 14.383  1.00 24.51 ? 23  HOH A O   1 
HETATM 1227 O O   . HOH B 2 .   ? -7.431  -3.371  -20.206 1.00 25.30 ? 24  HOH A O   1 
HETATM 1228 O O   . HOH B 2 .   ? -5.376  -6.398  -1.730  1.00 20.03 ? 25  HOH A O   1 
HETATM 1229 O O   . HOH B 2 .   ? -8.738  -6.164  -4.855  1.00 26.95 ? 26  HOH A O   1 
HETATM 1230 O O   . HOH B 2 .   ? 20.719  -8.319  4.504   1.00 21.41 ? 27  HOH A O   1 
HETATM 1231 O O   . HOH B 2 .   ? -2.331  2.371   14.915  1.00 19.86 ? 28  HOH A O   1 
HETATM 1232 O O   . HOH B 2 .   ? 3.057   6.090   18.863  1.00 25.49 ? 29  HOH A O   1 
HETATM 1233 O O   . HOH B 2 .   ? 1.461   1.921   19.888  1.00 25.09 ? 30  HOH A O   1 
HETATM 1234 O O   . HOH B 2 .   ? -14.255 5.044   -3.759  1.00 29.27 ? 31  HOH A O   1 
HETATM 1235 O O   . HOH B 2 .   ? -15.524 -2.371  -21.606 1.00 20.66 ? 32  HOH A O   1 
HETATM 1236 O O   . HOH B 2 .   ? -2.420  -8.218  -13.016 1.00 16.37 ? 33  HOH A O   1 
HETATM 1237 O O   . HOH B 2 .   ? 21.150  -10.765 3.447   1.00 33.41 ? 34  HOH A O   1 
HETATM 1238 O O   . HOH B 2 .   ? 13.309  -1.327  10.770  1.00 23.52 ? 35  HOH A O   1 
HETATM 1239 O O   . HOH B 2 .   ? -5.396  7.618   8.254   1.00 23.42 ? 36  HOH A O   1 
HETATM 1240 O O   . HOH B 2 .   ? -7.540  11.417  -8.562  1.00 31.49 ? 37  HOH A O   1 
HETATM 1241 O O   . HOH B 2 .   ? 4.128   -7.780  -2.607  1.00 27.17 ? 38  HOH A O   1 
HETATM 1242 O O   . HOH B 2 .   ? 5.771   -5.102  -14.369 1.00 29.21 ? 39  HOH A O   1 
HETATM 1243 O O   . HOH B 2 .   ? 2.206   -12.840 4.502   1.00 27.02 ? 40  HOH A O   1 
HETATM 1244 O O   . HOH B 2 .   ? -12.004 -6.669  -7.616  1.00 41.34 ? 41  HOH A O   1 
HETATM 1245 O O   . HOH B 2 .   ? -4.555  11.127  -12.685 1.00 25.60 ? 42  HOH A O   1 
HETATM 1246 O O   . HOH B 2 .   ? -8.458  -9.174  -13.079 1.00 30.28 ? 43  HOH A O   1 
HETATM 1247 O O   . HOH B 2 .   ? 3.215   -0.284  20.293  1.00 28.29 ? 44  HOH A O   1 
HETATM 1248 O O   . HOH B 2 .   ? 8.019   3.060   16.799  1.00 26.30 ? 45  HOH A O   1 
HETATM 1249 O O   . HOH B 2 .   ? 15.890  -16.767 3.195   1.00 30.48 ? 46  HOH A O   1 
HETATM 1250 O O   . HOH B 2 .   ? 11.889  -18.314 14.240  1.00 31.25 ? 47  HOH A O   1 
HETATM 1251 O O   . HOH B 2 .   ? 11.146  -6.776  -3.176  1.00 33.46 ? 48  HOH A O   1 
HETATM 1252 O O   . HOH B 2 .   ? 0.853   12.778  -7.755  1.00 28.16 ? 49  HOH A O   1 
HETATM 1253 O O   . HOH B 2 .   ? 12.145  3.475   3.519   1.00 36.46 ? 50  HOH A O   1 
HETATM 1254 O O   . HOH B 2 .   ? -1.737  -8.632  -4.124  1.00 30.34 ? 51  HOH A O   1 
HETATM 1255 O O   . HOH B 2 .   ? 3.044   -2.109  -14.579 1.00 29.26 ? 52  HOH A O   1 
HETATM 1256 O O   . HOH B 2 .   ? -26.523 0.351   -19.269 1.00 29.84 ? 53  HOH A O   1 
HETATM 1257 O O   . HOH B 2 .   ? -11.743 8.693   -11.620 1.00 38.22 ? 54  HOH A O   1 
HETATM 1258 O O   . HOH B 2 .   ? -17.227 0.305   -15.204 1.00 26.82 ? 55  HOH A O   1 
HETATM 1259 O O   . HOH B 2 .   ? 9.131   6.597   11.000  1.00 36.96 ? 56  HOH A O   1 
HETATM 1260 O O   . HOH B 2 .   ? -1.307  1.779   -18.642 1.00 32.99 ? 57  HOH A O   1 
HETATM 1261 O O   . HOH B 2 .   ? 16.055  7.768   11.055  1.00 41.04 ? 58  HOH A O   1 
HETATM 1262 O O   . HOH B 2 .   ? -4.579  -7.744  4.575   1.00 28.34 ? 59  HOH A O   1 
HETATM 1263 O O   . HOH B 2 .   ? 16.492  -1.921  11.908  1.00 38.08 ? 60  HOH A O   1 
HETATM 1264 O O   . HOH B 2 .   ? -25.242 9.331   -16.659 1.00 35.86 ? 61  HOH A O   1 
HETATM 1265 O O   . HOH B 2 .   ? 14.922  7.105   7.046   1.00 40.91 ? 62  HOH A O   1 
HETATM 1266 O O   . HOH B 2 .   ? -6.908  2.375   -19.847 1.00 36.67 ? 63  HOH A O   1 
HETATM 1267 O O   . HOH B 2 .   ? 1.627   -4.689  17.517  1.00 35.38 ? 64  HOH A O   1 
HETATM 1268 O O   . HOH B 2 .   ? 22.531  -11.702 11.543  1.00 36.49 ? 65  HOH A O   1 
HETATM 1269 O O   . HOH B 2 .   ? 7.159   6.622   -1.859  1.00 32.06 ? 66  HOH A O   1 
HETATM 1270 O O   . HOH B 2 .   ? -11.868 8.994   4.946   1.00 42.98 ? 67  HOH A O   1 
HETATM 1271 O O   . HOH B 2 .   ? -5.938  9.857   11.444  1.00 48.89 ? 68  HOH A O   1 
HETATM 1272 O O   . HOH B 2 .   ? -10.114 5.957   -18.616 1.00 30.28 ? 69  HOH A O   1 
HETATM 1273 O O   . HOH B 2 .   ? 6.640   -9.444  22.250  1.00 44.97 ? 70  HOH A O   1 
HETATM 1274 O O   . HOH B 2 .   ? 8.373   -5.465  -8.268  1.00 27.73 ? 71  HOH A O   1 
HETATM 1275 O O   . HOH B 2 .   ? 0.931   10.407  8.303   1.00 36.16 ? 72  HOH A O   1 
HETATM 1276 O O   . HOH B 2 .   ? 0.844   10.446  0.447   1.00 30.71 ? 73  HOH A O   1 
HETATM 1277 O O   . HOH B 2 .   ? 5.410   -8.610  19.509  1.00 34.41 ? 74  HOH A O   1 
HETATM 1278 O O   . HOH B 2 .   ? 20.317  0.333   7.374   1.00 42.04 ? 75  HOH A O   1 
HETATM 1279 O O   . HOH B 2 .   ? -11.244 0.522   1.966   1.00 27.36 ? 76  HOH A O   1 
HETATM 1280 O O   . HOH B 2 .   ? -19.725 8.788   -22.969 1.00 38.37 ? 77  HOH A O   1 
HETATM 1281 O O   . HOH B 2 .   ? -13.283 7.488   2.557   1.00 35.73 ? 78  HOH A O   1 
HETATM 1282 O O   . HOH B 2 .   ? -23.817 2.469   -17.202 1.00 36.40 ? 79  HOH A O   1 
HETATM 1283 O O   . HOH B 2 .   ? -22.083 0.807   -15.575 1.00 33.57 ? 80  HOH A O   1 
HETATM 1284 O O   . HOH B 2 .   ? -0.967  12.296  13.023  1.00 42.04 ? 81  HOH A O   1 
HETATM 1285 O O   . HOH B 2 .   ? 6.881   7.442   -9.860  1.00 38.75 ? 82  HOH A O   1 
HETATM 1286 O O   . HOH B 2 .   ? 2.591   9.510   -16.966 1.00 46.94 ? 83  HOH A O   1 
HETATM 1287 O O   . HOH B 2 .   ? -10.925 16.761  2.294   1.00 45.19 ? 84  HOH A O   1 
HETATM 1288 O O   . HOH B 2 .   ? 3.502   -11.222 17.894  1.00 40.85 ? 85  HOH A O   1 
HETATM 1289 O O   . HOH B 2 .   ? 8.075   0.939   -17.562 1.00 45.00 ? 86  HOH A O   1 
HETATM 1290 O O   . HOH B 2 .   ? -14.815 -5.160  -10.589 1.00 41.54 ? 87  HOH A O   1 
HETATM 1291 O O   . HOH B 2 .   ? 0.776   -15.504 7.073   1.00 33.39 ? 88  HOH A O   1 
HETATM 1292 O O   . HOH B 2 .   ? 1.770   -13.824 11.268  1.00 21.74 ? 89  HOH A O   1 
HETATM 1293 O O   . HOH B 2 .   ? 6.368   -10.522 14.908  1.00 38.25 ? 90  HOH A O   1 
HETATM 1294 O O   . HOH B 2 .   ? -4.064  -8.597  -2.782  1.00 30.34 ? 91  HOH A O   1 
HETATM 1295 O O   . HOH B 2 .   ? 7.053   5.803   16.913  1.00 33.72 ? 92  HOH A O   1 
HETATM 1296 O O   . HOH B 2 .   ? 0.050   -4.765  -15.181 1.00 29.26 ? 93  HOH A O   1 
HETATM 1297 O O   . HOH B 2 .   ? 4.036   7.511   -16.569 1.00 32.99 ? 94  HOH A O   1 
HETATM 1298 O O   . HOH B 2 .   ? 0.807   -2.072  -16.016 1.00 29.26 ? 95  HOH A O   1 
HETATM 1299 O O   . HOH B 2 .   ? 1.708   -1.059  -18.997 1.00 29.26 ? 96  HOH A O   1 
HETATM 1300 O O   . HOH B 2 .   ? -0.037  12.868  -0.209  1.00 30.71 ? 97  HOH A O   1 
# 
